data_6ZUE
#
_entry.id   6ZUE
#
_cell.length_a   117.384
_cell.length_b   153.626
_cell.length_c   223.156
_cell.angle_alpha   90.000
_cell.angle_beta   90.000
_cell.angle_gamma   90.000
#
_symmetry.space_group_name_H-M   'I 2 2 2'
#
loop_
_entity.id
_entity.type
_entity.pdbx_description
1 polymer 'DNA damage-binding protein 1'
2 polymer 'DDB1- and CUL4-associated factor 1'
3 water water
#
loop_
_entity_poly.entity_id
_entity_poly.type
_entity_poly.pdbx_seq_one_letter_code
_entity_poly.pdbx_strand_id
1 'polypeptide(L)'
;GSMSYNYVVTAQKPTAVNGCVTGHFTSAEDLNLLIAKNTRLEIYVVTAEGLRPVKEVGMYGKIAVMELFRPKGESKDLLF
ILTAKYNACILEYKQSGESIDIITRAHGNVQDRIGRPSETGIIGIIDPECRMIGLRLYDGLFKVIPLDRDNKELKAFNIR
LEELHVIDVKFLYGCQAPTICFVYQDPQGRHVKTYEVSLREKEFNKGPWKQENVEAEASMVIAVPEPFGGAIIIGQESIT
YHNGDKYLAIAPPIIKQSTIVCHNRVDPNGSRYLLGDMEGRLFMLLLEKEEQMDGTVTLKDLRVELLGETSIAECLTYLD
NGVVFVGSRLGDSQLVKLNVDSNEQGSYVVAMETFTNLGPIVDMCVVDLERQGQGQLVTCSGAFKEGSLRIIRNGIGIHE
HASIDLPGIKGLWPLRSDPNRETDDTLVLSFVGQTRVLMLNGEEVEETELMGFVDDQQTFFCGNVAHQQLIQITSASVRL
VSQEPKALVSEWKEPQAKNISVASCNSSQVVVAVGRALYYLQIHPQELRQISHTEMEHEVACLDITPLGDSNGLSPLCAI
GLWTDISARILKLPSFELLHKEMLGGEIIPRSILMTTFESSHYLLCALGDGALFYFGLNIETGLLSDRKKVTLGTQPTVL
RTFRSLSTTNVFACSDRPTVIYSSNHKLVFSNVNLKEVNYMCPLNSDGYPDSLALANNSTLTIGTIDEIQKLHIRTVPLY
ESPRKICYQEVSQCFGVLSSRIEVQDTSGGTTALRPSASTQALSSSVSSSKLFSSSTAPHETSFGEEVEVHNLLIIDQHT
FEVLHAHQFLQNEYALSLVSCKLGKDPNTYFIVGTAMVYPEEAEPKQGRIVVFQYSDGKLQTVAEKEVKGAVYSMVEFNG
KLLASINSTVRLYEWTTEKELRTECNHYNNIMALYLKTKGDFILVGDLMRSVLLLAYKPMEGNFEEIARDFNPNWMSAVE
ILDDDNFLGAENAFNLFVCQKDSAATTDEERQHLQEVGLFHLGEFVNVFCHGSLVMQNLGETSTPTQGSVLFGTVNGMIG
LVTSLSESWYNLLLDMQNRLNKVIKSVGKIEHSFWRSFHTERKTEPATGFIDGDLIESFLDISRPKMQEVVANLQYDDGS
GMKREATADDLIKVVEELTRIH
;
A
2 'polypeptide(L)'
;MAPINFTSRLNRRASFPKYGGVDGGCFDRHLIFSRFRPISVFREANEDESGFTCCAFSARERFLMLGTCTGQLKLYNVFS
GQEEASYNCHNSAITHLEPSRDGSLLLTSATWSQPLSALWGMKSVFDMKHSFTEDHYVEFSKHSQDRVIGTKGDIAHIYD
IQTGNKLLTLFNPDLANNYKRNCATFNPTDDLVLNDGVLWDVRSAQAIHKFDKFNMNISGVFHPNGLEVIINTEIWDLRT
FHLLHTVPALDQCRVVFNHTGTVMYGAMLQADDEDDLMEERMKSPFGSSFRTFNATDYKPIATIDVKRNIFDLCTDTKDC
YLAVIENQGSMDALNMDTVCRLYEVGRQRLAEELALVPRGSSAHHHHHHHHHH
;
B
#
# COMPACT_ATOMS: atom_id res chain seq x y z
N MET A 3 -2.85 4.33 -25.50
CA MET A 3 -4.18 3.80 -25.75
C MET A 3 -4.76 3.15 -24.49
N SER A 4 -4.07 3.32 -23.38
CA SER A 4 -4.55 2.87 -22.08
C SER A 4 -4.90 4.07 -21.21
N TYR A 5 -6.03 3.99 -20.53
CA TYR A 5 -6.54 5.12 -19.75
C TYR A 5 -7.16 4.55 -18.47
N ASN A 6 -6.61 4.92 -17.32
CA ASN A 6 -7.01 4.32 -16.06
C ASN A 6 -7.05 5.36 -14.94
N TYR A 7 -7.74 4.99 -13.86
CA TYR A 7 -8.03 5.88 -12.75
C TYR A 7 -7.85 5.10 -11.45
N VAL A 8 -7.04 5.62 -10.54
CA VAL A 8 -6.71 4.93 -9.29
C VAL A 8 -7.09 5.83 -8.13
N VAL A 9 -7.91 5.32 -7.21
CA VAL A 9 -8.36 6.11 -6.08
C VAL A 9 -8.38 5.24 -4.83
N THR A 10 -8.26 5.88 -3.68
CA THR A 10 -8.19 5.19 -2.40
C THR A 10 -9.58 4.98 -1.82
N ALA A 11 -9.90 3.72 -1.51
CA ALA A 11 -11.15 3.40 -0.83
C ALA A 11 -11.00 3.40 0.67
N GLN A 12 -9.90 2.86 1.19
CA GLN A 12 -9.60 2.90 2.63
C GLN A 12 -8.14 3.28 2.80
N LYS A 13 -7.90 4.43 3.45
CA LYS A 13 -6.55 4.83 3.83
C LYS A 13 -5.90 3.74 4.67
N PRO A 14 -4.57 3.62 4.61
CA PRO A 14 -3.90 2.52 5.34
C PRO A 14 -4.08 2.64 6.85
N THR A 15 -4.15 1.48 7.50
CA THR A 15 -4.40 1.45 8.94
C THR A 15 -3.17 1.09 9.75
N ALA A 16 -2.28 0.26 9.22
CA ALA A 16 -1.14 -0.24 9.98
C ALA A 16 -0.24 0.91 10.44
N VAL A 17 0.37 0.73 11.62
CA VAL A 17 1.27 1.71 12.20
C VAL A 17 2.70 1.30 11.85
N ASN A 18 3.46 2.24 11.29
CA ASN A 18 4.82 1.95 10.84
C ASN A 18 5.89 2.55 11.74
N GLY A 19 5.62 3.69 12.35
CA GLY A 19 6.51 4.27 13.34
C GLY A 19 5.76 5.34 14.11
N CYS A 20 6.10 5.54 15.39
CA CYS A 20 5.41 6.56 16.17
C CYS A 20 6.35 7.13 17.22
N VAL A 21 6.29 8.45 17.38
CA VAL A 21 7.16 9.17 18.31
C VAL A 21 6.31 10.13 19.13
N THR A 22 6.78 10.43 20.34
CA THR A 22 6.10 11.32 21.26
C THR A 22 6.98 12.54 21.57
N GLY A 23 6.34 13.68 21.78
CA GLY A 23 7.10 14.89 22.01
C GLY A 23 6.21 16.11 22.23
N HIS A 24 6.88 17.25 22.38
CA HIS A 24 6.22 18.54 22.60
C HIS A 24 6.21 19.33 21.29
N PHE A 25 5.33 18.92 20.38
CA PHE A 25 5.42 19.45 19.02
C PHE A 25 4.52 20.66 18.79
N THR A 26 3.27 20.60 19.26
CA THR A 26 2.34 21.71 19.02
C THR A 26 2.69 22.93 19.88
N SER A 27 3.21 22.69 21.07
CA SER A 27 3.69 23.75 21.94
C SER A 27 4.40 23.10 23.10
N ALA A 28 5.26 23.88 23.75
CA ALA A 28 6.08 23.35 24.84
C ALA A 28 5.24 22.99 26.07
N GLU A 29 3.96 23.32 26.06
CA GLU A 29 3.10 23.11 27.22
C GLU A 29 2.37 21.77 27.16
N ASP A 30 1.67 21.51 26.06
CA ASP A 30 0.93 20.26 25.93
C ASP A 30 1.80 19.15 25.32
N LEU A 31 1.39 17.92 25.60
CA LEU A 31 2.10 16.72 25.17
C LEU A 31 1.46 16.16 23.90
N ASN A 32 2.29 15.86 22.90
CA ASN A 32 1.82 15.34 21.64
C ASN A 32 2.22 13.88 21.47
N LEU A 33 1.37 13.14 20.76
CA LEU A 33 1.70 11.82 20.23
C LEU A 33 1.58 11.86 18.72
N LEU A 34 2.65 11.48 18.03
CA LEU A 34 2.66 11.42 16.58
C LEU A 34 2.68 9.97 16.13
N ILE A 35 1.83 9.65 15.16
CA ILE A 35 1.73 8.30 14.60
C ILE A 35 1.94 8.39 13.10
N ALA A 36 2.84 7.56 12.57
CA ALA A 36 3.18 7.54 11.15
C ALA A 36 2.65 6.27 10.51
N LYS A 37 1.51 6.38 9.84
CA LYS A 37 1.00 5.33 8.97
C LYS A 37 1.75 5.46 7.65
N ASN A 38 1.34 4.77 6.59
CA ASN A 38 2.19 4.69 5.40
C ASN A 38 2.55 6.05 4.82
N THR A 39 1.57 6.76 4.27
CA THR A 39 1.78 8.08 3.69
C THR A 39 1.16 9.19 4.53
N ARG A 40 0.52 8.85 5.65
CA ARG A 40 -0.19 9.82 6.46
C ARG A 40 0.46 9.87 7.83
N LEU A 41 0.50 11.05 8.44
CA LEU A 41 0.87 11.17 9.84
C LEU A 41 -0.28 11.79 10.62
N GLU A 42 -0.48 11.27 11.82
CA GLU A 42 -1.59 11.68 12.67
C GLU A 42 -1.00 12.33 13.91
N ILE A 43 -1.42 13.55 14.20
CA ILE A 43 -0.93 14.31 15.35
C ILE A 43 -2.02 14.32 16.42
N TYR A 44 -1.61 14.07 17.66
CA TYR A 44 -2.53 13.95 18.78
C TYR A 44 -2.01 14.75 19.95
N VAL A 45 -2.91 15.03 20.90
CA VAL A 45 -2.58 15.67 22.16
C VAL A 45 -2.98 14.71 23.28
N VAL A 46 -2.02 14.35 24.11
CA VAL A 46 -2.27 13.40 25.20
C VAL A 46 -2.90 14.15 26.37
N THR A 47 -3.97 13.58 26.92
CA THR A 47 -4.68 14.17 28.05
C THR A 47 -5.00 13.10 29.08
N ALA A 48 -5.87 13.44 30.04
CA ALA A 48 -6.32 12.45 31.00
C ALA A 48 -7.35 11.50 30.38
N GLU A 49 -8.27 12.05 29.58
CA GLU A 49 -9.31 11.22 28.97
C GLU A 49 -8.74 10.27 27.92
N GLY A 50 -7.66 10.67 27.23
CA GLY A 50 -7.09 9.86 26.18
C GLY A 50 -6.30 10.66 25.16
N LEU A 51 -6.59 10.47 23.88
CA LEU A 51 -5.91 11.16 22.80
C LEU A 51 -6.86 12.09 22.06
N ARG A 52 -6.43 13.31 21.83
CA ARG A 52 -7.25 14.31 21.15
C ARG A 52 -6.63 14.69 19.82
N PRO A 53 -7.19 14.25 18.69
CA PRO A 53 -6.59 14.57 17.39
C PRO A 53 -6.71 16.05 17.04
N VAL A 54 -5.64 16.59 16.45
CA VAL A 54 -5.59 18.00 16.09
C VAL A 54 -5.42 18.19 14.58
N LYS A 55 -4.60 17.38 13.94
CA LYS A 55 -4.28 17.61 12.54
C LYS A 55 -3.80 16.30 11.92
N GLU A 56 -4.20 16.06 10.67
CA GLU A 56 -3.95 14.80 9.99
C GLU A 56 -3.57 15.12 8.56
N VAL A 57 -2.33 14.81 8.20
CA VAL A 57 -1.68 15.35 7.01
C VAL A 57 -1.14 14.21 6.16
N GLY A 58 -1.28 14.35 4.85
CA GLY A 58 -0.73 13.40 3.90
C GLY A 58 0.50 13.98 3.22
N MET A 59 1.50 13.13 3.02
CA MET A 59 2.74 13.54 2.37
C MET A 59 2.93 12.81 1.06
N TYR A 60 3.79 13.39 0.22
CA TYR A 60 4.16 12.80 -1.06
C TYR A 60 5.40 11.94 -0.87
N GLY A 61 5.17 10.79 -0.25
CA GLY A 61 6.24 9.90 0.14
C GLY A 61 5.78 9.08 1.33
N LYS A 62 6.45 7.94 1.52
CA LYS A 62 6.20 7.16 2.72
C LYS A 62 7.26 7.45 3.78
N ILE A 63 6.82 7.59 5.01
CA ILE A 63 7.69 8.00 6.11
C ILE A 63 8.60 6.83 6.50
N ALA A 64 9.91 7.05 6.39
CA ALA A 64 10.88 6.04 6.78
C ALA A 64 11.61 6.37 8.07
N VAL A 65 11.79 7.66 8.36
CA VAL A 65 12.41 8.13 9.59
C VAL A 65 11.58 9.29 10.10
N MET A 66 11.31 9.31 11.39
CA MET A 66 10.48 10.36 11.98
C MET A 66 11.01 10.64 13.37
N GLU A 67 11.70 11.76 13.53
CA GLU A 67 12.32 12.13 14.80
C GLU A 67 11.93 13.55 15.18
N LEU A 68 11.65 13.76 16.47
CA LEU A 68 11.43 15.10 17.00
C LEU A 68 12.66 15.56 17.79
N PHE A 69 12.97 16.85 17.67
CA PHE A 69 14.13 17.40 18.34
C PHE A 69 13.89 18.89 18.57
N ARG A 70 14.35 19.41 19.71
CA ARG A 70 14.37 20.85 19.91
C ARG A 70 15.81 21.34 19.84
N PRO A 71 16.21 22.02 18.77
CA PRO A 71 17.55 22.63 18.74
C PRO A 71 17.64 23.81 19.70
N LYS A 72 18.81 24.41 19.81
CA LYS A 72 19.02 25.47 20.79
C LYS A 72 18.28 26.74 20.38
N GLY A 73 17.64 27.38 21.35
CA GLY A 73 16.94 28.64 21.12
C GLY A 73 15.70 28.54 20.27
N GLU A 74 15.13 27.35 20.13
CA GLU A 74 13.92 27.16 19.36
C GLU A 74 12.74 27.10 20.32
N SER A 75 11.61 27.68 19.91
CA SER A 75 10.48 27.85 20.81
C SER A 75 9.80 26.53 21.18
N LYS A 76 9.92 25.51 20.34
CA LYS A 76 9.30 24.21 20.59
C LYS A 76 9.92 23.20 19.64
N ASP A 77 9.55 21.93 19.82
CA ASP A 77 10.19 20.84 19.08
C ASP A 77 10.02 21.01 17.58
N LEU A 78 10.98 20.48 16.84
CA LEU A 78 10.91 20.43 15.39
C LEU A 78 10.86 18.97 14.94
N LEU A 79 10.18 18.74 13.83
CA LEU A 79 10.07 17.40 13.26
C LEU A 79 11.08 17.21 12.14
N PHE A 80 11.69 16.03 12.11
CA PHE A 80 12.49 15.58 10.97
C PHE A 80 11.87 14.34 10.36
N ILE A 81 11.72 14.35 9.04
CA ILE A 81 11.21 13.21 8.30
C ILE A 81 12.08 12.95 7.09
N LEU A 82 12.37 11.66 6.84
CA LEU A 82 12.96 11.20 5.60
C LEU A 82 11.99 10.22 4.96
N THR A 83 11.77 10.36 3.67
CA THR A 83 10.88 9.44 2.97
C THR A 83 11.68 8.33 2.28
N ALA A 84 10.96 7.41 1.63
CA ALA A 84 11.63 6.27 1.01
C ALA A 84 12.49 6.69 -0.17
N LYS A 85 12.04 7.68 -0.94
CA LYS A 85 12.83 8.22 -2.05
C LYS A 85 13.81 9.30 -1.58
N TYR A 86 14.13 9.30 -0.28
CA TYR A 86 15.26 10.05 0.27
C TYR A 86 15.01 11.55 0.33
N ASN A 87 13.75 11.97 0.37
CA ASN A 87 13.43 13.38 0.64
C ASN A 87 13.52 13.64 2.13
N ALA A 88 14.40 14.56 2.51
CA ALA A 88 14.50 15.00 3.89
C ALA A 88 13.73 16.31 4.07
N CYS A 89 13.28 16.54 5.30
CA CYS A 89 12.56 17.77 5.61
C CYS A 89 12.58 18.02 7.11
N ILE A 90 12.42 19.29 7.48
CA ILE A 90 12.29 19.72 8.87
C ILE A 90 11.04 20.57 9.00
N LEU A 91 10.12 20.15 9.86
CA LEU A 91 8.80 20.74 9.91
C LEU A 91 8.55 21.45 11.24
N GLU A 92 7.77 22.53 11.17
CA GLU A 92 7.35 23.30 12.32
C GLU A 92 5.82 23.38 12.31
N TYR A 93 5.25 23.58 13.48
CA TYR A 93 3.81 23.61 13.67
C TYR A 93 3.38 25.05 13.94
N LYS A 94 2.64 25.65 13.01
CA LYS A 94 2.05 26.96 13.24
C LYS A 94 0.55 26.85 13.44
N GLN A 95 0.04 27.55 14.44
CA GLN A 95 -1.38 27.63 14.74
C GLN A 95 -1.66 29.03 15.26
N SER A 96 -2.51 29.77 14.56
CA SER A 96 -2.88 31.11 15.02
C SER A 96 -4.25 31.12 15.71
N GLY A 97 -5.30 30.74 14.99
CA GLY A 97 -6.61 30.58 15.58
C GLY A 97 -7.16 29.19 15.33
N GLU A 98 -8.14 29.11 14.44
CA GLU A 98 -8.61 27.85 13.88
C GLU A 98 -7.79 27.41 12.67
N SER A 99 -6.75 28.17 12.32
CA SER A 99 -5.91 27.87 11.17
C SER A 99 -4.73 27.02 11.62
N ILE A 100 -4.61 25.81 11.05
CA ILE A 100 -3.51 24.91 11.34
C ILE A 100 -2.84 24.53 10.03
N ASP A 101 -1.57 24.90 9.88
CA ASP A 101 -0.77 24.57 8.71
C ASP A 101 0.62 24.14 9.15
N ILE A 102 1.17 23.15 8.45
CA ILE A 102 2.49 22.61 8.76
C ILE A 102 3.54 23.31 7.91
N ILE A 103 4.43 24.05 8.54
CA ILE A 103 5.40 24.88 7.83
C ILE A 103 6.75 24.18 7.76
N THR A 104 7.46 24.38 6.65
CA THR A 104 8.69 23.67 6.33
C THR A 104 9.88 24.60 6.47
N ARG A 105 10.78 24.27 7.41
CA ARG A 105 12.03 25.02 7.53
C ARG A 105 12.98 24.73 6.37
N ALA A 106 13.41 23.48 6.25
CA ALA A 106 14.39 23.10 5.25
C ALA A 106 13.96 21.80 4.61
N HIS A 107 14.55 21.50 3.46
CA HIS A 107 14.24 20.28 2.74
C HIS A 107 15.38 20.03 1.75
N GLY A 108 15.24 18.98 0.97
CA GLY A 108 16.23 18.59 -0.01
C GLY A 108 16.32 17.08 -0.13
N ASN A 109 16.78 16.63 -1.29
CA ASN A 109 16.93 15.21 -1.59
C ASN A 109 18.37 14.79 -1.32
N VAL A 110 18.54 13.65 -0.67
CA VAL A 110 19.88 13.21 -0.30
C VAL A 110 20.18 11.86 -0.94
N GLN A 111 19.51 11.56 -2.04
CA GLN A 111 19.83 10.36 -2.80
C GLN A 111 21.24 10.48 -3.36
N ASP A 112 22.04 9.40 -3.20
CA ASP A 112 23.34 9.31 -3.85
C ASP A 112 23.20 8.86 -5.29
N ARG A 113 24.08 9.38 -6.15
CA ARG A 113 23.98 9.13 -7.59
C ARG A 113 24.27 7.68 -7.94
N ILE A 114 25.10 7.01 -7.15
CA ILE A 114 25.57 5.67 -7.47
C ILE A 114 25.49 4.80 -6.21
N GLY A 115 25.07 3.55 -6.40
CA GLY A 115 24.97 2.63 -5.28
C GLY A 115 23.65 1.90 -5.16
N ARG A 116 23.65 0.81 -4.41
CA ARG A 116 22.49 -0.01 -4.18
C ARG A 116 22.00 0.16 -2.74
N PRO A 117 20.71 0.42 -2.52
CA PRO A 117 20.20 0.58 -1.16
C PRO A 117 20.44 -0.65 -0.32
N SER A 118 20.82 -0.44 0.94
CA SER A 118 21.05 -1.57 1.84
C SER A 118 19.81 -2.45 1.91
N GLU A 119 20.02 -3.77 1.89
CA GLU A 119 18.87 -4.66 2.04
C GLU A 119 18.36 -4.68 3.46
N THR A 120 19.22 -4.42 4.45
CA THR A 120 18.71 -4.40 5.83
C THR A 120 17.74 -3.26 6.08
N GLY A 121 17.88 -2.13 5.38
CA GLY A 121 16.91 -1.06 5.45
C GLY A 121 17.53 0.25 5.88
N ILE A 122 16.66 1.29 5.91
CA ILE A 122 17.05 2.65 6.23
C ILE A 122 17.08 2.85 7.74
N ILE A 123 18.15 3.45 8.24
CA ILE A 123 18.30 3.73 9.67
C ILE A 123 18.56 5.21 9.86
N GLY A 124 17.74 5.85 10.70
CA GLY A 124 17.85 7.27 10.96
C GLY A 124 17.96 7.58 12.43
N ILE A 125 19.00 8.32 12.81
CA ILE A 125 19.24 8.70 14.20
C ILE A 125 19.76 10.13 14.27
N ILE A 126 19.62 10.73 15.46
CA ILE A 126 20.05 12.10 15.77
C ILE A 126 20.79 12.10 17.10
N ASP A 127 21.89 12.85 17.16
CA ASP A 127 22.64 12.92 18.41
C ASP A 127 21.94 13.82 19.42
N PRO A 128 22.28 13.69 20.71
CA PRO A 128 21.66 14.58 21.72
C PRO A 128 22.02 16.03 21.54
N GLU A 129 23.22 16.31 21.06
CA GLU A 129 23.71 17.68 20.91
C GLU A 129 22.97 18.46 19.83
N CYS A 130 22.15 17.80 19.02
CA CYS A 130 21.47 18.41 17.87
C CYS A 130 22.47 19.00 16.88
N ARG A 131 23.60 18.31 16.71
CA ARG A 131 24.62 18.73 15.75
C ARG A 131 24.34 18.22 14.33
N MET A 132 23.95 16.96 14.21
CA MET A 132 23.87 16.34 12.91
C MET A 132 22.77 15.29 12.90
N ILE A 133 22.45 14.81 11.72
CA ILE A 133 21.57 13.67 11.52
C ILE A 133 22.37 12.54 10.89
N GLY A 134 22.27 11.35 11.46
CA GLY A 134 23.00 10.19 10.98
C GLY A 134 22.09 9.24 10.22
N LEU A 135 22.50 8.89 9.01
CA LEU A 135 21.73 8.05 8.11
C LEU A 135 22.57 6.87 7.61
N ARG A 136 21.99 5.69 7.65
CA ARG A 136 22.54 4.52 6.99
C ARG A 136 21.61 4.25 5.82
N LEU A 137 21.99 4.71 4.63
CA LEU A 137 21.19 4.50 3.43
C LEU A 137 21.75 3.40 2.55
N TYR A 138 23.06 3.38 2.36
CA TYR A 138 23.74 2.44 1.48
C TYR A 138 24.79 1.67 2.27
N ASP A 139 25.09 0.46 1.83
CA ASP A 139 26.08 -0.35 2.53
C ASP A 139 27.47 0.25 2.40
N GLY A 140 28.22 0.22 3.50
CA GLY A 140 29.60 0.69 3.51
C GLY A 140 29.77 2.19 3.59
N LEU A 141 28.70 2.95 3.86
CA LEU A 141 28.77 4.41 3.96
C LEU A 141 27.95 4.90 5.15
N PHE A 142 28.27 6.11 5.60
CA PHE A 142 27.58 6.73 6.73
C PHE A 142 27.31 8.19 6.37
N LYS A 143 26.06 8.51 6.08
CA LYS A 143 25.68 9.84 5.63
C LYS A 143 25.32 10.75 6.80
N VAL A 144 25.79 11.99 6.73
CA VAL A 144 25.69 12.96 7.81
C VAL A 144 25.06 14.23 7.28
N ILE A 145 24.07 14.75 8.00
CA ILE A 145 23.45 16.02 7.62
C ILE A 145 23.67 17.06 8.72
N PRO A 146 24.59 18.00 8.54
CA PRO A 146 24.80 19.03 9.57
C PRO A 146 23.53 19.81 9.84
N LEU A 147 23.40 20.27 11.08
CA LEU A 147 22.17 20.93 11.55
C LEU A 147 22.39 22.38 11.96
N ASP A 148 23.47 23.01 11.52
CA ASP A 148 23.62 24.44 11.79
C ASP A 148 22.53 25.22 11.06
N ARG A 149 22.12 26.34 11.65
CA ARG A 149 20.95 27.06 11.17
C ARG A 149 21.07 27.50 9.72
N ASP A 150 22.29 27.55 9.19
CA ASP A 150 22.51 27.98 7.82
C ASP A 150 22.36 26.85 6.80
N ASN A 151 22.14 25.62 7.23
CA ASN A 151 22.00 24.49 6.31
C ASN A 151 20.53 24.30 5.91
N LYS A 152 20.01 25.31 5.21
CA LYS A 152 18.60 25.34 4.84
C LYS A 152 18.27 24.48 3.63
N GLU A 153 19.25 23.78 3.06
CA GLU A 153 19.01 22.85 1.96
C GLU A 153 19.31 21.41 2.33
N LEU A 154 19.83 21.14 3.52
CA LEU A 154 20.15 19.79 3.98
C LEU A 154 21.16 19.11 3.07
N LYS A 155 22.33 19.74 2.95
CA LYS A 155 23.44 19.14 2.21
C LYS A 155 24.15 18.10 3.07
N ALA A 156 24.38 16.93 2.49
CA ALA A 156 24.97 15.82 3.23
C ALA A 156 26.34 15.46 2.69
N PHE A 157 27.10 14.76 3.51
CA PHE A 157 28.35 14.16 3.08
C PHE A 157 28.43 12.74 3.61
N ASN A 158 29.28 11.94 2.97
CA ASN A 158 29.41 10.54 3.32
C ASN A 158 30.74 10.29 4.00
N ILE A 159 30.83 9.15 4.69
CA ILE A 159 32.03 8.68 5.35
C ILE A 159 32.16 7.19 5.08
N ARG A 160 33.35 6.78 4.62
CA ARG A 160 33.56 5.38 4.29
C ARG A 160 33.48 4.52 5.56
N LEU A 161 32.53 3.62 5.59
CA LEU A 161 32.33 2.73 6.73
C LEU A 161 32.74 1.33 6.32
N GLU A 162 33.89 0.87 6.81
CA GLU A 162 34.45 -0.39 6.33
C GLU A 162 33.55 -1.56 6.71
N GLU A 163 33.00 -1.54 7.92
CA GLU A 163 32.05 -2.55 8.33
C GLU A 163 30.81 -2.50 7.45
N LEU A 164 30.51 -3.60 6.78
CA LEU A 164 29.49 -3.57 5.74
C LEU A 164 28.09 -3.85 6.25
N HIS A 165 27.91 -4.96 6.97
CA HIS A 165 26.58 -5.37 7.41
C HIS A 165 26.35 -4.86 8.82
N VAL A 166 25.68 -3.70 8.92
CA VAL A 166 25.43 -3.01 10.18
C VAL A 166 24.03 -3.38 10.65
N ILE A 167 23.90 -3.68 11.94
CA ILE A 167 22.63 -4.14 12.49
C ILE A 167 21.81 -2.99 13.06
N ASP A 168 22.43 -2.14 13.89
CA ASP A 168 21.72 -1.02 14.49
C ASP A 168 22.74 -0.03 14.99
N VAL A 169 22.38 1.26 14.93
CA VAL A 169 23.29 2.35 15.29
C VAL A 169 22.54 3.33 16.19
N LYS A 170 23.22 3.83 17.22
CA LYS A 170 22.73 4.91 18.07
C LYS A 170 23.85 5.88 18.37
N PHE A 171 23.49 7.14 18.59
CA PHE A 171 24.41 8.10 19.20
C PHE A 171 24.41 7.94 20.71
N LEU A 172 25.59 8.05 21.32
CA LEU A 172 25.74 7.85 22.75
C LEU A 172 25.60 9.15 23.53
N TYR A 173 25.25 9.02 24.80
CA TYR A 173 25.16 10.14 25.72
C TYR A 173 26.46 10.29 26.50
N GLY A 174 26.75 11.53 26.91
CA GLY A 174 27.84 11.78 27.84
C GLY A 174 29.23 11.68 27.27
N CYS A 175 29.39 11.73 25.96
CA CYS A 175 30.70 11.68 25.34
C CYS A 175 31.21 13.09 25.06
N GLN A 176 32.53 13.25 25.07
CA GLN A 176 33.12 14.57 24.81
C GLN A 176 33.05 14.96 23.33
N ALA A 177 32.66 14.05 22.45
CA ALA A 177 32.51 14.32 21.03
C ALA A 177 31.45 13.38 20.51
N PRO A 178 30.69 13.78 19.48
CA PRO A 178 29.61 12.91 18.99
C PRO A 178 30.11 11.51 18.65
N THR A 179 29.65 10.54 19.42
CA THR A 179 30.12 9.16 19.31
C THR A 179 28.95 8.24 19.01
N ILE A 180 29.20 7.28 18.13
CA ILE A 180 28.20 6.30 17.72
C ILE A 180 28.56 4.95 18.31
N CYS A 181 27.60 4.04 18.29
CA CYS A 181 27.81 2.68 18.79
C CYS A 181 26.94 1.75 17.97
N PHE A 182 27.55 0.77 17.30
CA PHE A 182 26.79 -0.05 16.37
C PHE A 182 27.24 -1.51 16.44
N VAL A 183 26.42 -2.37 15.85
CA VAL A 183 26.63 -3.81 15.83
C VAL A 183 26.77 -4.24 14.38
N TYR A 184 27.88 -4.86 14.05
CA TYR A 184 28.17 -5.33 12.70
C TYR A 184 28.46 -6.81 12.76
N GLN A 185 28.30 -7.49 11.61
CA GLN A 185 28.38 -8.94 11.53
C GLN A 185 29.54 -9.35 10.62
N ASP A 186 30.58 -9.90 11.19
CA ASP A 186 31.68 -10.52 10.46
C ASP A 186 31.43 -12.00 10.28
N PRO A 187 32.22 -12.67 9.45
CA PRO A 187 32.22 -14.15 9.47
C PRO A 187 32.58 -14.71 10.82
N GLN A 188 33.29 -13.97 11.66
CA GLN A 188 33.62 -14.40 13.01
C GLN A 188 32.58 -13.92 14.02
N GLY A 189 31.30 -14.18 13.72
CA GLY A 189 30.22 -13.66 14.54
C GLY A 189 30.09 -12.15 14.42
N ARG A 190 29.16 -11.61 15.22
CA ARG A 190 28.88 -10.18 15.21
C ARG A 190 29.45 -9.51 16.45
N HIS A 191 29.64 -8.20 16.34
CA HIS A 191 30.50 -7.44 17.25
C HIS A 191 29.86 -6.08 17.51
N VAL A 192 30.42 -5.34 18.46
CA VAL A 192 29.99 -3.98 18.73
C VAL A 192 31.21 -3.07 18.73
N LYS A 193 31.07 -1.89 18.12
CA LYS A 193 32.19 -0.99 17.93
C LYS A 193 31.71 0.45 18.00
N THR A 194 32.60 1.35 18.42
CA THR A 194 32.28 2.76 18.58
C THR A 194 33.21 3.60 17.72
N TYR A 195 32.64 4.68 17.17
CA TYR A 195 33.32 5.70 16.38
C TYR A 195 32.89 7.08 16.83
N GLU A 196 33.79 8.05 16.70
CA GLU A 196 33.43 9.46 16.83
C GLU A 196 33.17 10.06 15.45
N VAL A 197 32.52 11.22 15.45
CA VAL A 197 32.19 11.91 14.21
C VAL A 197 32.67 13.36 14.32
N SER A 198 33.35 13.84 13.27
CA SER A 198 33.88 15.19 13.22
C SER A 198 33.28 15.92 12.02
N LEU A 199 32.70 17.09 12.26
CA LEU A 199 32.13 17.88 11.16
C LEU A 199 33.20 18.61 10.36
N ARG A 200 34.29 19.01 11.02
CA ARG A 200 35.36 19.73 10.34
C ARG A 200 36.14 18.79 9.43
N GLU A 201 36.65 17.70 9.98
CA GLU A 201 37.44 16.75 9.22
C GLU A 201 36.57 15.85 8.34
N LYS A 202 35.27 15.74 8.63
CA LYS A 202 34.35 14.91 7.85
C LYS A 202 34.82 13.46 7.80
N GLU A 203 35.34 12.97 8.93
CA GLU A 203 35.89 11.62 9.00
C GLU A 203 35.54 11.03 10.37
N PHE A 204 36.10 9.85 10.64
CA PHE A 204 35.95 9.17 11.93
C PHE A 204 37.24 9.25 12.73
N ASN A 205 37.09 9.09 14.04
CA ASN A 205 38.20 9.03 14.97
C ASN A 205 37.95 7.91 15.97
N LYS A 206 39.00 7.53 16.70
CA LYS A 206 38.94 6.35 17.56
C LYS A 206 37.79 6.46 18.56
N GLY A 207 37.06 5.36 18.71
CA GLY A 207 35.98 5.29 19.66
C GLY A 207 36.48 5.26 21.09
N PRO A 208 35.59 5.56 22.03
CA PRO A 208 36.03 5.71 23.43
C PRO A 208 36.47 4.41 24.08
N TRP A 209 35.98 3.26 23.61
CA TRP A 209 36.40 1.99 24.17
C TRP A 209 36.55 0.95 23.07
N LYS A 210 37.28 -0.12 23.43
CA LYS A 210 37.61 -1.17 22.46
C LYS A 210 36.35 -1.89 21.99
N GLN A 211 36.39 -2.34 20.75
CA GLN A 211 35.29 -3.16 20.23
C GLN A 211 35.25 -4.49 20.97
N GLU A 212 34.05 -5.07 21.03
CA GLU A 212 33.85 -6.29 21.79
C GLU A 212 32.91 -7.23 21.06
N ASN A 213 32.90 -8.48 21.50
CA ASN A 213 32.03 -9.52 20.97
C ASN A 213 30.71 -9.51 21.72
N VAL A 214 29.64 -9.86 21.02
CA VAL A 214 28.30 -9.93 21.59
C VAL A 214 27.61 -11.20 21.11
N GLU A 215 26.36 -11.38 21.55
CA GLU A 215 25.55 -12.50 21.12
C GLU A 215 25.40 -12.54 19.61
N ALA A 216 25.49 -13.75 19.04
CA ALA A 216 25.38 -13.93 17.60
C ALA A 216 24.03 -13.51 17.04
N GLU A 217 23.03 -13.24 17.89
CA GLU A 217 21.74 -12.75 17.45
C GLU A 217 21.40 -11.42 18.10
N ALA A 218 22.43 -10.65 18.45
CA ALA A 218 22.23 -9.30 18.95
C ALA A 218 21.64 -8.43 17.84
N SER A 219 20.53 -7.80 18.13
CA SER A 219 19.78 -7.11 17.09
C SER A 219 19.43 -5.67 17.41
N MET A 220 19.48 -5.25 18.67
CA MET A 220 18.98 -3.92 19.06
C MET A 220 20.02 -3.21 19.93
N VAL A 221 20.17 -1.90 19.71
CA VAL A 221 21.10 -1.08 20.45
C VAL A 221 20.34 0.07 21.09
N ILE A 222 20.51 0.24 22.40
CA ILE A 222 19.81 1.27 23.16
C ILE A 222 20.83 2.12 23.90
N ALA A 223 20.74 3.43 23.73
CA ALA A 223 21.65 4.36 24.37
C ALA A 223 21.04 4.86 25.67
N VAL A 224 21.73 4.63 26.78
CA VAL A 224 21.21 5.02 28.09
C VAL A 224 21.62 6.45 28.39
N PRO A 225 20.70 7.30 28.84
CA PRO A 225 21.06 8.69 29.11
C PRO A 225 21.95 8.78 30.34
N GLU A 226 22.49 9.98 30.56
CA GLU A 226 23.15 10.27 31.82
C GLU A 226 22.12 10.21 32.95
N PRO A 227 22.56 9.94 34.19
CA PRO A 227 23.93 9.80 34.71
C PRO A 227 24.62 8.48 34.33
N PHE A 228 23.82 7.48 33.95
CA PHE A 228 24.38 6.16 33.67
C PHE A 228 25.36 6.22 32.49
N GLY A 229 24.85 6.56 31.32
CA GLY A 229 25.64 6.43 30.10
C GLY A 229 25.76 4.98 29.69
N GLY A 230 26.51 4.77 28.62
CA GLY A 230 26.74 3.43 28.12
C GLY A 230 25.67 3.00 27.13
N ALA A 231 25.70 1.72 26.78
CA ALA A 231 24.80 1.19 25.78
C ALA A 231 24.32 -0.19 26.18
N ILE A 232 23.01 -0.42 26.07
CA ILE A 232 22.40 -1.73 26.25
C ILE A 232 22.23 -2.37 24.89
N ILE A 233 22.59 -3.65 24.78
CA ILE A 233 22.45 -4.41 23.55
C ILE A 233 21.62 -5.66 23.84
N ILE A 234 20.57 -5.86 23.05
CA ILE A 234 19.60 -6.92 23.27
C ILE A 234 19.75 -7.97 22.18
N GLY A 235 19.76 -9.23 22.59
CA GLY A 235 19.76 -10.33 21.65
C GLY A 235 18.57 -11.24 21.83
N GLN A 236 18.66 -12.45 21.27
CA GLN A 236 17.57 -13.41 21.37
C GLN A 236 17.64 -14.23 22.66
N GLU A 237 18.78 -14.20 23.36
CA GLU A 237 18.97 -14.96 24.57
C GLU A 237 19.27 -14.11 25.79
N SER A 238 20.02 -13.01 25.64
CA SER A 238 20.54 -12.30 26.78
C SER A 238 20.57 -10.80 26.51
N ILE A 239 20.68 -10.04 27.60
CA ILE A 239 20.77 -8.57 27.57
C ILE A 239 22.08 -8.17 28.24
N THR A 240 22.81 -7.25 27.61
CA THR A 240 24.11 -6.82 28.10
C THR A 240 24.14 -5.33 28.34
N TYR A 241 25.09 -4.88 29.16
CA TYR A 241 25.37 -3.48 29.36
C TYR A 241 26.81 -3.21 28.96
N HIS A 242 27.05 -2.08 28.29
CA HIS A 242 28.37 -1.74 27.81
C HIS A 242 28.64 -0.27 28.07
N ASN A 243 29.62 0.01 28.93
CA ASN A 243 30.15 1.36 29.13
C ASN A 243 31.63 1.22 29.49
N GLY A 244 32.47 1.22 28.45
CA GLY A 244 33.91 1.18 28.65
C GLY A 244 34.36 0.03 29.54
N ASP A 245 34.80 0.38 30.75
CA ASP A 245 35.27 -0.61 31.71
C ASP A 245 34.14 -1.51 32.19
N LYS A 246 32.96 -0.95 32.41
CA LYS A 246 31.85 -1.70 32.97
C LYS A 246 31.28 -2.70 31.97
N TYR A 247 30.78 -3.81 32.52
CA TYR A 247 30.09 -4.82 31.74
C TYR A 247 29.12 -5.53 32.66
N LEU A 248 27.86 -5.61 32.27
CA LEU A 248 26.88 -6.44 32.95
C LEU A 248 26.14 -7.26 31.91
N ALA A 249 25.81 -8.50 32.26
CA ALA A 249 25.11 -9.38 31.33
C ALA A 249 24.22 -10.33 32.11
N ILE A 250 22.96 -10.45 31.68
CA ILE A 250 22.03 -11.41 32.24
C ILE A 250 21.32 -12.12 31.09
N ALA A 251 20.99 -13.38 31.33
CA ALA A 251 20.27 -14.21 30.34
C ALA A 251 19.03 -14.80 30.99
N PRO A 252 18.01 -13.99 31.23
CA PRO A 252 16.77 -14.51 31.82
C PRO A 252 16.13 -15.53 30.91
N PRO A 253 15.68 -16.67 31.45
CA PRO A 253 15.15 -17.74 30.60
C PRO A 253 13.87 -17.35 29.87
N ILE A 254 13.19 -16.30 30.32
CA ILE A 254 11.90 -15.92 29.74
C ILE A 254 12.09 -15.38 28.33
N ILE A 255 13.26 -14.82 28.04
CA ILE A 255 13.48 -14.18 26.74
C ILE A 255 13.56 -15.22 25.63
N LYS A 256 14.06 -16.41 25.94
CA LYS A 256 14.37 -17.38 24.89
C LYS A 256 13.14 -17.79 24.07
N GLN A 257 11.94 -17.62 24.60
CA GLN A 257 10.76 -18.09 23.89
C GLN A 257 10.52 -17.28 22.62
N SER A 258 10.61 -15.95 22.70
CA SER A 258 10.32 -15.10 21.55
C SER A 258 11.29 -13.92 21.52
N THR A 259 11.56 -13.45 20.31
CA THR A 259 12.54 -12.40 20.09
C THR A 259 12.00 -11.02 20.48
N ILE A 260 12.90 -10.16 20.94
CA ILE A 260 12.55 -8.78 21.27
C ILE A 260 12.58 -7.95 19.99
N VAL A 261 11.58 -7.10 19.81
CA VAL A 261 11.42 -6.32 18.59
C VAL A 261 11.51 -4.81 18.86
N CYS A 262 10.77 -4.33 19.85
CA CYS A 262 10.68 -2.90 20.08
C CYS A 262 11.01 -2.57 21.54
N HIS A 263 11.41 -1.32 21.77
CA HIS A 263 11.80 -0.85 23.08
C HIS A 263 11.33 0.58 23.28
N ASN A 264 11.47 1.09 24.51
CA ASN A 264 11.05 2.43 24.84
C ASN A 264 11.56 2.82 26.23
N ARG A 265 11.91 4.10 26.40
CA ARG A 265 12.26 4.63 27.70
C ARG A 265 11.01 5.08 28.45
N VAL A 266 11.00 4.84 29.76
CA VAL A 266 9.92 5.33 30.61
C VAL A 266 10.43 6.56 31.37
N ASP A 267 11.53 6.40 32.10
CA ASP A 267 12.13 7.46 32.90
C ASP A 267 13.25 8.13 32.13
N PRO A 268 13.33 9.46 32.13
CA PRO A 268 14.42 10.13 31.41
C PRO A 268 15.80 9.79 31.94
N ASN A 269 15.89 9.22 33.15
CA ASN A 269 17.16 8.73 33.68
C ASN A 269 17.59 7.42 33.03
N GLY A 270 16.77 6.85 32.15
CA GLY A 270 17.01 5.51 31.69
C GLY A 270 16.75 4.44 32.73
N SER A 271 16.05 4.80 33.81
CA SER A 271 15.91 3.88 34.93
C SER A 271 14.98 2.71 34.60
N ARG A 272 13.99 2.94 33.74
CA ARG A 272 12.98 1.93 33.43
C ARG A 272 12.70 1.94 31.92
N TYR A 273 12.82 0.78 31.29
CA TYR A 273 12.57 0.61 29.87
C TYR A 273 11.51 -0.46 29.63
N LEU A 274 10.72 -0.25 28.58
CA LEU A 274 9.76 -1.24 28.12
C LEU A 274 10.33 -2.08 26.99
N LEU A 275 9.83 -3.31 26.88
CA LEU A 275 10.28 -4.25 25.85
C LEU A 275 9.09 -5.07 25.37
N GLY A 276 8.94 -5.21 24.07
CA GLY A 276 7.90 -6.05 23.49
C GLY A 276 8.50 -7.12 22.60
N ASP A 277 7.79 -8.23 22.47
CA ASP A 277 8.29 -9.33 21.64
C ASP A 277 7.28 -9.64 20.54
N MET A 278 7.60 -10.69 19.77
CA MET A 278 6.78 -11.04 18.62
C MET A 278 5.38 -11.51 19.04
N GLU A 279 5.31 -12.41 20.02
CA GLU A 279 4.08 -13.10 20.34
C GLU A 279 3.21 -12.36 21.36
N GLY A 280 3.38 -11.04 21.49
CA GLY A 280 2.47 -10.20 22.23
C GLY A 280 2.90 -9.82 23.64
N ARG A 281 3.91 -10.49 24.19
CA ARG A 281 4.29 -10.25 25.58
C ARG A 281 4.95 -8.87 25.75
N LEU A 282 4.80 -8.33 26.96
CA LEU A 282 5.30 -7.00 27.31
C LEU A 282 6.17 -7.11 28.56
N PHE A 283 7.34 -6.49 28.52
CA PHE A 283 8.34 -6.61 29.58
C PHE A 283 8.69 -5.24 30.14
N MET A 284 9.47 -5.26 31.22
CA MET A 284 9.96 -4.07 31.90
C MET A 284 11.43 -4.28 32.24
N LEU A 285 12.29 -3.37 31.78
CA LEU A 285 13.71 -3.43 32.09
C LEU A 285 14.04 -2.41 33.16
N LEU A 286 14.89 -2.82 34.11
CA LEU A 286 15.25 -1.97 35.24
C LEU A 286 16.76 -1.83 35.33
N LEU A 287 17.21 -0.61 35.60
CA LEU A 287 18.61 -0.31 35.87
C LEU A 287 18.70 0.19 37.31
N GLU A 288 19.25 -0.65 38.18
CA GLU A 288 19.27 -0.36 39.61
C GLU A 288 20.49 0.49 39.95
N LYS A 289 20.26 1.61 40.64
CA LYS A 289 21.31 2.58 40.93
C LYS A 289 22.19 2.07 42.07
N GLU A 290 23.10 2.93 42.52
CA GLU A 290 23.98 2.65 43.67
C GLU A 290 24.88 1.46 43.43
N THR A 298 27.32 3.05 41.12
CA THR A 298 26.19 3.40 40.27
C THR A 298 25.99 2.33 39.19
N LEU A 299 24.75 2.19 38.74
CA LEU A 299 24.34 1.18 37.75
C LEU A 299 24.69 -0.22 38.27
N LYS A 300 23.94 -0.60 39.33
CA LYS A 300 24.19 -1.84 40.04
C LYS A 300 23.79 -3.06 39.21
N ASP A 301 22.51 -3.15 38.80
CA ASP A 301 21.97 -4.41 38.33
C ASP A 301 21.14 -4.25 37.06
N LEU A 302 20.93 -5.38 36.41
CA LEU A 302 19.95 -5.56 35.35
C LEU A 302 18.91 -6.57 35.81
N ARG A 303 17.63 -6.19 35.77
CA ARG A 303 16.58 -7.09 36.22
C ARG A 303 15.39 -6.97 35.29
N VAL A 304 14.72 -8.09 35.05
CA VAL A 304 13.65 -8.19 34.05
C VAL A 304 12.40 -8.74 34.72
N GLU A 305 11.25 -8.12 34.43
CA GLU A 305 9.96 -8.58 34.94
C GLU A 305 8.93 -8.57 33.81
N LEU A 306 8.08 -9.60 33.79
CA LEU A 306 7.01 -9.65 32.80
C LEU A 306 5.84 -8.80 33.26
N LEU A 307 5.23 -8.07 32.33
CA LEU A 307 4.13 -7.18 32.64
C LEU A 307 2.78 -7.67 32.17
N GLY A 308 2.72 -8.36 31.04
CA GLY A 308 1.45 -8.83 30.52
C GLY A 308 1.55 -9.16 29.04
N GLU A 309 0.42 -9.04 28.36
CA GLU A 309 0.30 -9.41 26.95
C GLU A 309 -0.50 -8.34 26.22
N THR A 310 0.06 -7.85 25.12
CA THR A 310 -0.57 -6.82 24.30
C THR A 310 -0.71 -7.33 22.87
N SER A 311 -1.17 -6.44 21.99
CA SER A 311 -1.11 -6.76 20.56
C SER A 311 0.34 -6.78 20.10
N ILE A 312 0.59 -7.53 19.02
CA ILE A 312 1.93 -7.66 18.48
C ILE A 312 2.46 -6.27 18.14
N ALA A 313 3.50 -5.86 18.85
CA ALA A 313 3.92 -4.47 18.85
C ALA A 313 4.93 -4.20 17.74
N GLU A 314 4.65 -3.17 16.94
CA GLU A 314 5.66 -2.61 16.05
C GLU A 314 6.42 -1.47 16.71
N CYS A 315 5.71 -0.56 17.38
CA CYS A 315 6.30 0.50 18.16
C CYS A 315 5.54 0.61 19.48
N LEU A 316 6.24 1.05 20.53
CA LEU A 316 5.61 1.30 21.82
C LEU A 316 5.96 2.70 22.29
N THR A 317 4.96 3.46 22.73
CA THR A 317 5.19 4.78 23.31
C THR A 317 4.51 4.87 24.68
N TYR A 318 5.32 5.02 25.72
CA TYR A 318 4.80 5.38 27.03
C TYR A 318 4.36 6.84 27.02
N LEU A 319 3.08 7.08 27.26
CA LEU A 319 2.55 8.44 27.18
C LEU A 319 2.69 9.18 28.50
N ASP A 320 2.05 8.68 29.55
CA ASP A 320 1.98 9.35 30.83
C ASP A 320 1.27 8.41 31.80
N ASN A 321 1.47 8.67 33.09
CA ASN A 321 0.75 8.06 34.22
C ASN A 321 0.35 6.61 33.97
N GLY A 322 1.30 5.81 33.47
CA GLY A 322 1.08 4.39 33.26
C GLY A 322 0.26 4.04 32.04
N VAL A 323 0.17 4.94 31.07
CA VAL A 323 -0.61 4.71 29.86
C VAL A 323 0.35 4.53 28.70
N VAL A 324 0.24 3.38 28.02
CA VAL A 324 1.16 3.00 26.96
C VAL A 324 0.37 2.81 25.67
N PHE A 325 0.88 3.40 24.59
CA PHE A 325 0.33 3.20 23.26
C PHE A 325 1.04 2.06 22.57
N VAL A 326 0.27 1.16 21.95
CA VAL A 326 0.82 -0.01 21.29
C VAL A 326 0.58 0.18 19.80
N GLY A 327 1.61 0.60 19.08
CA GLY A 327 1.57 0.63 17.63
C GLY A 327 1.70 -0.76 17.06
N SER A 328 0.66 -1.23 16.38
CA SER A 328 0.62 -2.58 15.84
C SER A 328 0.57 -2.53 14.32
N ARG A 329 1.42 -3.32 13.68
CA ARG A 329 1.39 -3.51 12.23
C ARG A 329 0.71 -4.81 11.80
N LEU A 330 0.63 -5.79 12.70
CA LEU A 330 0.07 -7.09 12.40
C LEU A 330 -1.33 -7.29 13.00
N GLY A 331 -1.84 -6.32 13.76
CA GLY A 331 -3.18 -6.40 14.27
C GLY A 331 -3.64 -5.06 14.79
N ASP A 332 -4.71 -5.10 15.57
CA ASP A 332 -5.29 -3.85 16.06
C ASP A 332 -4.32 -3.18 17.02
N SER A 333 -4.11 -1.88 16.83
CA SER A 333 -3.37 -1.08 17.78
C SER A 333 -4.18 -0.88 19.07
N GLN A 334 -3.45 -0.75 20.17
CA GLN A 334 -4.02 -0.63 21.51
C GLN A 334 -3.57 0.66 22.17
N LEU A 335 -4.44 1.16 23.04
CA LEU A 335 -4.07 2.10 24.09
C LEU A 335 -4.23 1.35 25.42
N VAL A 336 -3.17 1.32 26.22
CA VAL A 336 -3.05 0.40 27.33
C VAL A 336 -2.72 1.15 28.62
N LYS A 337 -3.38 0.75 29.71
CA LYS A 337 -3.07 1.23 31.05
C LYS A 337 -2.30 0.15 31.82
N LEU A 338 -1.28 0.59 32.57
CA LEU A 338 -0.46 -0.31 33.38
C LEU A 338 -0.78 -0.09 34.84
N ASN A 339 -1.25 -1.14 35.51
CA ASN A 339 -1.57 -1.08 36.93
C ASN A 339 -0.49 -1.79 37.74
N VAL A 340 -0.23 -1.26 38.94
CA VAL A 340 0.82 -1.84 39.79
C VAL A 340 0.33 -3.09 40.52
N ASP A 341 -0.95 -3.16 40.85
CA ASP A 341 -1.51 -4.36 41.47
C ASP A 341 -1.95 -5.31 40.37
N SER A 342 -1.44 -6.55 40.44
CA SER A 342 -1.84 -7.57 39.47
C SER A 342 -3.33 -7.81 39.52
N ASN A 343 -3.91 -8.12 38.36
CA ASN A 343 -5.33 -8.43 38.30
C ASN A 343 -5.57 -9.82 38.86
N GLU A 344 -6.80 -10.31 38.72
CA GLU A 344 -7.14 -11.63 39.25
C GLU A 344 -6.28 -12.72 38.60
N GLN A 345 -6.07 -12.63 37.29
CA GLN A 345 -5.39 -13.68 36.54
C GLN A 345 -3.87 -13.51 36.50
N GLY A 346 -3.34 -12.44 37.11
CA GLY A 346 -1.92 -12.27 37.29
C GLY A 346 -1.32 -11.11 36.53
N SER A 347 -2.02 -10.58 35.54
CA SER A 347 -1.45 -9.57 34.65
C SER A 347 -1.43 -8.19 35.31
N TYR A 348 -0.60 -7.30 34.76
CA TYR A 348 -0.56 -5.90 35.12
C TYR A 348 -1.20 -5.02 34.07
N VAL A 349 -1.73 -5.62 33.00
CA VAL A 349 -2.12 -4.90 31.79
C VAL A 349 -3.62 -4.99 31.61
N VAL A 350 -4.26 -3.85 31.36
CA VAL A 350 -5.67 -3.82 31.00
C VAL A 350 -5.83 -2.81 29.86
N ALA A 351 -6.64 -3.19 28.87
CA ALA A 351 -6.80 -2.40 27.66
C ALA A 351 -7.82 -1.28 27.86
N MET A 352 -7.43 -0.06 27.51
CA MET A 352 -8.36 1.08 27.56
C MET A 352 -9.21 1.15 26.30
N GLU A 353 -8.58 1.35 25.15
CA GLU A 353 -9.27 1.44 23.86
C GLU A 353 -8.62 0.51 22.85
N THR A 354 -9.20 0.46 21.66
CA THR A 354 -8.75 -0.43 20.59
C THR A 354 -9.00 0.25 19.25
N PHE A 355 -8.01 0.16 18.37
CA PHE A 355 -8.01 0.89 17.11
C PHE A 355 -7.93 -0.09 15.95
N THR A 356 -8.81 0.08 14.97
CA THR A 356 -8.95 -0.89 13.89
C THR A 356 -7.71 -0.91 13.02
N ASN A 357 -7.31 -2.12 12.59
CA ASN A 357 -6.19 -2.33 11.68
C ASN A 357 -6.54 -3.47 10.74
N LEU A 358 -6.86 -3.13 9.48
CA LEU A 358 -7.14 -4.18 8.51
C LEU A 358 -5.88 -4.89 8.04
N GLY A 359 -4.72 -4.24 8.12
CA GLY A 359 -3.49 -4.82 7.62
C GLY A 359 -2.92 -5.88 8.56
N PRO A 360 -2.14 -6.82 8.00
CA PRO A 360 -1.95 -6.93 6.54
C PRO A 360 -3.00 -7.78 5.85
N ILE A 361 -3.54 -7.25 4.77
CA ILE A 361 -4.48 -8.00 3.94
C ILE A 361 -3.69 -8.97 3.07
N VAL A 362 -4.01 -10.26 3.18
CA VAL A 362 -3.34 -11.28 2.40
C VAL A 362 -4.24 -11.86 1.29
N ASP A 363 -5.57 -11.84 1.46
CA ASP A 363 -6.48 -12.22 0.40
C ASP A 363 -7.84 -11.64 0.74
N MET A 364 -8.75 -11.66 -0.23
CA MET A 364 -10.11 -11.15 -0.01
C MET A 364 -11.01 -11.57 -1.18
N CYS A 365 -12.31 -11.53 -0.93
CA CYS A 365 -13.30 -11.78 -1.97
C CYS A 365 -14.45 -10.78 -1.86
N VAL A 366 -15.26 -10.75 -2.92
CA VAL A 366 -16.38 -9.83 -3.05
C VAL A 366 -17.68 -10.64 -3.07
N VAL A 367 -18.52 -10.42 -2.06
CA VAL A 367 -19.74 -11.20 -1.89
C VAL A 367 -20.91 -10.26 -1.62
N ASP A 368 -22.05 -10.55 -2.24
CA ASP A 368 -23.28 -9.78 -2.04
C ASP A 368 -24.07 -10.44 -0.91
N LEU A 369 -23.93 -9.89 0.30
CA LEU A 369 -24.51 -10.51 1.49
C LEU A 369 -25.92 -10.00 1.81
N GLU A 370 -26.04 -8.70 2.07
CA GLU A 370 -27.31 -8.13 2.55
C GLU A 370 -28.21 -7.72 1.38
N ARG A 371 -27.71 -6.86 0.50
CA ARG A 371 -28.41 -6.44 -0.71
C ARG A 371 -27.73 -7.08 -1.91
N GLN A 372 -28.46 -7.92 -2.63
CA GLN A 372 -27.94 -8.45 -3.88
C GLN A 372 -27.80 -7.32 -4.89
N GLY A 373 -26.65 -7.28 -5.57
CA GLY A 373 -26.31 -6.21 -6.48
C GLY A 373 -25.31 -5.22 -5.93
N GLN A 374 -25.20 -5.12 -4.61
CA GLN A 374 -24.22 -4.27 -3.94
C GLN A 374 -23.19 -5.14 -3.24
N GLY A 375 -21.91 -4.80 -3.42
CA GLY A 375 -20.84 -5.64 -2.94
C GLY A 375 -20.38 -5.33 -1.52
N GLN A 376 -19.79 -6.35 -0.90
CA GLN A 376 -19.05 -6.23 0.35
C GLN A 376 -17.78 -7.05 0.25
N LEU A 377 -16.76 -6.67 1.03
CA LEU A 377 -15.52 -7.40 1.10
C LEU A 377 -15.44 -8.26 2.35
N VAL A 378 -14.90 -9.47 2.19
CA VAL A 378 -14.50 -10.33 3.29
C VAL A 378 -13.01 -10.58 3.10
N THR A 379 -12.19 -10.02 3.99
CA THR A 379 -10.75 -10.04 3.82
C THR A 379 -10.08 -10.98 4.83
N CYS A 380 -9.06 -11.69 4.37
CA CYS A 380 -8.15 -12.41 5.26
C CYS A 380 -7.11 -11.42 5.77
N SER A 381 -7.18 -11.10 7.06
CA SER A 381 -6.40 -10.01 7.63
C SER A 381 -5.63 -10.51 8.84
N GLY A 382 -4.77 -9.64 9.38
CA GLY A 382 -4.06 -9.94 10.61
C GLY A 382 -2.89 -10.89 10.41
N ALA A 383 -2.41 -11.41 11.54
CA ALA A 383 -1.19 -12.20 11.60
C ALA A 383 -1.32 -13.23 12.73
N PHE A 384 -0.18 -13.72 13.20
CA PHE A 384 -0.09 -14.97 13.95
C PHE A 384 -1.20 -15.16 14.97
N LYS A 385 -1.23 -14.34 16.00
CA LYS A 385 -2.33 -14.39 16.96
C LYS A 385 -3.41 -13.36 16.66
N GLU A 386 -3.11 -12.41 15.79
CA GLU A 386 -4.02 -11.34 15.42
C GLU A 386 -4.79 -11.66 14.14
N GLY A 387 -4.75 -12.91 13.68
CA GLY A 387 -5.46 -13.27 12.47
C GLY A 387 -6.96 -13.08 12.63
N SER A 388 -7.59 -12.56 11.58
CA SER A 388 -9.01 -12.23 11.68
C SER A 388 -9.61 -12.09 10.29
N LEU A 389 -10.92 -12.30 10.21
CA LEU A 389 -11.71 -11.98 9.04
C LEU A 389 -12.34 -10.61 9.22
N ARG A 390 -12.38 -9.82 8.16
CA ARG A 390 -12.91 -8.47 8.23
C ARG A 390 -13.99 -8.30 7.16
N ILE A 391 -15.22 -8.01 7.60
CA ILE A 391 -16.34 -7.80 6.69
C ILE A 391 -16.57 -6.30 6.57
N ILE A 392 -16.56 -5.80 5.34
CA ILE A 392 -16.57 -4.37 5.06
C ILE A 392 -17.78 -4.02 4.20
N ARG A 393 -18.69 -3.21 4.76
CA ARG A 393 -19.86 -2.68 4.07
C ARG A 393 -19.68 -1.19 3.79
N ASN A 394 -20.10 -0.76 2.60
CA ASN A 394 -20.11 0.65 2.23
C ASN A 394 -21.54 1.18 2.33
N GLY A 395 -21.73 2.21 3.14
CA GLY A 395 -23.03 2.83 3.28
C GLY A 395 -23.90 2.16 4.33
N ILE A 396 -25.06 2.78 4.57
CA ILE A 396 -26.01 2.34 5.58
C ILE A 396 -27.18 1.65 4.89
N GLY A 397 -27.60 0.52 5.46
CA GLY A 397 -28.80 -0.16 5.03
C GLY A 397 -29.89 -0.13 6.10
N ILE A 398 -31.10 -0.52 5.68
CA ILE A 398 -32.21 -0.71 6.62
C ILE A 398 -32.65 -2.17 6.54
N HIS A 399 -33.28 -2.62 7.62
CA HIS A 399 -33.71 -4.00 7.78
C HIS A 399 -35.23 -4.02 7.87
N GLU A 400 -35.89 -4.45 6.80
CA GLU A 400 -37.35 -4.39 6.75
C GLU A 400 -37.99 -5.25 7.82
N HIS A 401 -39.20 -4.84 8.21
CA HIS A 401 -40.08 -5.66 9.05
C HIS A 401 -41.52 -5.66 8.56
N ALA A 402 -41.93 -4.73 7.69
CA ALA A 402 -43.30 -4.68 7.19
C ALA A 402 -43.32 -3.95 5.85
N SER A 403 -44.07 -4.52 4.90
CA SER A 403 -44.18 -3.99 3.55
C SER A 403 -45.66 -3.95 3.18
N ILE A 404 -46.13 -2.76 2.81
CA ILE A 404 -47.54 -2.54 2.48
C ILE A 404 -47.59 -1.79 1.15
N ASP A 405 -48.47 -2.24 0.26
CA ASP A 405 -48.70 -1.56 -1.01
C ASP A 405 -49.55 -0.33 -0.75
N LEU A 406 -48.92 0.84 -0.72
CA LEU A 406 -49.64 2.10 -0.56
C LEU A 406 -49.00 3.13 -1.48
N PRO A 407 -49.38 3.14 -2.75
CA PRO A 407 -48.81 4.12 -3.67
C PRO A 407 -49.48 5.47 -3.52
N GLY A 408 -48.70 6.53 -3.63
CA GLY A 408 -49.20 7.88 -3.61
C GLY A 408 -49.04 8.63 -2.30
N ILE A 409 -48.28 8.08 -1.35
CA ILE A 409 -48.11 8.72 -0.05
C ILE A 409 -47.42 10.08 -0.23
N LYS A 410 -47.95 11.09 0.44
CA LYS A 410 -47.39 12.44 0.34
C LYS A 410 -46.99 13.02 1.69
N GLY A 411 -46.91 12.20 2.74
CA GLY A 411 -46.54 12.68 4.06
C GLY A 411 -46.65 11.59 5.10
N LEU A 412 -45.85 11.66 6.16
CA LEU A 412 -45.84 10.65 7.21
C LEU A 412 -45.57 11.30 8.55
N TRP A 413 -46.35 10.92 9.57
CA TRP A 413 -46.15 11.49 10.90
C TRP A 413 -46.47 10.49 12.00
N PRO A 414 -45.51 10.14 12.84
CA PRO A 414 -45.80 9.29 13.98
C PRO A 414 -46.59 10.05 15.03
N LEU A 415 -47.27 9.30 15.89
CA LEU A 415 -48.17 9.93 16.85
C LEU A 415 -48.53 8.93 17.94
N ARG A 416 -48.33 9.33 19.19
CA ARG A 416 -48.77 8.53 20.33
C ARG A 416 -50.15 9.01 20.74
N SER A 417 -51.15 8.15 20.54
CA SER A 417 -52.53 8.52 20.82
C SER A 417 -52.86 8.37 22.31
N ASP A 418 -52.21 7.43 22.99
CA ASP A 418 -52.42 7.25 24.42
C ASP A 418 -51.59 8.27 25.17
N PRO A 419 -52.21 9.20 25.91
CA PRO A 419 -51.42 10.23 26.61
C PRO A 419 -50.58 9.68 27.73
N ASN A 420 -50.81 8.43 28.14
CA ASN A 420 -50.09 7.83 29.25
C ASN A 420 -48.84 7.10 28.78
N ARG A 421 -48.98 6.20 27.82
CA ARG A 421 -47.84 5.42 27.33
C ARG A 421 -46.91 6.29 26.49
N GLU A 422 -45.63 5.96 26.54
CA GLU A 422 -44.58 6.75 25.89
C GLU A 422 -44.28 6.32 24.47
N THR A 423 -44.90 5.25 23.98
CA THR A 423 -44.61 4.73 22.65
C THR A 423 -45.63 5.22 21.64
N ASP A 424 -45.17 5.38 20.40
CA ASP A 424 -46.06 5.74 19.31
C ASP A 424 -47.00 4.58 19.01
N ASP A 425 -48.23 4.91 18.64
CA ASP A 425 -49.22 3.89 18.33
C ASP A 425 -50.05 4.19 17.09
N THR A 426 -49.80 5.30 16.40
CA THR A 426 -50.65 5.75 15.30
C THR A 426 -49.78 6.37 14.23
N LEU A 427 -50.00 5.97 12.97
CA LEU A 427 -49.25 6.49 11.84
C LEU A 427 -50.21 7.18 10.88
N VAL A 428 -49.96 8.46 10.58
CA VAL A 428 -50.84 9.29 9.77
C VAL A 428 -50.24 9.47 8.39
N LEU A 429 -51.01 9.11 7.36
CA LEU A 429 -50.57 9.14 5.97
C LEU A 429 -51.35 10.17 5.19
N SER A 430 -50.64 11.07 4.53
CA SER A 430 -51.25 12.08 3.68
C SER A 430 -51.16 11.66 2.22
N PHE A 431 -52.26 11.81 1.50
CA PHE A 431 -52.35 11.49 0.08
C PHE A 431 -52.67 12.75 -0.72
N VAL A 432 -52.94 12.57 -2.00
CA VAL A 432 -53.16 13.72 -2.88
C VAL A 432 -54.54 14.30 -2.59
N GLY A 433 -54.56 15.37 -1.79
CA GLY A 433 -55.79 16.05 -1.46
C GLY A 433 -56.58 15.46 -0.32
N GLN A 434 -56.09 14.42 0.35
CA GLN A 434 -56.83 13.84 1.46
C GLN A 434 -55.88 13.04 2.35
N THR A 435 -56.44 12.48 3.43
CA THR A 435 -55.67 11.99 4.57
C THR A 435 -56.35 10.75 5.16
N ARG A 436 -55.53 9.84 5.69
CA ARG A 436 -56.02 8.66 6.38
C ARG A 436 -55.18 8.42 7.64
N VAL A 437 -55.70 7.56 8.52
CA VAL A 437 -55.13 7.29 9.84
C VAL A 437 -54.99 5.78 10.02
N LEU A 438 -53.96 5.37 10.75
CA LEU A 438 -53.70 3.95 10.99
C LEU A 438 -53.28 3.74 12.43
N MET A 439 -53.82 2.70 13.08
CA MET A 439 -53.32 2.34 14.40
C MET A 439 -52.43 1.11 14.29
N LEU A 440 -51.67 0.86 15.37
CA LEU A 440 -50.66 -0.18 15.40
C LEU A 440 -50.86 -1.04 16.65
N ASN A 441 -51.71 -2.05 16.54
CA ASN A 441 -51.86 -3.06 17.59
C ASN A 441 -50.84 -4.16 17.34
N GLY A 442 -49.70 -4.06 18.03
CA GLY A 442 -48.61 -4.97 17.76
C GLY A 442 -48.07 -4.80 16.36
N GLU A 443 -48.28 -5.79 15.50
CA GLU A 443 -47.87 -5.70 14.11
C GLU A 443 -49.02 -5.51 13.12
N GLU A 444 -50.27 -5.65 13.55
CA GLU A 444 -51.39 -5.39 12.65
C GLU A 444 -51.53 -3.89 12.37
N VAL A 445 -51.62 -3.54 11.08
CA VAL A 445 -51.77 -2.17 10.63
C VAL A 445 -53.12 -2.09 9.91
N GLU A 446 -54.04 -1.32 10.49
CA GLU A 446 -55.43 -1.32 10.04
C GLU A 446 -56.03 0.06 10.19
N GLU A 447 -57.01 0.36 9.32
CA GLU A 447 -57.53 1.71 9.19
C GLU A 447 -58.22 2.16 10.46
N THR A 448 -58.13 3.46 10.72
CA THR A 448 -58.65 4.06 11.94
C THR A 448 -59.19 5.44 11.59
N GLU A 449 -60.26 5.83 12.26
CA GLU A 449 -60.79 7.18 12.22
C GLU A 449 -60.43 7.92 13.49
N LEU A 450 -60.66 9.23 13.50
CA LEU A 450 -60.37 10.00 14.70
C LEU A 450 -61.17 11.30 14.71
N MET A 451 -61.92 11.52 15.79
CA MET A 451 -62.66 12.76 15.96
C MET A 451 -61.73 13.96 16.00
N GLY A 452 -62.14 15.02 15.32
CA GLY A 452 -61.38 16.24 15.22
C GLY A 452 -60.56 16.35 13.95
N PHE A 453 -60.12 15.21 13.40
CA PHE A 453 -59.33 15.22 12.16
C PHE A 453 -60.22 15.02 10.94
N VAL A 454 -60.02 15.85 9.94
CA VAL A 454 -60.73 15.72 8.68
C VAL A 454 -59.94 14.79 7.76
N ASP A 455 -60.66 14.11 6.86
CA ASP A 455 -60.05 13.14 5.97
C ASP A 455 -60.23 13.50 4.50
N ASP A 456 -60.74 14.68 4.21
CA ASP A 456 -61.00 15.11 2.84
C ASP A 456 -60.05 16.21 2.39
N GLN A 457 -59.07 16.57 3.21
CA GLN A 457 -58.07 17.57 2.88
C GLN A 457 -56.68 16.97 3.08
N GLN A 458 -55.73 17.44 2.26
CA GLN A 458 -54.35 16.98 2.35
C GLN A 458 -53.65 17.60 3.56
N THR A 459 -52.93 16.78 4.32
CA THR A 459 -52.33 17.23 5.57
C THR A 459 -50.91 17.71 5.37
N PHE A 460 -50.56 18.81 6.04
CA PHE A 460 -49.19 19.31 5.98
C PHE A 460 -48.38 18.95 7.21
N PHE A 461 -49.05 18.76 8.35
CA PHE A 461 -48.36 18.33 9.56
C PHE A 461 -49.40 17.87 10.57
N CYS A 462 -48.99 16.90 11.40
CA CYS A 462 -49.75 16.60 12.61
C CYS A 462 -48.82 15.93 13.61
N GLY A 463 -49.25 15.91 14.87
CA GLY A 463 -48.44 15.35 15.92
C GLY A 463 -48.83 15.89 17.27
N ASN A 464 -48.16 15.36 18.29
CA ASN A 464 -48.41 15.76 19.67
C ASN A 464 -47.89 17.17 19.93
N VAL A 465 -48.70 17.98 20.61
CA VAL A 465 -48.28 19.31 21.04
C VAL A 465 -48.41 19.41 22.54
N ALA A 466 -48.09 20.58 23.10
CA ALA A 466 -48.11 20.78 24.54
C ALA A 466 -49.53 20.74 25.09
N HIS A 467 -49.62 20.69 26.42
CA HIS A 467 -50.89 20.75 27.14
C HIS A 467 -51.77 19.55 26.85
N GLN A 468 -51.16 18.43 26.48
CA GLN A 468 -51.89 17.20 26.13
C GLN A 468 -52.92 17.48 25.04
N GLN A 469 -52.40 17.80 23.87
CA GLN A 469 -53.22 18.15 22.71
C GLN A 469 -52.58 17.61 21.45
N LEU A 470 -53.34 17.70 20.36
CA LEU A 470 -52.89 17.32 19.03
C LEU A 470 -53.25 18.44 18.06
N ILE A 471 -52.52 18.52 16.96
CA ILE A 471 -52.77 19.53 15.95
C ILE A 471 -52.72 18.89 14.56
N GLN A 472 -53.67 19.27 13.71
CA GLN A 472 -53.65 18.93 12.30
C GLN A 472 -53.65 20.21 11.49
N ILE A 473 -52.69 20.33 10.57
CA ILE A 473 -52.57 21.51 9.74
C ILE A 473 -52.83 21.07 8.30
N THR A 474 -53.93 21.53 7.73
CA THR A 474 -54.32 21.16 6.38
C THR A 474 -54.22 22.35 5.44
N SER A 475 -54.64 22.14 4.20
CA SER A 475 -54.68 23.23 3.24
C SER A 475 -55.77 24.25 3.57
N ALA A 476 -56.76 23.86 4.38
CA ALA A 476 -57.91 24.71 4.67
C ALA A 476 -57.83 25.44 6.00
N SER A 477 -57.31 24.79 7.04
CA SER A 477 -57.36 25.38 8.37
C SER A 477 -56.24 24.79 9.23
N VAL A 478 -56.16 25.26 10.46
CA VAL A 478 -55.28 24.73 11.49
C VAL A 478 -56.15 24.25 12.64
N ARG A 479 -56.12 22.94 12.89
CA ARG A 479 -57.07 22.29 13.80
C ARG A 479 -56.35 21.79 15.04
N LEU A 480 -56.83 22.20 16.20
CA LEU A 480 -56.30 21.78 17.50
C LEU A 480 -57.28 20.85 18.18
N VAL A 481 -56.78 19.72 18.68
CA VAL A 481 -57.64 18.64 19.16
C VAL A 481 -57.27 18.29 20.59
N SER A 482 -58.29 18.05 21.41
CA SER A 482 -58.10 17.56 22.76
C SER A 482 -57.48 16.17 22.75
N GLN A 483 -56.93 15.79 23.89
CA GLN A 483 -56.31 14.47 24.05
C GLN A 483 -57.28 13.45 24.63
N GLU A 484 -57.78 13.72 25.85
CA GLU A 484 -58.47 12.70 26.62
C GLU A 484 -59.90 12.50 26.16
N PRO A 485 -60.66 13.57 25.87
CA PRO A 485 -61.97 13.37 25.22
C PRO A 485 -61.90 13.20 23.71
N LYS A 486 -60.78 13.55 23.06
CA LYS A 486 -60.64 13.43 21.61
C LYS A 486 -61.72 14.24 20.88
N ALA A 487 -61.66 15.56 21.06
CA ALA A 487 -62.58 16.45 20.37
C ALA A 487 -61.82 17.68 19.87
N LEU A 488 -62.29 18.22 18.75
CA LEU A 488 -61.78 19.51 18.27
C LEU A 488 -62.02 20.59 19.30
N VAL A 489 -60.95 21.25 19.74
CA VAL A 489 -61.06 22.31 20.73
C VAL A 489 -60.83 23.70 20.15
N SER A 490 -60.11 23.82 19.05
CA SER A 490 -59.90 25.12 18.43
C SER A 490 -59.48 24.92 16.98
N GLU A 491 -59.87 25.89 16.14
CA GLU A 491 -59.56 25.86 14.72
C GLU A 491 -59.23 27.28 14.27
N TRP A 492 -58.18 27.39 13.46
CA TRP A 492 -57.79 28.68 12.89
C TRP A 492 -57.94 28.65 11.38
N LYS A 493 -58.34 29.79 10.82
CA LYS A 493 -58.45 29.96 9.37
C LYS A 493 -57.88 31.30 8.97
N GLU A 494 -57.44 31.38 7.72
CA GLU A 494 -56.99 32.65 7.18
C GLU A 494 -58.17 33.62 7.15
N PRO A 495 -57.97 34.90 7.47
CA PRO A 495 -59.12 35.82 7.59
C PRO A 495 -60.00 35.87 6.35
N GLN A 496 -59.41 36.02 5.16
CA GLN A 496 -60.21 35.97 3.96
C GLN A 496 -60.51 34.56 3.49
N ALA A 497 -60.31 33.56 4.34
CA ALA A 497 -60.56 32.16 4.00
C ALA A 497 -59.70 31.70 2.82
N LYS A 498 -58.47 32.23 2.76
CA LYS A 498 -57.53 31.79 1.73
C LYS A 498 -56.89 30.46 2.13
N ASN A 499 -56.29 29.79 1.15
CA ASN A 499 -55.67 28.50 1.38
C ASN A 499 -54.29 28.66 2.02
N ILE A 500 -53.87 27.63 2.74
CA ILE A 500 -52.53 27.59 3.33
C ILE A 500 -51.56 26.99 2.32
N SER A 501 -50.40 27.63 2.16
CA SER A 501 -49.44 27.17 1.16
C SER A 501 -48.28 26.38 1.76
N VAL A 502 -47.70 26.86 2.86
CA VAL A 502 -46.55 26.24 3.49
C VAL A 502 -46.80 26.19 4.99
N ALA A 503 -46.42 25.08 5.62
CA ALA A 503 -46.68 24.89 7.03
C ALA A 503 -45.44 24.41 7.76
N SER A 504 -45.37 24.76 9.04
CA SER A 504 -44.30 24.31 9.92
C SER A 504 -44.77 24.48 11.35
N CYS A 505 -44.45 23.51 12.20
CA CYS A 505 -45.03 23.41 13.52
C CYS A 505 -43.99 22.95 14.54
N ASN A 506 -44.11 23.47 15.75
CA ASN A 506 -43.30 23.15 16.91
C ASN A 506 -44.21 22.58 18.00
N SER A 507 -43.60 22.12 19.10
CA SER A 507 -44.39 21.58 20.19
C SER A 507 -45.29 22.65 20.80
N SER A 508 -44.91 23.93 20.67
CA SER A 508 -45.72 25.02 21.21
C SER A 508 -45.87 26.20 20.25
N GLN A 509 -45.21 26.19 19.11
CA GLN A 509 -45.24 27.32 18.18
C GLN A 509 -45.66 26.81 16.81
N VAL A 510 -46.38 27.64 16.05
CA VAL A 510 -46.86 27.29 14.73
C VAL A 510 -46.66 28.47 13.80
N VAL A 511 -46.06 28.22 12.64
CA VAL A 511 -45.88 29.23 11.60
C VAL A 511 -46.38 28.66 10.29
N VAL A 512 -47.36 29.32 9.68
CA VAL A 512 -47.85 28.93 8.36
C VAL A 512 -47.67 30.11 7.41
N ALA A 513 -47.94 29.84 6.12
CA ALA A 513 -47.83 30.85 5.08
C ALA A 513 -49.04 30.76 4.16
N VAL A 514 -49.49 31.92 3.69
CA VAL A 514 -50.57 32.04 2.71
C VAL A 514 -50.01 32.88 1.58
N GLY A 515 -49.49 32.24 0.54
CA GLY A 515 -48.79 32.96 -0.50
C GLY A 515 -47.55 33.67 0.03
N ARG A 516 -47.64 34.99 0.18
CA ARG A 516 -46.56 35.80 0.73
C ARG A 516 -46.66 36.01 2.23
N ALA A 517 -47.85 35.88 2.80
CA ALA A 517 -48.09 36.27 4.18
C ALA A 517 -47.73 35.14 5.13
N LEU A 518 -46.99 35.48 6.18
CA LEU A 518 -46.62 34.56 7.25
C LEU A 518 -47.45 34.86 8.49
N TYR A 519 -47.89 33.81 9.16
CA TYR A 519 -48.64 33.89 10.41
C TYR A 519 -47.94 33.09 11.50
N TYR A 520 -47.85 33.68 12.68
CA TYR A 520 -47.26 33.05 13.85
C TYR A 520 -48.35 32.79 14.88
N LEU A 521 -48.41 31.55 15.36
CA LEU A 521 -49.44 31.12 16.28
C LEU A 521 -48.79 30.44 17.47
N GLN A 522 -49.36 30.65 18.65
CA GLN A 522 -48.95 29.93 19.85
C GLN A 522 -50.03 28.95 20.27
N ILE A 523 -49.60 27.86 20.89
CA ILE A 523 -50.51 26.79 21.28
C ILE A 523 -50.71 26.88 22.79
N HIS A 524 -51.88 27.33 23.19
CA HIS A 524 -52.33 27.33 24.57
C HIS A 524 -53.50 26.35 24.74
N PRO A 525 -53.80 25.95 26.00
CA PRO A 525 -54.94 25.03 26.20
C PRO A 525 -56.24 25.55 25.61
N GLN A 526 -56.79 24.78 24.68
CA GLN A 526 -58.03 25.09 23.96
C GLN A 526 -57.94 26.39 23.16
N GLU A 527 -56.72 26.88 22.89
CA GLU A 527 -56.57 28.18 22.24
C GLU A 527 -55.48 28.13 21.17
N LEU A 528 -55.78 28.68 20.00
CA LEU A 528 -54.79 28.97 18.96
C LEU A 528 -54.57 30.48 18.97
N ARG A 529 -53.45 30.89 19.57
CA ARG A 529 -53.20 32.30 19.86
C ARG A 529 -52.42 32.93 18.69
N GLN A 530 -53.08 33.79 17.92
CA GLN A 530 -52.41 34.51 16.84
C GLN A 530 -51.61 35.67 17.42
N ILE A 531 -50.32 35.70 17.14
CA ILE A 531 -49.40 36.65 17.78
C ILE A 531 -49.02 37.79 16.85
N SER A 532 -48.62 37.48 15.62
CA SER A 532 -48.04 38.50 14.75
C SER A 532 -48.43 38.23 13.30
N HIS A 533 -47.75 38.91 12.38
CA HIS A 533 -48.13 39.02 10.99
C HIS A 533 -47.01 39.73 10.23
N THR A 534 -46.89 39.40 8.95
CA THR A 534 -46.00 40.10 8.05
C THR A 534 -46.46 39.90 6.62
N GLU A 535 -45.92 40.72 5.73
CA GLU A 535 -46.06 40.53 4.29
C GLU A 535 -44.66 40.48 3.69
N MET A 536 -44.40 39.44 2.91
CA MET A 536 -43.06 39.18 2.43
C MET A 536 -42.91 39.66 0.99
N GLU A 537 -41.64 39.84 0.59
CA GLU A 537 -41.35 40.41 -0.72
C GLU A 537 -41.61 39.42 -1.86
N HIS A 538 -41.65 38.12 -1.58
CA HIS A 538 -41.87 37.14 -2.63
C HIS A 538 -42.64 35.97 -2.02
N GLU A 539 -42.98 34.99 -2.86
CA GLU A 539 -43.75 33.83 -2.41
C GLU A 539 -42.93 33.00 -1.41
N VAL A 540 -43.65 32.24 -0.59
CA VAL A 540 -43.03 31.39 0.44
C VAL A 540 -42.88 29.98 -0.12
N ALA A 541 -41.72 29.39 0.12
CA ALA A 541 -41.40 28.05 -0.37
C ALA A 541 -41.24 27.02 0.72
N CYS A 542 -40.62 27.38 1.84
CA CYS A 542 -40.29 26.42 2.89
C CYS A 542 -40.13 27.14 4.21
N LEU A 543 -40.27 26.37 5.30
CA LEU A 543 -40.26 26.91 6.66
C LEU A 543 -39.65 25.88 7.60
N ASP A 544 -39.12 26.38 8.72
CA ASP A 544 -38.66 25.53 9.81
C ASP A 544 -38.43 26.35 11.07
N ILE A 545 -38.97 25.87 12.19
CA ILE A 545 -38.88 26.60 13.45
C ILE A 545 -38.36 25.67 14.53
N THR A 546 -37.58 24.69 14.14
CA THR A 546 -37.07 23.70 15.08
C THR A 546 -36.28 24.36 16.20
N PRO A 547 -36.70 24.21 17.46
CA PRO A 547 -35.97 24.82 18.59
C PRO A 547 -34.66 24.10 18.85
N LEU A 548 -33.56 24.85 18.79
CA LEU A 548 -32.22 24.26 18.92
C LEU A 548 -31.78 24.07 20.36
N GLY A 549 -32.56 24.54 21.34
CA GLY A 549 -32.22 24.32 22.72
C GLY A 549 -33.09 23.28 23.39
N ASP A 550 -34.05 23.73 24.19
CA ASP A 550 -34.91 22.85 24.96
C ASP A 550 -36.23 22.52 24.26
N GLY A 553 -39.58 23.71 24.62
CA GLY A 553 -38.86 24.36 23.55
C GLY A 553 -39.62 25.48 22.86
N LEU A 554 -39.12 26.70 23.00
CA LEU A 554 -39.76 27.89 22.43
C LEU A 554 -38.74 28.63 21.59
N SER A 555 -38.75 28.37 20.28
CA SER A 555 -37.77 28.93 19.37
C SER A 555 -38.02 30.40 19.11
N PRO A 556 -37.05 31.28 19.36
CA PRO A 556 -37.20 32.69 18.95
C PRO A 556 -36.86 32.95 17.49
N LEU A 557 -36.56 31.89 16.73
CA LEU A 557 -36.07 32.02 15.37
C LEU A 557 -36.97 31.29 14.39
N CYS A 558 -37.10 31.86 13.19
CA CYS A 558 -37.81 31.25 12.07
C CYS A 558 -36.95 31.31 10.81
N ALA A 559 -36.65 30.15 10.24
CA ALA A 559 -35.90 30.06 9.00
C ALA A 559 -36.85 29.88 7.83
N ILE A 560 -36.58 30.60 6.74
CA ILE A 560 -37.49 30.64 5.60
C ILE A 560 -36.69 30.81 4.32
N GLY A 561 -37.15 30.16 3.26
CA GLY A 561 -36.63 30.41 1.93
C GLY A 561 -37.75 30.78 0.98
N LEU A 562 -37.43 31.68 0.05
CA LEU A 562 -38.44 32.30 -0.80
C LEU A 562 -38.26 31.94 -2.27
N TRP A 563 -39.24 32.36 -3.07
CA TRP A 563 -39.32 31.99 -4.49
C TRP A 563 -38.45 32.84 -5.42
N THR A 564 -38.75 34.12 -5.52
CA THR A 564 -38.24 34.87 -6.67
C THR A 564 -36.79 35.28 -6.49
N ASP A 565 -36.40 35.65 -5.27
CA ASP A 565 -35.10 36.24 -4.99
C ASP A 565 -34.15 35.23 -4.36
N ILE A 566 -34.10 34.01 -4.90
CA ILE A 566 -33.83 32.78 -4.15
C ILE A 566 -32.82 33.01 -3.05
N SER A 567 -33.22 32.71 -1.81
CA SER A 567 -32.52 33.23 -0.64
C SER A 567 -33.03 32.52 0.60
N ALA A 568 -32.11 32.23 1.51
CA ALA A 568 -32.43 31.73 2.84
C ALA A 568 -32.36 32.88 3.83
N ARG A 569 -33.43 33.08 4.58
CA ARG A 569 -33.52 34.17 5.54
C ARG A 569 -33.79 33.60 6.93
N ILE A 570 -33.22 34.26 7.93
CA ILE A 570 -33.51 33.98 9.33
C ILE A 570 -34.33 35.13 9.88
N LEU A 571 -35.46 34.79 10.49
CA LEU A 571 -36.34 35.79 11.07
C LEU A 571 -36.46 35.55 12.56
N LYS A 572 -36.63 36.62 13.32
CA LYS A 572 -36.79 36.51 14.76
C LYS A 572 -38.27 36.48 15.10
N LEU A 573 -38.63 35.67 16.10
CA LEU A 573 -40.00 35.60 16.59
C LEU A 573 -40.16 36.41 17.87
N PRO A 574 -41.30 37.07 18.08
CA PRO A 574 -42.42 37.17 17.14
C PRO A 574 -42.26 38.35 16.19
N SER A 575 -41.11 39.01 16.28
CA SER A 575 -40.90 40.26 15.58
C SER A 575 -41.11 40.11 14.09
N PHE A 576 -40.71 38.96 13.53
CA PHE A 576 -40.46 38.79 12.09
C PHE A 576 -39.41 39.76 11.58
N GLU A 577 -38.62 40.32 12.50
CA GLU A 577 -37.55 41.23 12.15
C GLU A 577 -36.43 40.47 11.46
N LEU A 578 -36.02 40.95 10.29
CA LEU A 578 -34.98 40.26 9.54
C LEU A 578 -33.68 40.28 10.33
N LEU A 579 -32.94 39.17 10.25
CA LEU A 579 -31.65 39.07 10.93
C LEU A 579 -30.49 38.84 9.99
N HIS A 580 -30.65 37.97 8.99
CA HIS A 580 -29.55 37.63 8.11
C HIS A 580 -30.09 36.98 6.86
N LYS A 581 -29.64 37.45 5.70
CA LYS A 581 -30.07 36.94 4.41
C LYS A 581 -28.86 36.47 3.61
N GLU A 582 -28.98 35.31 2.99
CA GLU A 582 -27.94 34.74 2.13
C GLU A 582 -28.49 34.51 0.73
N MET A 583 -27.91 35.19 -0.25
CA MET A 583 -28.29 34.99 -1.64
C MET A 583 -27.85 33.61 -2.10
N LEU A 584 -28.57 33.06 -3.07
CA LEU A 584 -28.21 31.78 -3.67
C LEU A 584 -28.35 31.90 -5.18
N GLY A 585 -27.41 31.34 -5.90
CA GLY A 585 -27.45 31.41 -7.35
C GLY A 585 -28.59 30.60 -7.93
N GLY A 586 -28.78 30.76 -9.23
CA GLY A 586 -29.76 29.97 -9.96
C GLY A 586 -31.17 30.52 -9.86
N GLU A 587 -32.04 29.99 -10.71
CA GLU A 587 -33.45 30.34 -10.76
C GLU A 587 -34.34 29.12 -10.54
N ILE A 588 -33.90 28.20 -9.69
CA ILE A 588 -34.71 27.10 -9.23
C ILE A 588 -34.81 27.16 -7.71
N ILE A 589 -36.03 27.09 -7.19
CA ILE A 589 -36.34 27.50 -5.83
C ILE A 589 -35.93 26.42 -4.82
N PRO A 590 -35.70 26.79 -3.56
CA PRO A 590 -35.56 25.78 -2.51
C PRO A 590 -36.88 25.12 -2.19
N ARG A 591 -36.79 23.91 -1.65
CA ARG A 591 -37.99 23.14 -1.35
C ARG A 591 -37.93 22.46 0.00
N SER A 592 -36.92 22.75 0.82
CA SER A 592 -36.77 22.18 2.15
C SER A 592 -35.69 22.95 2.90
N ILE A 593 -35.96 23.29 4.16
CA ILE A 593 -35.01 24.00 5.00
C ILE A 593 -35.18 23.51 6.43
N LEU A 594 -34.07 23.52 7.18
CA LEU A 594 -34.05 22.88 8.49
C LEU A 594 -32.95 23.47 9.34
N MET A 595 -33.21 23.52 10.65
CA MET A 595 -32.23 23.89 11.66
C MET A 595 -32.10 22.73 12.65
N THR A 596 -30.89 22.21 12.81
CA THR A 596 -30.65 21.16 13.78
C THR A 596 -29.40 21.42 14.60
N THR A 597 -28.98 20.42 15.37
CA THR A 597 -27.82 20.56 16.24
C THR A 597 -26.98 19.30 16.13
N PHE A 598 -25.78 19.44 15.59
CA PHE A 598 -24.83 18.33 15.48
C PHE A 598 -23.72 18.51 16.51
N GLU A 599 -23.72 17.66 17.53
CA GLU A 599 -22.61 17.51 18.46
C GLU A 599 -22.26 18.86 19.08
N SER A 600 -23.29 19.53 19.59
CA SER A 600 -23.25 20.84 20.25
C SER A 600 -22.87 21.98 19.32
N SER A 601 -22.80 21.74 18.02
CA SER A 601 -22.60 22.79 17.02
C SER A 601 -23.89 22.98 16.24
N HIS A 602 -24.30 24.23 16.07
CA HIS A 602 -25.58 24.54 15.46
C HIS A 602 -25.37 24.86 13.99
N TYR A 603 -26.08 24.14 13.12
CA TYR A 603 -25.95 24.25 11.67
C TYR A 603 -27.31 24.58 11.06
N LEU A 604 -27.30 24.91 9.76
CA LEU A 604 -28.53 25.13 9.01
C LEU A 604 -28.43 24.45 7.64
N LEU A 605 -29.51 23.80 7.24
CA LEU A 605 -29.56 23.01 6.01
C LEU A 605 -30.64 23.57 5.09
N CYS A 606 -30.34 23.65 3.79
CA CYS A 606 -31.29 24.16 2.81
C CYS A 606 -31.09 23.43 1.48
N ALA A 607 -32.08 22.63 1.09
CA ALA A 607 -32.01 21.85 -0.14
C ALA A 607 -32.74 22.55 -1.28
N LEU A 608 -32.27 22.32 -2.51
CA LEU A 608 -32.84 22.91 -3.71
C LEU A 608 -33.57 21.86 -4.53
N GLY A 609 -34.23 22.33 -5.59
CA GLY A 609 -35.07 21.46 -6.41
C GLY A 609 -34.34 20.59 -7.40
N ASP A 610 -33.03 20.78 -7.56
CA ASP A 610 -32.23 19.93 -8.42
C ASP A 610 -31.43 18.88 -7.66
N GLY A 611 -31.62 18.77 -6.35
CA GLY A 611 -30.83 17.85 -5.55
C GLY A 611 -29.55 18.44 -4.99
N ALA A 612 -29.44 19.76 -4.95
CA ALA A 612 -28.30 20.43 -4.33
C ALA A 612 -28.64 20.81 -2.90
N LEU A 613 -27.61 20.87 -2.07
CA LEU A 613 -27.77 21.16 -0.65
C LEU A 613 -26.69 22.15 -0.22
N PHE A 614 -27.14 23.28 0.32
CA PHE A 614 -26.26 24.22 1.00
C PHE A 614 -26.39 24.02 2.50
N TYR A 615 -25.26 24.11 3.21
CA TYR A 615 -25.30 24.04 4.66
C TYR A 615 -24.34 25.05 5.26
N PHE A 616 -24.80 25.71 6.33
CA PHE A 616 -24.13 26.85 6.95
C PHE A 616 -23.88 26.54 8.43
N GLY A 617 -23.37 27.54 9.15
CA GLY A 617 -23.28 27.47 10.59
C GLY A 617 -24.27 28.47 11.15
N LEU A 618 -24.64 28.35 12.42
CA LEU A 618 -25.68 29.22 12.98
C LEU A 618 -25.31 29.67 14.37
N ASN A 619 -25.32 30.99 14.59
CA ASN A 619 -25.20 31.57 15.93
C ASN A 619 -26.62 31.86 16.40
N ILE A 620 -27.14 30.99 17.28
CA ILE A 620 -28.53 31.11 17.70
C ILE A 620 -28.80 32.45 18.36
N GLU A 621 -27.78 33.06 19.00
CA GLU A 621 -28.00 34.34 19.64
C GLU A 621 -28.16 35.45 18.61
N THR A 622 -27.39 35.42 17.54
CA THR A 622 -27.38 36.48 16.54
C THR A 622 -27.95 36.07 15.19
N GLY A 623 -28.16 34.78 14.96
CA GLY A 623 -28.63 34.30 13.67
C GLY A 623 -27.64 34.60 12.56
N LEU A 624 -26.43 34.11 12.72
CA LEU A 624 -25.36 34.37 11.77
C LEU A 624 -25.02 33.11 11.00
N LEU A 625 -25.04 33.21 9.68
CA LEU A 625 -24.70 32.11 8.79
C LEU A 625 -23.28 32.31 8.27
N SER A 626 -22.44 31.28 8.44
CA SER A 626 -21.03 31.40 8.12
C SER A 626 -20.55 30.19 7.33
N ASP A 627 -19.51 30.40 6.54
CA ASP A 627 -18.79 29.33 5.83
C ASP A 627 -19.76 28.54 4.93
N ARG A 628 -20.30 29.24 3.94
CA ARG A 628 -21.18 28.63 2.94
C ARG A 628 -20.52 27.45 2.25
N LYS A 629 -21.22 26.32 2.22
CA LYS A 629 -20.74 25.11 1.56
C LYS A 629 -21.89 24.48 0.78
N LYS A 630 -21.54 23.69 -0.22
CA LYS A 630 -22.47 23.19 -1.23
C LYS A 630 -22.14 21.75 -1.58
N VAL A 631 -23.16 20.89 -1.56
CA VAL A 631 -23.04 19.50 -1.94
C VAL A 631 -24.20 19.16 -2.87
N THR A 632 -24.17 17.95 -3.42
CA THR A 632 -25.18 17.49 -4.35
C THR A 632 -25.66 16.11 -3.94
N LEU A 633 -26.98 15.91 -3.93
CA LEU A 633 -27.57 14.62 -3.57
C LEU A 633 -28.54 14.21 -4.67
N GLY A 634 -28.02 13.57 -5.71
CA GLY A 634 -28.92 13.08 -6.73
C GLY A 634 -29.57 14.19 -7.55
N THR A 635 -30.76 13.88 -8.06
CA THR A 635 -31.44 14.76 -9.01
C THR A 635 -32.82 15.19 -8.56
N GLN A 636 -33.53 14.34 -7.81
CA GLN A 636 -34.86 14.70 -7.32
C GLN A 636 -34.76 15.71 -6.19
N PRO A 637 -35.82 16.48 -5.97
CA PRO A 637 -35.80 17.43 -4.85
C PRO A 637 -35.70 16.70 -3.53
N THR A 638 -34.95 17.29 -2.61
CA THR A 638 -34.59 16.63 -1.36
C THR A 638 -35.59 17.00 -0.27
N VAL A 639 -35.98 16.01 0.53
CA VAL A 639 -36.87 16.19 1.66
C VAL A 639 -36.09 15.83 2.91
N LEU A 640 -35.85 16.83 3.77
CA LEU A 640 -35.05 16.67 4.96
C LEU A 640 -35.94 16.44 6.16
N ARG A 641 -35.49 15.58 7.08
CA ARG A 641 -36.26 15.37 8.30
C ARG A 641 -35.38 14.76 9.39
N THR A 642 -35.64 15.17 10.63
CA THR A 642 -34.82 14.82 11.79
C THR A 642 -35.26 13.49 12.39
N PHE A 643 -34.29 12.67 12.78
CA PHE A 643 -34.55 11.50 13.57
C PHE A 643 -33.40 11.30 14.53
N ARG A 644 -33.67 10.64 15.66
CA ARG A 644 -32.66 10.37 16.66
C ARG A 644 -32.46 8.87 16.80
N SER A 645 -31.21 8.45 16.92
CA SER A 645 -30.87 7.04 17.07
C SER A 645 -29.72 6.90 18.06
N LEU A 646 -29.91 6.05 19.07
CA LEU A 646 -28.92 5.83 20.12
C LEU A 646 -28.61 7.12 20.87
N SER A 647 -29.68 7.87 21.18
CA SER A 647 -29.61 9.14 21.91
C SER A 647 -28.74 10.18 21.20
N THR A 648 -28.62 10.06 19.87
CA THR A 648 -27.88 11.02 19.06
C THR A 648 -28.73 11.47 17.89
N THR A 649 -28.73 12.78 17.63
CA THR A 649 -29.56 13.35 16.58
C THR A 649 -28.87 13.25 15.23
N ASN A 650 -29.65 12.90 14.20
CA ASN A 650 -29.16 12.77 12.85
C ASN A 650 -30.25 13.23 11.88
N VAL A 651 -29.86 13.41 10.62
CA VAL A 651 -30.76 13.93 9.59
C VAL A 651 -30.79 12.97 8.42
N PHE A 652 -32.00 12.64 7.96
CA PHE A 652 -32.24 11.73 6.84
C PHE A 652 -32.67 12.59 5.65
N ALA A 653 -32.03 12.39 4.51
CA ALA A 653 -32.32 13.19 3.31
C ALA A 653 -32.99 12.31 2.27
N CYS A 654 -34.23 12.63 1.94
CA CYS A 654 -35.01 11.83 1.00
C CYS A 654 -34.80 12.35 -0.41
N SER A 655 -34.31 11.48 -1.29
CA SER A 655 -34.11 11.82 -2.69
C SER A 655 -33.95 10.52 -3.48
N ASP A 656 -33.58 10.64 -4.75
CA ASP A 656 -33.18 9.47 -5.53
C ASP A 656 -31.86 8.88 -5.05
N ARG A 657 -31.12 9.60 -4.22
CA ARG A 657 -29.96 9.08 -3.50
C ARG A 657 -30.19 9.37 -2.02
N PRO A 658 -30.94 8.51 -1.34
CA PRO A 658 -31.22 8.74 0.09
C PRO A 658 -29.94 8.75 0.90
N THR A 659 -29.82 9.75 1.78
CA THR A 659 -28.56 10.04 2.45
C THR A 659 -28.85 10.45 3.89
N VAL A 660 -28.03 9.98 4.80
CA VAL A 660 -28.08 10.42 6.19
C VAL A 660 -26.96 11.44 6.41
N ILE A 661 -27.25 12.48 7.16
CA ILE A 661 -26.29 13.54 7.46
C ILE A 661 -25.94 13.45 8.94
N TYR A 662 -24.64 13.32 9.23
CA TYR A 662 -24.18 13.30 10.61
C TYR A 662 -22.83 14.01 10.69
N SER A 663 -22.27 14.08 11.89
CA SER A 663 -21.02 14.80 12.14
C SER A 663 -20.01 13.86 12.79
N SER A 664 -18.81 13.80 12.20
CA SER A 664 -17.71 13.02 12.73
C SER A 664 -16.52 13.96 12.95
N ASN A 665 -16.11 14.11 14.22
CA ASN A 665 -15.06 15.03 14.61
C ASN A 665 -15.37 16.45 14.13
N HIS A 666 -16.59 16.89 14.42
CA HIS A 666 -17.04 18.27 14.24
C HIS A 666 -17.08 18.71 12.78
N LYS A 667 -17.04 17.77 11.85
CA LYS A 667 -17.30 18.02 10.43
C LYS A 667 -18.45 17.14 9.98
N LEU A 668 -19.35 17.72 9.19
CA LEU A 668 -20.46 16.95 8.64
C LEU A 668 -19.94 15.91 7.64
N VAL A 669 -20.57 14.74 7.68
CA VAL A 669 -20.23 13.61 6.82
C VAL A 669 -21.52 13.09 6.21
N PHE A 670 -21.47 12.72 4.93
CA PHE A 670 -22.64 12.29 4.19
C PHE A 670 -22.48 10.82 3.81
N SER A 671 -23.16 9.95 4.56
CA SER A 671 -23.14 8.52 4.31
C SER A 671 -24.37 8.11 3.49
N ASN A 672 -24.17 7.14 2.60
CA ASN A 672 -25.25 6.71 1.73
C ASN A 672 -26.27 5.87 2.48
N VAL A 673 -27.45 5.74 1.88
CA VAL A 673 -28.48 4.81 2.32
C VAL A 673 -28.64 3.76 1.24
N ASN A 674 -28.54 2.49 1.63
CA ASN A 674 -28.54 1.40 0.65
C ASN A 674 -29.96 1.03 0.23
N LEU A 675 -30.66 2.03 -0.31
CA LEU A 675 -32.02 1.86 -0.81
C LEU A 675 -32.11 2.35 -2.24
N LYS A 676 -33.24 2.00 -2.88
CA LYS A 676 -33.46 2.38 -4.27
C LYS A 676 -33.93 3.82 -4.40
N GLU A 677 -34.89 4.25 -3.58
CA GLU A 677 -35.37 5.61 -3.53
C GLU A 677 -36.36 5.78 -2.39
N VAL A 678 -36.23 6.88 -1.66
CA VAL A 678 -37.10 7.23 -0.54
C VAL A 678 -37.70 8.60 -0.80
N ASN A 679 -39.04 8.69 -0.80
CA ASN A 679 -39.70 9.98 -1.01
C ASN A 679 -40.06 10.69 0.29
N TYR A 680 -40.53 9.93 1.28
CA TYR A 680 -40.89 10.50 2.58
C TYR A 680 -40.41 9.56 3.68
N MET A 681 -40.26 10.12 4.88
CA MET A 681 -39.69 9.41 6.01
C MET A 681 -40.25 9.98 7.30
N CYS A 682 -40.44 9.12 8.29
CA CYS A 682 -40.68 9.59 9.65
C CYS A 682 -40.16 8.54 10.61
N PRO A 683 -39.69 8.93 11.78
CA PRO A 683 -39.32 7.95 12.82
C PRO A 683 -40.55 7.29 13.41
N LEU A 684 -40.30 6.18 14.13
CA LEU A 684 -41.40 5.35 14.60
C LEU A 684 -40.94 4.48 15.76
N ASN A 685 -41.71 4.48 16.86
CA ASN A 685 -41.40 3.67 18.04
C ASN A 685 -42.72 3.16 18.61
N SER A 686 -43.10 1.94 18.25
CA SER A 686 -44.33 1.33 18.71
C SER A 686 -44.05 0.02 19.43
N ASP A 687 -45.07 -0.46 20.13
CA ASP A 687 -44.95 -1.74 20.83
C ASP A 687 -44.78 -2.91 19.89
N GLY A 688 -44.85 -2.71 18.58
CA GLY A 688 -44.58 -3.76 17.63
C GLY A 688 -43.39 -3.46 16.73
N TYR A 689 -42.94 -2.21 16.75
CA TYR A 689 -41.84 -1.74 15.90
C TYR A 689 -40.98 -0.78 16.68
N PRO A 690 -40.08 -1.30 17.52
CA PRO A 690 -39.28 -0.44 18.40
C PRO A 690 -38.19 0.31 17.64
N ASP A 691 -38.07 1.60 17.94
CA ASP A 691 -36.99 2.45 17.45
C ASP A 691 -36.79 2.31 15.94
N SER A 692 -37.87 2.02 15.22
CA SER A 692 -37.79 1.76 13.79
C SER A 692 -37.94 3.06 13.00
N LEU A 693 -37.98 2.94 11.67
CA LEU A 693 -38.24 4.06 10.79
C LEU A 693 -39.37 3.71 9.84
N ALA A 694 -40.12 4.73 9.43
CA ALA A 694 -41.20 4.55 8.46
C ALA A 694 -40.81 5.23 7.16
N LEU A 695 -40.70 4.43 6.10
CA LEU A 695 -40.23 4.92 4.80
C LEU A 695 -41.25 4.63 3.72
N ALA A 696 -41.36 5.55 2.78
CA ALA A 696 -42.31 5.41 1.68
C ALA A 696 -41.68 5.89 0.38
N ASN A 697 -41.61 5.01 -0.61
CA ASN A 697 -41.36 5.45 -1.97
C ASN A 697 -42.70 5.80 -2.58
N ASN A 698 -42.77 5.98 -3.88
CA ASN A 698 -44.08 6.31 -4.43
C ASN A 698 -44.92 5.09 -4.78
N SER A 699 -44.49 3.90 -4.34
CA SER A 699 -45.27 2.68 -4.56
C SER A 699 -45.50 1.83 -3.31
N THR A 700 -44.66 1.93 -2.28
CA THR A 700 -44.80 1.05 -1.13
C THR A 700 -44.47 1.80 0.16
N LEU A 701 -44.99 1.25 1.26
CA LEU A 701 -44.72 1.75 2.61
C LEU A 701 -43.99 0.67 3.39
N THR A 702 -42.76 0.95 3.78
CA THR A 702 -41.94 -0.01 4.51
C THR A 702 -41.65 0.51 5.91
N ILE A 703 -41.43 -0.42 6.84
CA ILE A 703 -41.03 -0.11 8.20
C ILE A 703 -39.89 -1.05 8.56
N GLY A 704 -38.86 -0.51 9.20
CA GLY A 704 -37.75 -1.36 9.60
C GLY A 704 -36.79 -0.60 10.49
N THR A 705 -35.70 -1.27 10.83
CA THR A 705 -34.66 -0.74 11.69
C THR A 705 -33.41 -0.43 10.88
N ILE A 706 -32.59 0.47 11.44
CA ILE A 706 -31.45 1.03 10.72
C ILE A 706 -30.16 0.48 11.30
N ASP A 707 -29.10 0.46 10.49
CA ASP A 707 -27.77 0.07 10.90
C ASP A 707 -27.10 1.19 11.70
N GLU A 708 -25.81 1.01 12.00
CA GLU A 708 -25.03 2.09 12.58
C GLU A 708 -24.83 3.21 11.56
N ILE A 709 -24.51 4.40 12.07
CA ILE A 709 -24.40 5.59 11.25
C ILE A 709 -22.90 5.79 11.00
N GLN A 710 -22.41 5.18 9.92
CA GLN A 710 -21.00 5.22 9.55
C GLN A 710 -20.89 5.02 8.05
N LYS A 711 -19.84 5.59 7.45
CA LYS A 711 -19.66 5.37 6.02
C LYS A 711 -19.19 3.95 5.73
N LEU A 712 -18.34 3.39 6.59
CA LEU A 712 -17.87 2.02 6.45
C LEU A 712 -18.03 1.32 7.79
N HIS A 713 -18.68 0.16 7.77
CA HIS A 713 -18.85 -0.68 8.94
C HIS A 713 -17.96 -1.90 8.77
N ILE A 714 -17.14 -2.17 9.79
CA ILE A 714 -16.11 -3.19 9.71
C ILE A 714 -16.33 -4.16 10.85
N ARG A 715 -16.65 -5.41 10.52
CA ARG A 715 -16.90 -6.44 11.51
C ARG A 715 -15.69 -7.37 11.57
N THR A 716 -15.08 -7.45 12.74
CA THR A 716 -13.89 -8.27 12.98
C THR A 716 -14.30 -9.66 13.46
N VAL A 717 -13.65 -10.68 12.91
CA VAL A 717 -13.89 -12.04 13.35
C VAL A 717 -12.56 -12.66 13.77
N PRO A 718 -12.16 -12.57 15.03
CA PRO A 718 -10.85 -13.10 15.43
C PRO A 718 -10.77 -14.62 15.28
N LEU A 719 -9.73 -15.06 14.57
CA LEU A 719 -9.45 -16.47 14.35
C LEU A 719 -8.31 -17.00 15.21
N TYR A 720 -7.44 -16.12 15.70
CA TYR A 720 -6.35 -16.46 16.62
C TYR A 720 -5.28 -17.33 15.95
N GLU A 721 -5.27 -17.36 14.63
CA GLU A 721 -4.22 -17.99 13.85
C GLU A 721 -4.14 -17.25 12.52
N SER A 722 -3.19 -17.66 11.68
CA SER A 722 -2.86 -16.90 10.47
C SER A 722 -3.72 -17.36 9.31
N PRO A 723 -4.62 -16.52 8.77
CA PRO A 723 -5.32 -16.86 7.53
C PRO A 723 -4.47 -16.59 6.30
N ARG A 724 -4.73 -17.36 5.25
CA ARG A 724 -3.96 -17.22 4.01
C ARG A 724 -4.82 -16.92 2.79
N LYS A 725 -5.90 -17.66 2.57
CA LYS A 725 -6.74 -17.49 1.39
C LYS A 725 -8.21 -17.59 1.78
N ILE A 726 -9.09 -17.30 0.83
CA ILE A 726 -10.54 -17.36 1.06
C ILE A 726 -11.25 -17.43 -0.29
N CYS A 727 -12.40 -18.11 -0.30
CA CYS A 727 -13.30 -18.08 -1.43
C CYS A 727 -14.69 -18.50 -0.96
N TYR A 728 -15.70 -18.09 -1.74
CA TYR A 728 -17.10 -18.18 -1.34
C TYR A 728 -17.83 -19.24 -2.17
N GLN A 729 -18.41 -20.22 -1.48
CA GLN A 729 -19.23 -21.23 -2.13
C GLN A 729 -20.68 -20.87 -1.82
N GLU A 730 -21.37 -20.33 -2.83
CA GLU A 730 -22.73 -19.85 -2.63
C GLU A 730 -23.70 -20.99 -2.34
N VAL A 731 -23.56 -22.10 -3.08
CA VAL A 731 -24.54 -23.18 -3.09
C VAL A 731 -24.57 -23.92 -1.76
N SER A 732 -23.74 -23.49 -0.81
CA SER A 732 -23.75 -24.04 0.53
C SER A 732 -23.74 -22.99 1.61
N GLN A 733 -23.82 -21.70 1.26
CA GLN A 733 -23.96 -20.62 2.24
C GLN A 733 -22.72 -20.55 3.15
N CYS A 734 -21.54 -20.82 2.59
CA CYS A 734 -20.34 -21.00 3.39
C CYS A 734 -19.17 -20.22 2.84
N PHE A 735 -18.14 -20.08 3.68
CA PHE A 735 -16.83 -19.57 3.33
C PHE A 735 -15.78 -20.66 3.52
N GLY A 736 -14.86 -20.75 2.57
CA GLY A 736 -13.70 -21.62 2.71
C GLY A 736 -12.47 -20.77 3.02
N VAL A 737 -11.80 -21.13 4.11
CA VAL A 737 -10.64 -20.38 4.61
C VAL A 737 -9.51 -21.35 4.89
N LEU A 738 -8.34 -21.06 4.33
CA LEU A 738 -7.10 -21.75 4.68
C LEU A 738 -6.38 -20.98 5.77
N SER A 739 -5.71 -21.71 6.67
CA SER A 739 -5.06 -21.08 7.80
C SER A 739 -3.73 -21.77 8.08
N SER A 740 -3.06 -21.29 9.14
CA SER A 740 -1.83 -21.89 9.64
C SER A 740 -1.61 -21.40 11.06
N ARG A 741 -1.37 -22.32 11.98
CA ARG A 741 -0.98 -21.99 13.34
C ARG A 741 0.39 -22.57 13.62
N ILE A 742 1.12 -21.92 14.51
CA ILE A 742 2.44 -22.40 14.91
C ILE A 742 2.31 -23.27 16.15
N GLU A 743 2.85 -24.48 16.06
CA GLU A 743 2.98 -25.37 17.20
C GLU A 743 4.46 -25.61 17.48
N VAL A 744 4.76 -25.98 18.71
CA VAL A 744 6.13 -26.30 19.13
C VAL A 744 6.27 -27.81 19.19
N GLN A 745 7.36 -28.32 18.64
CA GLN A 745 7.53 -29.76 18.51
C GLN A 745 7.68 -30.41 19.88
N ASP A 746 6.84 -31.41 20.14
CA ASP A 746 6.72 -31.99 21.48
C ASP A 746 7.88 -32.92 21.85
N THR A 751 4.82 -31.83 18.14
CA THR A 751 3.80 -30.81 17.97
C THR A 751 3.09 -30.49 19.28
N THR A 752 3.03 -29.20 19.61
CA THR A 752 2.30 -28.73 20.78
C THR A 752 1.89 -27.29 20.50
N ALA A 753 0.57 -27.04 20.49
CA ALA A 753 0.07 -25.72 20.16
C ALA A 753 0.45 -24.71 21.25
N LEU A 754 0.17 -23.44 20.96
CA LEU A 754 0.47 -22.35 21.89
C LEU A 754 -0.74 -21.78 22.59
N ARG A 755 -1.90 -21.77 21.92
CA ARG A 755 -3.09 -21.10 22.43
C ARG A 755 -4.28 -21.60 21.64
N PRO A 756 -5.47 -21.65 22.26
CA PRO A 756 -6.66 -22.11 21.53
C PRO A 756 -7.04 -21.13 20.43
N SER A 757 -6.98 -21.59 19.18
CA SER A 757 -7.37 -20.81 18.03
C SER A 757 -8.54 -21.48 17.34
N ALA A 758 -8.94 -20.93 16.19
CA ALA A 758 -10.13 -21.41 15.51
C ALA A 758 -9.97 -22.83 14.99
N SER A 759 -8.76 -23.22 14.61
CA SER A 759 -8.57 -24.54 14.03
C SER A 759 -8.62 -25.65 15.07
N THR A 760 -8.51 -25.33 16.36
CA THR A 760 -8.66 -26.31 17.41
C THR A 760 -9.99 -26.22 18.12
N GLN A 761 -10.85 -25.30 17.70
CA GLN A 761 -12.16 -25.09 18.30
C GLN A 761 -13.25 -25.11 17.24
N ALA A 762 -13.15 -26.03 16.29
CA ALA A 762 -14.22 -26.26 15.32
C ALA A 762 -15.27 -27.19 15.92
N LEU A 763 -16.50 -27.08 15.41
CA LEU A 763 -17.53 -28.03 15.79
C LEU A 763 -17.10 -29.45 15.45
N SER A 764 -16.94 -29.73 14.16
CA SER A 764 -16.42 -31.01 13.69
C SER A 764 -14.98 -30.82 13.23
N SER A 765 -14.09 -31.66 13.73
CA SER A 765 -12.69 -31.64 13.33
C SER A 765 -12.33 -32.92 12.59
N SER A 766 -11.29 -32.84 11.76
CA SER A 766 -10.88 -33.97 10.96
C SER A 766 -9.38 -33.88 10.67
N VAL A 767 -8.84 -34.97 10.14
CA VAL A 767 -7.44 -35.05 9.74
C VAL A 767 -7.39 -35.83 8.42
N SER A 768 -6.28 -35.66 7.71
CA SER A 768 -6.13 -36.30 6.40
C SER A 768 -5.55 -37.70 6.56
N SER A 769 -6.18 -38.67 5.90
CA SER A 769 -5.77 -40.06 5.99
C SER A 769 -4.97 -40.52 4.77
N SER A 770 -4.39 -39.59 4.03
CA SER A 770 -3.57 -39.93 2.89
C SER A 770 -2.28 -40.60 3.36
N LYS A 771 -1.70 -41.42 2.47
CA LYS A 771 -0.48 -42.15 2.78
C LYS A 771 0.47 -42.19 1.59
N LEU A 772 0.41 -41.18 0.72
CA LEU A 772 1.22 -41.19 -0.50
C LEU A 772 2.70 -40.93 -0.24
N PHE A 773 3.07 -40.55 0.97
CA PHE A 773 4.44 -40.10 1.23
C PHE A 773 5.12 -40.93 2.31
N SER A 774 5.04 -42.25 2.18
CA SER A 774 5.61 -43.19 3.14
C SER A 774 7.00 -42.83 3.66
N PRO A 779 13.59 -39.15 6.67
CA PRO A 779 14.86 -38.46 6.38
C PRO A 779 14.97 -37.07 7.00
N HIS A 780 13.90 -36.64 7.67
CA HIS A 780 13.81 -35.31 8.25
C HIS A 780 13.81 -35.45 9.75
N GLU A 781 14.74 -34.76 10.40
CA GLU A 781 14.83 -34.71 11.84
C GLU A 781 14.40 -33.34 12.33
N THR A 782 13.68 -33.33 13.44
CA THR A 782 13.25 -32.10 14.10
C THR A 782 13.93 -31.97 15.45
N SER A 783 14.49 -30.79 15.70
CA SER A 783 15.02 -30.44 17.01
C SER A 783 13.87 -29.94 17.85
N PHE A 784 13.48 -30.72 18.85
CA PHE A 784 12.25 -30.48 19.58
C PHE A 784 12.32 -29.13 20.30
N GLY A 785 11.27 -28.32 20.15
CA GLY A 785 11.27 -26.93 20.53
C GLY A 785 11.22 -25.98 19.35
N GLU A 786 11.74 -26.40 18.20
CA GLU A 786 11.63 -25.64 16.96
C GLU A 786 10.17 -25.41 16.59
N GLU A 787 9.90 -24.34 15.86
CA GLU A 787 8.54 -23.99 15.46
C GLU A 787 8.19 -24.58 14.11
N VAL A 788 6.97 -25.12 13.99
CA VAL A 788 6.48 -25.70 12.75
C VAL A 788 5.07 -25.19 12.48
N GLU A 789 4.78 -24.83 11.23
CA GLU A 789 3.43 -24.42 10.87
C GLU A 789 2.56 -25.67 10.68
N VAL A 790 1.32 -25.58 11.14
CA VAL A 790 0.32 -26.60 10.88
C VAL A 790 -0.84 -25.91 10.16
N HIS A 791 -1.21 -26.44 8.99
CA HIS A 791 -2.24 -25.87 8.15
C HIS A 791 -3.57 -26.59 8.33
N ASN A 792 -4.64 -25.87 8.01
CA ASN A 792 -6.01 -26.34 8.22
C ASN A 792 -6.89 -25.75 7.13
N LEU A 793 -7.94 -26.49 6.78
CA LEU A 793 -9.05 -25.95 5.99
C LEU A 793 -10.18 -25.59 6.95
N LEU A 794 -10.53 -24.31 6.98
CA LEU A 794 -11.58 -23.81 7.85
C LEU A 794 -12.81 -23.50 7.01
N ILE A 795 -13.98 -23.91 7.48
CA ILE A 795 -15.24 -23.56 6.84
C ILE A 795 -16.11 -22.80 7.83
N ILE A 796 -16.70 -21.70 7.37
CA ILE A 796 -17.27 -20.67 8.22
C ILE A 796 -18.65 -20.29 7.70
N ASP A 797 -19.58 -20.07 8.61
CA ASP A 797 -20.93 -19.68 8.25
C ASP A 797 -20.96 -18.29 7.63
N GLN A 798 -21.93 -18.09 6.74
CA GLN A 798 -22.11 -16.80 6.09
C GLN A 798 -22.75 -15.75 7.00
N HIS A 799 -23.59 -16.15 7.96
CA HIS A 799 -24.27 -15.21 8.84
C HIS A 799 -23.62 -15.07 10.21
N THR A 800 -23.32 -16.18 10.87
CA THR A 800 -22.76 -16.09 12.20
C THR A 800 -21.24 -16.16 12.25
N PHE A 801 -20.59 -16.64 11.18
CA PHE A 801 -19.13 -16.67 11.11
C PHE A 801 -18.50 -17.48 12.24
N GLU A 802 -19.13 -18.58 12.63
CA GLU A 802 -18.53 -19.48 13.61
C GLU A 802 -17.95 -20.68 12.87
N VAL A 803 -16.81 -21.17 13.36
CA VAL A 803 -16.05 -22.19 12.64
C VAL A 803 -16.85 -23.49 12.66
N LEU A 804 -17.30 -23.92 11.49
CA LEU A 804 -18.17 -25.09 11.43
C LEU A 804 -17.37 -26.39 11.38
N HIS A 805 -16.31 -26.42 10.56
CA HIS A 805 -15.46 -27.60 10.46
C HIS A 805 -14.04 -27.16 10.15
N ALA A 806 -13.06 -27.84 10.74
CA ALA A 806 -11.65 -27.56 10.52
C ALA A 806 -10.95 -28.84 10.09
N HIS A 807 -10.55 -28.89 8.83
CA HIS A 807 -9.82 -30.04 8.31
C HIS A 807 -8.33 -29.77 8.40
N GLN A 808 -7.62 -30.55 9.21
CA GLN A 808 -6.18 -30.45 9.33
C GLN A 808 -5.49 -31.23 8.22
N PHE A 809 -4.48 -30.62 7.62
CA PHE A 809 -3.67 -31.26 6.59
C PHE A 809 -2.54 -32.05 7.25
N LEU A 810 -1.64 -32.60 6.43
CA LEU A 810 -0.57 -33.45 6.95
C LEU A 810 0.49 -32.60 7.64
N GLN A 811 1.55 -33.26 8.10
CA GLN A 811 2.69 -32.56 8.66
C GLN A 811 3.57 -31.99 7.55
N ASN A 812 4.11 -30.79 7.79
CA ASN A 812 5.01 -30.12 6.87
C ASN A 812 4.36 -29.86 5.51
N GLU A 813 3.03 -29.93 5.44
CA GLU A 813 2.27 -29.68 4.22
C GLU A 813 1.58 -28.33 4.34
N TYR A 814 1.91 -27.40 3.46
CA TYR A 814 1.31 -26.08 3.48
C TYR A 814 0.16 -26.01 2.48
N ALA A 815 -0.90 -25.30 2.86
CA ALA A 815 -2.03 -25.06 1.97
C ALA A 815 -1.81 -23.76 1.21
N LEU A 816 -1.70 -23.84 -0.12
CA LEU A 816 -1.24 -22.71 -0.92
C LEU A 816 -2.27 -22.15 -1.89
N SER A 817 -3.19 -22.96 -2.42
CA SER A 817 -4.17 -22.50 -3.38
C SER A 817 -5.56 -23.05 -3.04
N LEU A 818 -6.59 -22.26 -3.36
CA LEU A 818 -7.96 -22.59 -2.99
C LEU A 818 -8.92 -22.09 -4.07
N VAL A 819 -9.83 -22.97 -4.49
CA VAL A 819 -10.83 -22.68 -5.51
C VAL A 819 -12.12 -23.40 -5.15
N SER A 820 -13.24 -22.71 -5.28
CA SER A 820 -14.57 -23.31 -5.18
C SER A 820 -15.24 -23.18 -6.54
N CYS A 821 -15.63 -24.31 -7.13
CA CYS A 821 -16.24 -24.32 -8.44
C CYS A 821 -16.75 -25.72 -8.73
N LYS A 822 -17.42 -25.87 -9.86
CA LYS A 822 -17.77 -27.17 -10.38
C LYS A 822 -17.03 -27.41 -11.70
N LEU A 823 -16.56 -28.64 -11.89
CA LEU A 823 -15.66 -28.98 -12.97
C LEU A 823 -16.31 -29.94 -13.95
N GLY A 824 -16.07 -29.72 -15.23
CA GLY A 824 -16.59 -30.60 -16.26
C GLY A 824 -18.10 -30.59 -16.35
N LYS A 825 -18.72 -31.75 -16.14
CA LYS A 825 -20.16 -31.88 -16.17
C LYS A 825 -20.76 -32.22 -14.82
N ASP A 826 -19.94 -32.38 -13.79
CA ASP A 826 -20.46 -32.68 -12.47
C ASP A 826 -21.20 -31.47 -11.92
N PRO A 827 -22.52 -31.57 -11.66
CA PRO A 827 -23.23 -30.43 -11.06
C PRO A 827 -22.89 -30.23 -9.59
N ASN A 828 -22.15 -31.14 -8.98
CA ASN A 828 -21.67 -30.94 -7.62
C ASN A 828 -20.67 -29.78 -7.59
N THR A 829 -20.76 -28.97 -6.55
CA THR A 829 -19.83 -27.87 -6.35
C THR A 829 -18.86 -28.23 -5.23
N TYR A 830 -17.57 -27.98 -5.47
CA TYR A 830 -16.51 -28.52 -4.65
C TYR A 830 -15.65 -27.40 -4.06
N PHE A 831 -14.87 -27.78 -3.04
CA PHE A 831 -13.68 -27.06 -2.61
C PHE A 831 -12.44 -27.79 -3.14
N ILE A 832 -11.53 -27.04 -3.76
CA ILE A 832 -10.32 -27.60 -4.36
C ILE A 832 -9.11 -26.90 -3.75
N VAL A 833 -8.14 -27.69 -3.29
CA VAL A 833 -6.97 -27.15 -2.60
C VAL A 833 -5.71 -27.70 -3.27
N GLY A 834 -4.70 -26.85 -3.37
CA GLY A 834 -3.38 -27.24 -3.83
C GLY A 834 -2.31 -26.96 -2.78
N THR A 835 -1.53 -27.97 -2.45
CA THR A 835 -0.60 -27.90 -1.33
C THR A 835 0.83 -28.12 -1.79
N ALA A 836 1.74 -28.25 -0.82
CA ALA A 836 3.15 -28.43 -1.08
C ALA A 836 3.83 -28.97 0.17
N MET A 837 4.77 -29.89 -0.01
CA MET A 837 5.48 -30.48 1.11
C MET A 837 6.71 -29.61 1.40
N VAL A 838 6.69 -28.92 2.52
CA VAL A 838 7.67 -27.90 2.85
C VAL A 838 8.57 -28.43 3.96
N TYR A 839 9.80 -28.78 3.61
CA TYR A 839 10.79 -29.22 4.58
C TYR A 839 11.88 -28.17 4.69
N PRO A 840 12.24 -27.76 5.91
CA PRO A 840 13.08 -26.55 6.05
C PRO A 840 14.47 -26.66 5.45
N GLU A 841 15.10 -27.83 5.53
CA GLU A 841 16.43 -27.98 4.96
C GLU A 841 16.44 -28.06 3.44
N GLU A 842 15.29 -28.24 2.80
CA GLU A 842 15.22 -28.22 1.35
C GLU A 842 15.06 -26.78 0.85
N ALA A 843 15.59 -26.52 -0.34
CA ALA A 843 15.57 -25.18 -0.90
C ALA A 843 14.30 -24.86 -1.66
N GLU A 844 13.68 -25.87 -2.28
CA GLU A 844 12.52 -25.74 -3.11
C GLU A 844 11.76 -27.03 -2.89
N PRO A 845 10.46 -26.97 -2.58
CA PRO A 845 9.71 -28.21 -2.37
C PRO A 845 9.69 -29.08 -3.63
N LYS A 846 9.76 -30.39 -3.40
CA LYS A 846 9.75 -31.35 -4.48
C LYS A 846 8.47 -32.18 -4.54
N GLN A 847 7.55 -32.00 -3.58
CA GLN A 847 6.36 -32.83 -3.46
C GLN A 847 5.13 -31.95 -3.25
N GLY A 848 4.03 -32.32 -3.89
CA GLY A 848 2.80 -31.58 -3.81
C GLY A 848 1.57 -32.46 -3.84
N ARG A 849 0.40 -31.85 -3.97
CA ARG A 849 -0.87 -32.55 -3.83
C ARG A 849 -1.99 -31.60 -4.23
N ILE A 850 -3.01 -32.13 -4.92
CA ILE A 850 -4.21 -31.37 -5.25
C ILE A 850 -5.44 -32.15 -4.81
N VAL A 851 -6.18 -31.63 -3.83
CA VAL A 851 -7.24 -32.38 -3.18
C VAL A 851 -8.60 -31.78 -3.56
N VAL A 852 -9.60 -32.65 -3.66
CA VAL A 852 -10.95 -32.25 -4.00
C VAL A 852 -11.87 -32.59 -2.84
N PHE A 853 -12.65 -31.60 -2.39
CA PHE A 853 -13.55 -31.74 -1.26
C PHE A 853 -14.96 -31.37 -1.69
N GLN A 854 -15.96 -31.93 -1.01
CA GLN A 854 -17.29 -31.34 -0.98
C GLN A 854 -17.75 -31.25 0.46
N TYR A 855 -18.43 -30.16 0.80
CA TYR A 855 -18.98 -29.97 2.13
C TYR A 855 -20.43 -30.43 2.11
N SER A 856 -20.67 -31.61 2.67
CA SER A 856 -22.01 -32.19 2.69
C SER A 856 -22.88 -31.45 3.70
N ASP A 857 -24.08 -31.97 3.93
CA ASP A 857 -24.99 -31.38 4.90
C ASP A 857 -24.43 -31.68 6.29
N GLY A 858 -23.48 -30.86 6.71
CA GLY A 858 -22.90 -30.99 8.03
C GLY A 858 -21.48 -31.50 8.05
N LYS A 859 -21.14 -32.43 7.15
CA LYS A 859 -19.84 -33.06 7.12
C LYS A 859 -19.01 -32.59 5.93
N LEU A 860 -17.76 -33.05 5.91
CA LEU A 860 -16.79 -32.70 4.87
C LEU A 860 -16.23 -34.00 4.29
N GLN A 861 -16.46 -34.21 3.00
CA GLN A 861 -16.12 -35.45 2.34
C GLN A 861 -14.91 -35.26 1.44
N THR A 862 -13.92 -36.15 1.59
CA THR A 862 -12.75 -36.19 0.72
C THR A 862 -13.09 -36.95 -0.56
N VAL A 863 -12.87 -36.33 -1.71
CA VAL A 863 -13.28 -36.92 -2.98
C VAL A 863 -12.09 -37.53 -3.71
N ALA A 864 -11.11 -36.70 -4.05
CA ALA A 864 -10.03 -37.15 -4.92
C ALA A 864 -8.74 -36.45 -4.54
N GLU A 865 -7.63 -37.02 -5.01
CA GLU A 865 -6.29 -36.48 -4.84
C GLU A 865 -5.58 -36.49 -6.18
N LYS A 866 -4.39 -35.86 -6.21
CA LYS A 866 -3.52 -35.92 -7.39
C LYS A 866 -2.12 -35.54 -6.96
N GLU A 867 -1.18 -36.48 -7.04
CA GLU A 867 0.19 -36.23 -6.65
C GLU A 867 0.94 -35.44 -7.73
N VAL A 868 1.69 -34.44 -7.28
CA VAL A 868 2.51 -33.60 -8.16
C VAL A 868 3.85 -33.38 -7.51
N LYS A 869 4.87 -33.11 -8.33
CA LYS A 869 6.23 -32.94 -7.83
C LYS A 869 6.58 -31.46 -7.61
N GLY A 870 5.75 -30.74 -6.87
CA GLY A 870 6.06 -29.34 -6.60
C GLY A 870 4.91 -28.63 -5.94
N ALA A 871 5.12 -27.33 -5.72
CA ALA A 871 4.17 -26.52 -4.98
C ALA A 871 3.10 -25.97 -5.91
N VAL A 872 1.85 -25.99 -5.47
CA VAL A 872 0.73 -25.47 -6.26
C VAL A 872 0.49 -24.05 -5.76
N TYR A 873 1.22 -23.10 -6.35
CA TYR A 873 1.13 -21.72 -5.88
C TYR A 873 -0.14 -21.01 -6.30
N SER A 874 -0.81 -21.50 -7.35
CA SER A 874 -1.99 -20.81 -7.85
C SER A 874 -2.79 -21.74 -8.76
N MET A 875 -4.11 -21.64 -8.67
CA MET A 875 -4.98 -22.37 -9.58
C MET A 875 -6.33 -21.66 -9.66
N VAL A 876 -7.07 -21.95 -10.72
CA VAL A 876 -8.27 -21.20 -11.07
C VAL A 876 -9.12 -22.02 -12.02
N GLU A 877 -10.44 -21.86 -11.90
CA GLU A 877 -11.38 -22.57 -12.76
C GLU A 877 -11.30 -22.03 -14.19
N PHE A 878 -11.17 -22.94 -15.16
CA PHE A 878 -10.96 -22.55 -16.56
C PHE A 878 -11.90 -23.35 -17.45
N ASN A 879 -13.12 -22.85 -17.62
CA ASN A 879 -14.11 -23.41 -18.54
C ASN A 879 -14.40 -24.88 -18.24
N GLY A 880 -14.80 -25.14 -17.00
CA GLY A 880 -15.07 -26.49 -16.58
C GLY A 880 -13.84 -27.34 -16.39
N LYS A 881 -12.66 -26.79 -16.62
CA LYS A 881 -11.39 -27.46 -16.42
C LYS A 881 -10.64 -26.79 -15.29
N LEU A 882 -9.76 -27.53 -14.65
CA LEU A 882 -8.93 -27.00 -13.56
C LEU A 882 -7.58 -26.60 -14.12
N LEU A 883 -7.16 -25.38 -13.81
CA LEU A 883 -5.95 -24.76 -14.37
C LEU A 883 -5.03 -24.38 -13.23
N ALA A 884 -4.05 -25.25 -12.94
CA ALA A 884 -3.19 -25.10 -11.77
C ALA A 884 -1.75 -24.80 -12.18
N SER A 885 -0.99 -24.22 -11.24
CA SER A 885 0.43 -23.95 -11.44
C SER A 885 1.25 -24.76 -10.45
N ILE A 886 2.22 -25.49 -10.96
CA ILE A 886 3.20 -26.17 -10.13
C ILE A 886 4.54 -25.46 -10.38
N ASN A 887 5.54 -25.76 -9.54
CA ASN A 887 6.64 -24.83 -9.27
C ASN A 887 7.00 -23.95 -10.46
N SER A 888 7.32 -24.58 -11.59
CA SER A 888 7.69 -23.84 -12.79
C SER A 888 6.89 -24.28 -14.00
N THR A 889 5.70 -24.84 -13.77
CA THR A 889 4.89 -25.40 -14.84
C THR A 889 3.45 -24.90 -14.70
N VAL A 890 2.79 -24.68 -15.84
CA VAL A 890 1.39 -24.29 -15.88
C VAL A 890 0.61 -25.42 -16.53
N ARG A 891 -0.18 -26.14 -15.75
CA ARG A 891 -0.83 -27.37 -16.15
C ARG A 891 -2.32 -27.18 -16.24
N LEU A 892 -2.97 -28.03 -17.05
CA LEU A 892 -4.42 -27.98 -17.22
C LEU A 892 -4.98 -29.39 -17.05
N TYR A 893 -5.95 -29.53 -16.16
CA TYR A 893 -6.56 -30.82 -15.88
C TYR A 893 -7.97 -30.90 -16.46
N GLU A 894 -8.47 -32.13 -16.58
CA GLU A 894 -9.86 -32.41 -16.85
C GLU A 894 -10.40 -33.27 -15.71
N TRP A 895 -11.70 -33.18 -15.49
CA TRP A 895 -12.39 -33.89 -14.44
C TRP A 895 -13.09 -35.10 -15.04
N THR A 896 -12.73 -36.29 -14.57
CA THR A 896 -13.23 -37.52 -15.17
C THR A 896 -14.70 -37.73 -14.86
N THR A 897 -15.35 -38.53 -15.71
CA THR A 897 -16.64 -39.11 -15.33
C THR A 897 -16.48 -40.06 -14.15
N GLU A 898 -15.26 -40.54 -13.91
CA GLU A 898 -14.92 -41.38 -12.77
C GLU A 898 -14.45 -40.57 -11.57
N LYS A 899 -14.61 -39.25 -11.62
CA LYS A 899 -14.33 -38.34 -10.51
C LYS A 899 -12.86 -38.42 -10.07
N GLU A 900 -11.98 -38.15 -11.03
CA GLU A 900 -10.54 -38.02 -10.82
C GLU A 900 -10.01 -36.95 -11.77
N LEU A 901 -8.71 -36.67 -11.70
CA LEU A 901 -8.10 -35.62 -12.51
C LEU A 901 -7.20 -36.22 -13.57
N ARG A 902 -7.32 -35.72 -14.80
CA ARG A 902 -6.49 -36.14 -15.93
C ARG A 902 -5.87 -34.90 -16.55
N THR A 903 -4.55 -34.78 -16.45
CA THR A 903 -3.84 -33.67 -17.07
C THR A 903 -4.04 -33.67 -18.59
N GLU A 904 -3.98 -32.48 -19.18
CA GLU A 904 -4.14 -32.34 -20.62
C GLU A 904 -3.03 -31.52 -21.28
N CYS A 905 -2.59 -30.44 -20.65
CA CYS A 905 -1.64 -29.52 -21.27
C CYS A 905 -0.56 -29.15 -20.26
N ASN A 906 0.46 -28.47 -20.77
CA ASN A 906 1.57 -27.96 -19.97
C ASN A 906 2.10 -26.67 -20.56
N HIS A 907 2.85 -25.95 -19.73
CA HIS A 907 3.63 -24.79 -20.15
C HIS A 907 4.82 -24.67 -19.22
N TYR A 908 6.00 -24.48 -19.81
CA TYR A 908 7.25 -24.70 -19.12
C TYR A 908 8.14 -23.47 -19.03
N ASN A 909 7.94 -22.49 -19.92
CA ASN A 909 8.84 -21.33 -20.05
C ASN A 909 8.54 -20.27 -19.00
N ASN A 910 9.00 -20.51 -17.78
CA ASN A 910 8.91 -19.53 -16.71
C ASN A 910 9.72 -20.01 -15.51
N ILE A 911 10.12 -19.06 -14.66
CA ILE A 911 10.97 -19.39 -13.51
C ILE A 911 10.17 -20.06 -12.40
N MET A 912 9.18 -19.34 -11.85
CA MET A 912 8.24 -19.88 -10.87
C MET A 912 6.88 -19.28 -11.16
N ALA A 913 5.91 -20.11 -11.55
CA ALA A 913 4.58 -19.63 -11.91
C ALA A 913 3.78 -19.39 -10.63
N LEU A 914 3.68 -18.13 -10.22
CA LEU A 914 3.10 -17.81 -8.91
C LEU A 914 1.69 -17.27 -8.96
N TYR A 915 1.28 -16.62 -10.05
CA TYR A 915 0.04 -15.88 -10.07
C TYR A 915 -0.69 -16.15 -11.37
N LEU A 916 -1.96 -16.56 -11.27
CA LEU A 916 -2.76 -16.99 -12.40
C LEU A 916 -4.12 -16.30 -12.43
N LYS A 917 -4.50 -15.81 -13.61
CA LYS A 917 -5.81 -15.21 -13.86
C LYS A 917 -6.27 -15.60 -15.26
N THR A 918 -7.59 -15.70 -15.43
CA THR A 918 -8.18 -16.13 -16.69
C THR A 918 -9.35 -15.25 -17.08
N LYS A 919 -9.32 -14.75 -18.31
CA LYS A 919 -10.50 -14.28 -19.03
C LYS A 919 -11.10 -15.51 -19.74
N GLY A 920 -12.10 -15.31 -20.60
CA GLY A 920 -12.53 -16.41 -21.42
C GLY A 920 -11.42 -16.90 -22.34
N ASP A 921 -10.87 -18.07 -22.03
CA ASP A 921 -9.85 -18.79 -22.80
C ASP A 921 -8.49 -18.11 -22.88
N PHE A 922 -8.31 -16.94 -22.28
CA PHE A 922 -6.98 -16.35 -22.13
C PHE A 922 -6.45 -16.60 -20.73
N ILE A 923 -5.15 -16.88 -20.64
CA ILE A 923 -4.47 -17.15 -19.38
C ILE A 923 -3.36 -16.13 -19.19
N LEU A 924 -3.43 -15.35 -18.12
CA LEU A 924 -2.38 -14.43 -17.74
C LEU A 924 -1.60 -15.02 -16.57
N VAL A 925 -0.28 -15.12 -16.72
CA VAL A 925 0.59 -15.79 -15.76
C VAL A 925 1.60 -14.80 -15.22
N GLY A 926 1.72 -14.72 -13.90
CA GLY A 926 2.74 -13.88 -13.29
C GLY A 926 3.92 -14.69 -12.77
N ASP A 927 5.12 -14.35 -13.19
CA ASP A 927 6.33 -15.07 -12.78
C ASP A 927 7.04 -14.33 -11.66
N LEU A 928 8.04 -14.99 -11.08
CA LEU A 928 8.81 -14.40 -9.99
C LEU A 928 9.58 -13.16 -10.45
N MET A 929 10.30 -13.24 -11.58
CA MET A 929 11.11 -12.11 -12.04
C MET A 929 10.77 -11.60 -13.43
N ARG A 930 10.39 -12.48 -14.36
CA ARG A 930 9.83 -12.02 -15.64
C ARG A 930 8.37 -11.67 -15.40
N SER A 931 7.94 -10.50 -15.87
CA SER A 931 6.69 -9.96 -15.33
C SER A 931 5.45 -10.84 -15.59
N VAL A 932 5.03 -10.97 -16.85
CA VAL A 932 3.77 -11.62 -17.18
C VAL A 932 3.85 -12.32 -18.53
N LEU A 933 3.13 -13.44 -18.65
CA LEU A 933 2.92 -14.15 -19.90
C LEU A 933 1.43 -14.12 -20.25
N LEU A 934 1.15 -14.15 -21.55
CA LEU A 934 -0.21 -14.31 -22.06
C LEU A 934 -0.28 -15.63 -22.81
N LEU A 935 -1.12 -16.54 -22.33
CA LEU A 935 -1.29 -17.85 -22.93
C LEU A 935 -2.69 -17.99 -23.51
N ALA A 936 -2.84 -18.98 -24.39
CA ALA A 936 -4.15 -19.29 -24.95
C ALA A 936 -4.34 -20.80 -24.99
N TYR A 937 -5.58 -21.21 -25.16
CA TYR A 937 -5.95 -22.61 -25.30
C TYR A 937 -6.48 -22.84 -26.71
N LYS A 938 -5.85 -23.74 -27.45
CA LYS A 938 -6.27 -24.05 -28.81
C LYS A 938 -7.04 -25.36 -28.82
N PRO A 939 -8.35 -25.33 -29.08
CA PRO A 939 -9.13 -26.58 -29.07
C PRO A 939 -8.73 -27.56 -30.15
N MET A 940 -8.16 -27.08 -31.26
CA MET A 940 -7.81 -27.98 -32.36
C MET A 940 -6.62 -28.87 -32.01
N GLU A 941 -5.66 -28.36 -31.25
CA GLU A 941 -4.45 -29.11 -30.92
C GLU A 941 -4.44 -29.64 -29.50
N GLY A 942 -5.31 -29.16 -28.62
CA GLY A 942 -5.29 -29.59 -27.24
C GLY A 942 -4.02 -29.21 -26.51
N ASN A 943 -3.54 -28.00 -26.76
CA ASN A 943 -2.31 -27.51 -26.13
C ASN A 943 -2.43 -26.01 -25.93
N PHE A 944 -1.36 -25.42 -25.39
CA PHE A 944 -1.31 -23.98 -25.16
C PHE A 944 -0.49 -23.31 -26.25
N GLU A 945 -0.78 -22.03 -26.49
CA GLU A 945 0.07 -21.20 -27.35
C GLU A 945 0.45 -19.94 -26.60
N GLU A 946 1.74 -19.77 -26.35
CA GLU A 946 2.29 -18.51 -25.84
C GLU A 946 2.09 -17.40 -26.85
N ILE A 947 1.26 -16.41 -26.50
CA ILE A 947 0.92 -15.32 -27.41
C ILE A 947 1.92 -14.17 -27.32
N ALA A 948 2.18 -13.68 -26.11
CA ALA A 948 3.04 -12.51 -25.95
C ALA A 948 3.61 -12.53 -24.54
N ARG A 949 4.71 -11.80 -24.35
CA ARG A 949 5.36 -11.71 -23.06
C ARG A 949 5.88 -10.30 -22.85
N ASP A 950 6.26 -10.01 -21.61
CA ASP A 950 6.97 -8.79 -21.25
C ASP A 950 8.33 -9.20 -20.73
N PHE A 951 9.37 -8.54 -21.23
CA PHE A 951 10.73 -8.98 -20.96
C PHE A 951 11.31 -8.36 -19.69
N ASN A 952 10.76 -7.27 -19.22
CA ASN A 952 11.41 -6.53 -18.13
C ASN A 952 11.43 -7.35 -16.85
N PRO A 953 12.51 -7.28 -16.08
CA PRO A 953 12.60 -8.00 -14.79
C PRO A 953 11.86 -7.32 -13.62
N ASN A 954 10.54 -7.55 -13.58
CA ASN A 954 9.67 -7.03 -12.54
C ASN A 954 9.30 -8.14 -11.56
N TRP A 955 9.54 -7.89 -10.27
CA TRP A 955 9.36 -8.89 -9.21
C TRP A 955 7.88 -8.92 -8.82
N MET A 956 7.07 -9.66 -9.57
CA MET A 956 5.63 -9.54 -9.45
C MET A 956 5.16 -9.89 -8.04
N SER A 957 4.05 -9.27 -7.63
CA SER A 957 3.38 -9.58 -6.36
C SER A 957 1.88 -9.77 -6.50
N ALA A 958 1.27 -9.32 -7.60
CA ALA A 958 -0.15 -9.53 -7.85
C ALA A 958 -0.42 -9.27 -9.33
N VAL A 959 -1.62 -9.63 -9.76
CA VAL A 959 -1.95 -9.55 -11.18
C VAL A 959 -3.47 -9.59 -11.33
N GLU A 960 -3.97 -8.99 -12.40
CA GLU A 960 -5.38 -9.05 -12.75
C GLU A 960 -5.52 -8.74 -14.24
N ILE A 961 -6.57 -9.30 -14.84
CA ILE A 961 -6.89 -9.06 -16.25
C ILE A 961 -7.95 -7.97 -16.31
N LEU A 962 -7.64 -6.87 -17.00
CA LEU A 962 -8.58 -5.77 -17.08
C LEU A 962 -9.58 -5.96 -18.21
N ASP A 963 -9.09 -6.11 -19.44
CA ASP A 963 -9.92 -6.49 -20.58
C ASP A 963 -9.08 -7.42 -21.46
N ASP A 964 -9.60 -7.72 -22.66
CA ASP A 964 -8.89 -8.65 -23.54
C ASP A 964 -7.61 -8.08 -24.14
N ASP A 965 -7.31 -6.80 -23.92
CA ASP A 965 -6.10 -6.20 -24.48
C ASP A 965 -5.23 -5.46 -23.47
N ASN A 966 -5.66 -5.31 -22.21
CA ASN A 966 -4.88 -4.62 -21.20
C ASN A 966 -4.77 -5.46 -19.95
N PHE A 967 -3.60 -5.40 -19.30
CA PHE A 967 -3.23 -6.30 -18.22
C PHE A 967 -2.52 -5.51 -17.13
N LEU A 968 -2.75 -5.87 -15.87
CA LEU A 968 -2.28 -5.08 -14.73
C LEU A 968 -1.62 -5.95 -13.67
N GLY A 969 -0.54 -5.44 -13.08
CA GLY A 969 0.10 -6.13 -11.98
C GLY A 969 0.94 -5.18 -11.16
N ALA A 970 1.36 -5.65 -9.99
CA ALA A 970 2.16 -4.86 -9.07
C ALA A 970 3.35 -5.67 -8.56
N GLU A 971 4.52 -5.03 -8.48
CA GLU A 971 5.74 -5.71 -8.07
C GLU A 971 6.22 -5.16 -6.74
N ASN A 972 7.30 -5.75 -6.22
CA ASN A 972 7.84 -5.36 -4.92
C ASN A 972 8.46 -3.96 -4.94
N ALA A 973 8.51 -3.29 -6.07
CA ALA A 973 9.03 -1.94 -6.14
C ALA A 973 7.97 -0.89 -5.83
N PHE A 974 6.82 -1.31 -5.28
CA PHE A 974 5.76 -0.43 -4.81
C PHE A 974 5.03 0.25 -5.96
N ASN A 975 5.01 -0.40 -7.12
CA ASN A 975 4.60 0.23 -8.37
C ASN A 975 3.47 -0.55 -9.04
N LEU A 976 2.85 0.10 -10.03
CA LEU A 976 1.86 -0.54 -10.88
C LEU A 976 2.25 -0.31 -12.34
N PHE A 977 1.88 -1.25 -13.21
CA PHE A 977 2.08 -1.04 -14.65
C PHE A 977 1.03 -1.82 -15.43
N VAL A 978 0.82 -1.38 -16.69
CA VAL A 978 -0.15 -2.00 -17.58
C VAL A 978 0.52 -2.34 -18.91
N CYS A 979 0.29 -3.57 -19.38
CA CYS A 979 0.83 -4.06 -20.64
C CYS A 979 -0.28 -4.16 -21.67
N GLN A 980 0.03 -3.81 -22.91
CA GLN A 980 -0.97 -3.82 -23.97
C GLN A 980 -0.52 -4.71 -25.12
N LYS A 981 -1.46 -5.50 -25.63
CA LYS A 981 -1.25 -6.31 -26.83
C LYS A 981 -1.52 -5.45 -28.06
N ASP A 982 -0.48 -5.21 -28.85
CA ASP A 982 -0.65 -4.54 -30.14
C ASP A 982 -1.13 -5.58 -31.13
N SER A 983 -2.44 -5.75 -31.20
CA SER A 983 -3.01 -6.79 -32.04
C SER A 983 -2.72 -6.53 -33.52
N ALA A 984 -2.76 -5.26 -33.93
CA ALA A 984 -2.36 -4.90 -35.29
C ALA A 984 -0.86 -5.04 -35.44
N ALA A 985 -0.40 -6.21 -35.87
CA ALA A 985 1.01 -6.56 -35.84
C ALA A 985 1.61 -6.41 -37.23
N THR A 986 2.53 -5.44 -37.37
CA THR A 986 3.29 -5.33 -38.60
C THR A 986 4.13 -6.59 -38.83
N THR A 987 4.84 -7.03 -37.80
CA THR A 987 5.72 -8.19 -37.87
C THR A 987 5.41 -9.14 -36.73
N ASP A 988 5.87 -10.38 -36.87
CA ASP A 988 5.61 -11.39 -35.85
C ASP A 988 6.42 -11.15 -34.58
N GLU A 989 7.48 -10.37 -34.63
CA GLU A 989 8.24 -10.05 -33.42
C GLU A 989 7.56 -8.95 -32.63
N GLU A 990 7.26 -7.83 -33.28
CA GLU A 990 6.53 -6.74 -32.65
C GLU A 990 5.20 -7.20 -32.06
N ARG A 991 4.70 -8.34 -32.52
CA ARG A 991 3.43 -8.86 -32.04
C ARG A 991 3.51 -9.31 -30.58
N GLN A 992 4.62 -9.97 -30.20
CA GLN A 992 4.72 -10.63 -28.91
C GLN A 992 5.31 -9.74 -27.81
N HIS A 993 5.67 -8.50 -28.11
CA HIS A 993 6.08 -7.56 -27.08
C HIS A 993 4.84 -7.02 -26.37
N LEU A 994 4.65 -7.41 -25.12
CA LEU A 994 3.62 -6.77 -24.28
C LEU A 994 4.11 -5.38 -23.91
N GLN A 995 3.68 -4.39 -24.68
CA GLN A 995 4.19 -3.03 -24.53
C GLN A 995 3.66 -2.41 -23.24
N GLU A 996 4.55 -1.93 -22.37
CA GLU A 996 4.14 -1.35 -21.09
C GLU A 996 3.67 0.09 -21.32
N VAL A 997 2.35 0.29 -21.34
CA VAL A 997 1.79 1.59 -21.68
C VAL A 997 1.28 2.37 -20.46
N GLY A 998 1.15 1.73 -19.31
CA GLY A 998 0.86 2.40 -18.05
C GLY A 998 1.97 2.22 -17.02
N LEU A 999 2.34 3.31 -16.35
CA LEU A 999 3.38 3.30 -15.32
C LEU A 999 2.98 4.28 -14.23
N PHE A 1000 3.14 3.87 -12.97
CA PHE A 1000 2.62 4.66 -11.86
C PHE A 1000 3.19 4.12 -10.56
N HIS A 1001 3.83 4.99 -9.78
CA HIS A 1001 4.33 4.66 -8.46
C HIS A 1001 3.22 4.84 -7.44
N LEU A 1002 2.83 3.76 -6.79
CA LEU A 1002 1.70 3.82 -5.86
C LEU A 1002 2.16 4.05 -4.42
N GLY A 1003 2.99 3.16 -3.89
CA GLY A 1003 3.44 3.25 -2.52
C GLY A 1003 2.93 2.19 -1.58
N GLU A 1004 2.19 1.20 -2.07
CA GLU A 1004 1.71 0.07 -1.29
C GLU A 1004 2.17 -1.23 -1.93
N PHE A 1005 2.02 -2.33 -1.20
CA PHE A 1005 2.44 -3.65 -1.67
C PHE A 1005 1.15 -4.46 -1.83
N VAL A 1006 0.72 -4.65 -3.08
CA VAL A 1006 -0.57 -5.25 -3.37
C VAL A 1006 -0.47 -6.77 -3.30
N ASN A 1007 -1.43 -7.39 -2.61
CA ASN A 1007 -1.47 -8.83 -2.44
C ASN A 1007 -2.67 -9.51 -3.10
N VAL A 1008 -3.62 -8.77 -3.66
CA VAL A 1008 -4.83 -9.37 -4.21
C VAL A 1008 -5.52 -8.35 -5.11
N PHE A 1009 -6.03 -8.83 -6.26
CA PHE A 1009 -6.96 -8.08 -7.08
C PHE A 1009 -8.24 -8.87 -7.28
N CYS A 1010 -9.38 -8.18 -7.25
CA CYS A 1010 -10.66 -8.82 -7.56
CA CYS A 1010 -10.68 -8.81 -7.49
C CYS A 1010 -11.61 -7.82 -8.19
N HIS A 1011 -12.45 -8.32 -9.08
CA HIS A 1011 -13.41 -7.48 -9.79
C HIS A 1011 -14.61 -7.17 -8.89
N GLY A 1012 -15.19 -6.00 -9.09
CA GLY A 1012 -16.38 -5.58 -8.39
C GLY A 1012 -16.25 -4.19 -7.82
N SER A 1013 -17.36 -3.72 -7.24
CA SER A 1013 -17.39 -2.42 -6.58
C SER A 1013 -18.24 -2.52 -5.32
N LEU A 1014 -17.97 -1.59 -4.40
CA LEU A 1014 -18.69 -1.50 -3.15
C LEU A 1014 -19.86 -0.51 -3.21
N VAL A 1015 -20.26 -0.10 -4.40
CA VAL A 1015 -21.32 0.89 -4.60
C VAL A 1015 -22.44 0.23 -5.41
N MET A 1016 -23.68 0.40 -4.95
CA MET A 1016 -24.82 -0.12 -5.67
C MET A 1016 -25.08 0.69 -6.94
N GLN A 1017 -25.88 0.11 -7.83
CA GLN A 1017 -26.18 0.72 -9.14
C GLN A 1017 -24.90 0.93 -9.95
N GLN A 1027 -16.12 2.80 -16.58
CA GLN A 1027 -16.42 1.40 -16.83
C GLN A 1027 -15.34 0.51 -16.24
N GLY A 1028 -15.72 -0.67 -15.78
CA GLY A 1028 -14.79 -1.58 -15.12
C GLY A 1028 -14.60 -1.22 -13.67
N SER A 1029 -14.20 -2.19 -12.85
CA SER A 1029 -14.03 -1.94 -11.41
C SER A 1029 -13.16 -3.03 -10.82
N VAL A 1030 -12.03 -2.64 -10.22
CA VAL A 1030 -11.06 -3.57 -9.64
C VAL A 1030 -10.65 -3.07 -8.27
N LEU A 1031 -10.76 -3.93 -7.26
CA LEU A 1031 -10.39 -3.62 -5.89
C LEU A 1031 -9.11 -4.35 -5.52
N PHE A 1032 -8.27 -3.70 -4.72
CA PHE A 1032 -7.03 -4.34 -4.28
C PHE A 1032 -6.77 -4.02 -2.82
N GLY A 1033 -6.06 -4.95 -2.17
CA GLY A 1033 -5.75 -4.83 -0.76
C GLY A 1033 -4.26 -4.99 -0.55
N THR A 1034 -3.75 -4.28 0.43
CA THR A 1034 -2.31 -4.12 0.56
C THR A 1034 -1.85 -4.56 1.94
N VAL A 1035 -0.55 -4.38 2.18
CA VAL A 1035 0.05 -4.79 3.45
C VAL A 1035 -0.32 -3.83 4.56
N ASN A 1036 -0.44 -2.54 4.24
CA ASN A 1036 -0.78 -1.53 5.24
C ASN A 1036 -2.28 -1.43 5.48
N GLY A 1037 -3.04 -2.37 4.93
CA GLY A 1037 -4.48 -2.33 5.02
C GLY A 1037 -5.16 -1.43 4.02
N MET A 1038 -4.39 -0.73 3.18
CA MET A 1038 -4.99 0.19 2.24
C MET A 1038 -5.83 -0.58 1.22
N ILE A 1039 -7.03 -0.10 0.93
CA ILE A 1039 -7.91 -0.66 -0.09
C ILE A 1039 -8.08 0.38 -1.19
N GLY A 1040 -7.79 -0.01 -2.42
CA GLY A 1040 -7.88 0.94 -3.52
C GLY A 1040 -8.83 0.52 -4.62
N LEU A 1041 -9.19 1.47 -5.48
CA LEU A 1041 -10.05 1.19 -6.61
C LEU A 1041 -9.31 1.53 -7.90
N VAL A 1042 -9.48 0.71 -8.93
CA VAL A 1042 -8.90 0.99 -10.24
C VAL A 1042 -10.01 0.79 -11.28
N THR A 1043 -10.43 1.88 -11.93
CA THR A 1043 -11.42 1.84 -12.99
C THR A 1043 -10.83 2.44 -14.26
N SER A 1044 -11.53 2.23 -15.38
CA SER A 1044 -11.06 2.74 -16.66
C SER A 1044 -11.67 4.09 -17.00
N LEU A 1045 -11.00 4.80 -17.90
CA LEU A 1045 -11.45 6.10 -18.39
C LEU A 1045 -11.37 6.12 -19.90
N SER A 1046 -11.91 7.18 -20.49
CA SER A 1046 -11.87 7.37 -21.94
C SER A 1046 -10.91 8.50 -22.29
N GLU A 1047 -10.60 8.59 -23.58
CA GLU A 1047 -9.55 9.50 -24.05
C GLU A 1047 -9.88 10.95 -23.73
N SER A 1048 -11.15 11.33 -23.88
CA SER A 1048 -11.56 12.69 -23.53
C SER A 1048 -11.36 12.97 -22.05
N TRP A 1049 -11.75 12.02 -21.20
CA TRP A 1049 -11.63 12.23 -19.76
C TRP A 1049 -10.18 12.27 -19.32
N TYR A 1050 -9.33 11.42 -19.89
CA TYR A 1050 -7.94 11.39 -19.48
C TYR A 1050 -7.25 12.72 -19.75
N ASN A 1051 -7.33 13.20 -21.01
CA ASN A 1051 -6.62 14.42 -21.37
C ASN A 1051 -7.08 15.61 -20.54
N LEU A 1052 -8.32 15.59 -20.05
CA LEU A 1052 -8.82 16.68 -19.23
C LEU A 1052 -8.28 16.59 -17.81
N LEU A 1053 -8.53 15.47 -17.14
CA LEU A 1053 -8.09 15.31 -15.76
C LEU A 1053 -6.58 15.46 -15.62
N LEU A 1054 -5.83 15.05 -16.65
CA LEU A 1054 -4.38 15.21 -16.60
C LEU A 1054 -4.00 16.69 -16.58
N ASP A 1055 -4.80 17.54 -17.22
CA ASP A 1055 -4.54 18.98 -17.18
C ASP A 1055 -4.81 19.52 -15.78
N MET A 1056 -5.95 19.16 -15.19
CA MET A 1056 -6.23 19.56 -13.81
C MET A 1056 -5.09 19.15 -12.88
N GLN A 1057 -4.54 17.97 -13.10
CA GLN A 1057 -3.59 17.41 -12.15
C GLN A 1057 -2.28 18.18 -12.16
N ASN A 1058 -1.86 18.69 -13.32
CA ASN A 1058 -0.73 19.60 -13.35
C ASN A 1058 -1.07 20.95 -12.73
N ARG A 1059 -2.30 21.42 -12.95
CA ARG A 1059 -2.73 22.71 -12.43
C ARG A 1059 -2.92 22.70 -10.92
N LEU A 1060 -3.35 21.55 -10.36
CA LEU A 1060 -3.49 21.46 -8.92
C LEU A 1060 -2.14 21.52 -8.22
N ASN A 1061 -1.12 20.88 -8.80
CA ASN A 1061 0.20 20.90 -8.18
C ASN A 1061 0.81 22.29 -8.21
N LYS A 1062 0.35 23.14 -9.13
CA LYS A 1062 0.71 24.55 -9.11
C LYS A 1062 0.14 25.27 -7.90
N VAL A 1063 -0.94 24.75 -7.32
CA VAL A 1063 -1.67 25.40 -6.24
C VAL A 1063 -1.44 24.68 -4.91
N ILE A 1064 -1.80 23.40 -4.84
CA ILE A 1064 -1.64 22.64 -3.60
C ILE A 1064 -0.16 22.54 -3.26
N LYS A 1065 0.22 23.09 -2.12
CA LYS A 1065 1.60 23.01 -1.65
C LYS A 1065 1.75 21.80 -0.75
N SER A 1066 2.60 20.87 -1.16
CA SER A 1066 2.82 19.65 -0.41
C SER A 1066 3.71 19.91 0.80
N VAL A 1067 3.41 19.21 1.90
CA VAL A 1067 4.26 19.24 3.07
C VAL A 1067 5.63 18.66 2.70
N GLY A 1068 6.69 19.29 3.21
CA GLY A 1068 8.04 18.93 2.83
C GLY A 1068 8.49 19.50 1.50
N LYS A 1069 7.61 20.22 0.79
CA LYS A 1069 7.93 20.84 -0.49
C LYS A 1069 8.39 19.79 -1.50
N ILE A 1070 7.61 18.73 -1.61
CA ILE A 1070 7.89 17.61 -2.50
C ILE A 1070 6.99 17.69 -3.71
N GLU A 1071 7.56 17.53 -4.90
CA GLU A 1071 6.75 17.58 -6.11
C GLU A 1071 5.91 16.32 -6.25
N HIS A 1072 4.65 16.50 -6.63
CA HIS A 1072 3.82 15.34 -6.96
C HIS A 1072 4.37 14.57 -8.16
N SER A 1073 5.03 15.27 -9.09
CA SER A 1073 5.64 14.59 -10.24
C SER A 1073 6.64 13.55 -9.77
N PHE A 1074 7.53 13.93 -8.84
CA PHE A 1074 8.56 13.03 -8.36
C PHE A 1074 7.96 11.84 -7.59
N TRP A 1075 6.95 12.10 -6.75
CA TRP A 1075 6.35 11.04 -5.95
C TRP A 1075 5.79 9.92 -6.81
N ARG A 1076 4.89 10.23 -7.74
CA ARG A 1076 4.24 9.17 -8.50
C ARG A 1076 5.09 8.65 -9.65
N SER A 1077 6.32 9.12 -9.78
CA SER A 1077 7.21 8.63 -10.85
C SER A 1077 7.57 7.17 -10.60
N PHE A 1078 7.26 6.34 -11.60
CA PHE A 1078 7.59 4.91 -11.57
C PHE A 1078 9.07 4.73 -11.29
N HIS A 1079 9.40 3.96 -10.25
CA HIS A 1079 10.78 3.82 -9.80
C HIS A 1079 11.07 2.41 -9.34
N THR A 1080 11.88 1.70 -10.09
CA THR A 1080 12.52 0.47 -9.65
C THR A 1080 14.01 0.71 -9.52
N GLU A 1081 14.73 -0.34 -9.12
CA GLU A 1081 16.17 -0.21 -9.01
C GLU A 1081 16.84 -0.09 -10.37
N ARG A 1082 16.14 -0.44 -11.44
CA ARG A 1082 16.68 -0.44 -12.80
C ARG A 1082 16.18 0.72 -13.66
N LYS A 1083 14.92 1.12 -13.48
CA LYS A 1083 14.29 2.18 -14.25
C LYS A 1083 13.79 3.29 -13.33
N THR A 1084 13.64 4.49 -13.91
CA THR A 1084 12.97 5.59 -13.24
C THR A 1084 12.41 6.51 -14.32
N GLU A 1085 11.10 6.44 -14.54
CA GLU A 1085 10.42 7.21 -15.57
C GLU A 1085 9.21 7.94 -15.02
N PRO A 1086 8.81 9.03 -15.67
CA PRO A 1086 7.57 9.70 -15.27
C PRO A 1086 6.37 8.78 -15.44
N ALA A 1087 5.28 9.14 -14.77
CA ALA A 1087 4.08 8.31 -14.80
C ALA A 1087 3.22 8.69 -15.99
N THR A 1088 2.75 7.68 -16.72
CA THR A 1088 1.79 7.90 -17.79
C THR A 1088 0.74 6.81 -17.71
N GLY A 1089 -0.46 7.13 -18.17
CA GLY A 1089 -1.54 6.18 -18.26
C GLY A 1089 -2.49 6.21 -17.08
N PHE A 1090 -2.01 6.62 -15.90
CA PHE A 1090 -2.86 6.67 -14.72
C PHE A 1090 -3.06 8.11 -14.26
N ILE A 1091 -4.11 8.31 -13.47
CA ILE A 1091 -4.40 9.60 -12.84
C ILE A 1091 -4.60 9.39 -11.36
N ASP A 1092 -3.94 10.23 -10.55
CA ASP A 1092 -3.99 10.14 -9.09
C ASP A 1092 -5.35 10.66 -8.61
N GLY A 1093 -6.24 9.73 -8.29
CA GLY A 1093 -7.61 10.12 -7.93
C GLY A 1093 -7.70 10.81 -6.59
N ASP A 1094 -6.84 10.46 -5.63
CA ASP A 1094 -6.85 11.14 -4.35
C ASP A 1094 -6.55 12.63 -4.53
N LEU A 1095 -5.69 12.97 -5.50
CA LEU A 1095 -5.40 14.37 -5.79
C LEU A 1095 -6.57 15.07 -6.47
N ILE A 1096 -7.22 14.40 -7.43
CA ILE A 1096 -8.35 15.02 -8.10
C ILE A 1096 -9.49 15.29 -7.12
N GLU A 1097 -9.73 14.37 -6.19
CA GLU A 1097 -10.83 14.56 -5.25
C GLU A 1097 -10.52 15.62 -4.20
N SER A 1098 -9.26 15.98 -4.00
CA SER A 1098 -8.95 17.10 -3.12
C SER A 1098 -9.27 18.44 -3.77
N PHE A 1099 -9.71 18.44 -5.03
CA PHE A 1099 -10.14 19.69 -5.67
C PHE A 1099 -11.39 20.25 -5.02
N LEU A 1100 -12.24 19.41 -4.44
CA LEU A 1100 -13.47 19.90 -3.84
C LEU A 1100 -13.19 20.63 -2.53
N ASP A 1101 -12.28 20.09 -1.72
CA ASP A 1101 -12.01 20.65 -0.40
C ASP A 1101 -11.20 21.93 -0.44
N ILE A 1102 -10.73 22.36 -1.61
CA ILE A 1102 -9.88 23.54 -1.72
C ILE A 1102 -10.77 24.79 -1.69
N SER A 1103 -10.15 25.96 -1.50
CA SER A 1103 -10.90 27.20 -1.41
C SER A 1103 -11.55 27.55 -2.75
N ARG A 1104 -12.37 28.59 -2.73
CA ARG A 1104 -13.16 28.94 -3.91
C ARG A 1104 -12.34 29.71 -4.95
N PRO A 1105 -11.61 30.77 -4.60
CA PRO A 1105 -10.86 31.48 -5.65
C PRO A 1105 -9.72 30.66 -6.23
N LYS A 1106 -9.15 29.74 -5.47
CA LYS A 1106 -8.13 28.86 -6.01
C LYS A 1106 -8.69 27.95 -7.09
N MET A 1107 -9.97 27.56 -6.97
CA MET A 1107 -10.62 26.83 -8.07
C MET A 1107 -10.63 27.67 -9.34
N GLN A 1108 -11.02 28.94 -9.23
CA GLN A 1108 -10.99 29.83 -10.38
C GLN A 1108 -9.57 30.00 -10.90
N GLU A 1109 -8.58 29.87 -10.02
CA GLU A 1109 -7.19 29.90 -10.44
C GLU A 1109 -6.81 28.64 -11.18
N VAL A 1110 -7.51 27.53 -10.93
CA VAL A 1110 -7.21 26.29 -11.63
C VAL A 1110 -7.88 26.26 -13.00
N VAL A 1111 -9.11 26.75 -13.09
CA VAL A 1111 -9.94 26.55 -14.27
C VAL A 1111 -9.64 27.61 -15.32
N ALA A 1112 -8.56 28.37 -15.12
CA ALA A 1112 -8.32 29.54 -15.94
C ALA A 1112 -8.05 29.16 -17.40
N ASN A 1113 -9.06 29.33 -18.24
CA ASN A 1113 -8.96 29.16 -19.68
C ASN A 1113 -8.38 27.79 -20.04
N LEU A 1114 -8.97 26.74 -19.49
CA LEU A 1114 -8.68 25.37 -19.89
C LEU A 1114 -9.82 24.89 -20.78
N GLN A 1115 -9.48 24.48 -22.01
CA GLN A 1115 -10.50 24.13 -22.99
C GLN A 1115 -10.95 22.68 -22.83
N TYR A 1116 -10.02 21.74 -23.00
CA TYR A 1116 -10.16 20.28 -22.87
C TYR A 1116 -8.86 19.61 -23.30
N GLU A 1125 -15.23 24.17 -23.71
CA GLU A 1125 -14.47 24.98 -22.76
C GLU A 1125 -15.33 25.24 -21.52
N ALA A 1126 -15.06 24.48 -20.45
CA ALA A 1126 -15.85 24.51 -19.22
C ALA A 1126 -14.97 24.95 -18.06
N THR A 1127 -15.58 25.69 -17.12
CA THR A 1127 -14.83 26.27 -16.01
C THR A 1127 -15.63 26.30 -14.72
N ALA A 1128 -15.01 25.77 -13.66
CA ALA A 1128 -15.25 26.15 -12.27
C ALA A 1128 -16.57 25.69 -11.68
N ASP A 1129 -17.46 25.21 -12.50
CA ASP A 1129 -18.69 24.58 -12.03
C ASP A 1129 -18.91 23.25 -12.70
N ASP A 1130 -18.56 23.14 -13.98
CA ASP A 1130 -18.63 21.87 -14.69
C ASP A 1130 -17.62 20.87 -14.16
N LEU A 1131 -16.58 21.33 -13.46
CA LEU A 1131 -15.63 20.40 -12.85
C LEU A 1131 -16.12 19.86 -11.52
N ILE A 1132 -16.70 20.73 -10.68
CA ILE A 1132 -17.37 20.25 -9.47
C ILE A 1132 -18.44 19.23 -9.85
N LYS A 1133 -19.08 19.42 -10.99
CA LYS A 1133 -19.98 18.41 -11.53
C LYS A 1133 -19.25 17.10 -11.81
N VAL A 1134 -17.97 17.16 -12.17
CA VAL A 1134 -17.22 15.95 -12.54
C VAL A 1134 -16.69 15.23 -11.32
N VAL A 1135 -15.97 15.95 -10.45
CA VAL A 1135 -15.30 15.32 -9.32
C VAL A 1135 -16.33 14.67 -8.40
N GLU A 1136 -17.45 15.36 -8.15
CA GLU A 1136 -18.51 14.79 -7.34
C GLU A 1136 -19.06 13.50 -7.96
N GLU A 1137 -19.15 13.44 -9.28
CA GLU A 1137 -19.51 12.19 -9.94
C GLU A 1137 -18.39 11.16 -9.87
N LEU A 1138 -17.15 11.60 -9.62
CA LEU A 1138 -16.05 10.65 -9.46
C LEU A 1138 -15.97 10.12 -8.04
N THR A 1139 -16.19 10.97 -7.04
CA THR A 1139 -16.26 10.48 -5.66
C THR A 1139 -17.40 9.49 -5.43
N ARG A 1140 -18.20 9.20 -6.46
CA ARG A 1140 -19.42 8.42 -6.35
C ARG A 1140 -19.19 6.93 -6.58
N ILE A 1141 -18.09 6.56 -7.24
CA ILE A 1141 -17.81 5.15 -7.54
C ILE A 1141 -17.09 4.43 -6.42
N HIS A 1142 -16.91 5.07 -5.27
CA HIS A 1142 -16.31 4.37 -4.14
C HIS A 1142 -16.82 4.94 -2.84
N ALA B 2 14.89 -15.03 7.63
CA ALA B 2 15.31 -15.39 6.28
C ALA B 2 15.36 -16.90 6.12
N PRO B 3 14.20 -17.54 5.96
CA PRO B 3 14.16 -18.99 5.84
C PRO B 3 14.84 -19.48 4.57
N ILE B 4 15.18 -20.77 4.55
CA ILE B 4 15.86 -21.35 3.40
C ILE B 4 14.87 -21.74 2.31
N ASN B 5 13.74 -22.33 2.70
CA ASN B 5 12.82 -22.90 1.74
C ASN B 5 11.98 -21.81 1.08
N PHE B 6 11.98 -21.80 -0.26
CA PHE B 6 11.36 -20.72 -1.01
C PHE B 6 9.91 -20.51 -0.61
N THR B 7 9.17 -21.60 -0.42
CA THR B 7 7.75 -21.47 -0.16
C THR B 7 7.48 -20.81 1.19
N SER B 8 8.27 -21.15 2.21
CA SER B 8 8.12 -20.46 3.49
C SER B 8 8.54 -19.00 3.36
N ARG B 9 9.68 -18.76 2.71
CA ARG B 9 10.17 -17.40 2.56
C ARG B 9 9.18 -16.53 1.79
N LEU B 10 8.52 -17.11 0.79
CA LEU B 10 7.56 -16.33 0.00
C LEU B 10 6.37 -15.91 0.86
N ASN B 11 5.89 -16.81 1.73
CA ASN B 11 4.74 -16.48 2.59
C ASN B 11 5.07 -15.33 3.54
N ARG B 12 6.31 -15.27 4.02
CA ARG B 12 6.74 -14.17 4.87
C ARG B 12 6.75 -12.84 4.12
N ARG B 13 6.84 -12.85 2.79
CA ARG B 13 6.82 -11.59 2.05
C ARG B 13 5.47 -10.90 2.15
N ALA B 14 4.38 -11.68 2.09
CA ALA B 14 3.05 -11.10 2.13
C ALA B 14 2.70 -10.54 3.50
N SER B 15 3.46 -10.91 4.53
CA SER B 15 3.17 -10.59 5.92
C SER B 15 4.29 -9.85 6.62
N PHE B 16 5.54 -10.24 6.38
CA PHE B 16 6.70 -9.72 7.11
C PHE B 16 6.51 -9.87 8.62
N GLY B 24 17.47 -12.36 2.59
CA GLY B 24 16.17 -12.24 1.94
C GLY B 24 16.27 -12.41 0.43
N GLY B 25 16.64 -11.32 -0.26
CA GLY B 25 16.86 -11.38 -1.69
C GLY B 25 18.07 -12.19 -2.10
N CYS B 26 19.01 -12.41 -1.16
CA CYS B 26 20.18 -13.24 -1.44
C CYS B 26 19.77 -14.68 -1.76
N PHE B 27 18.91 -15.26 -0.91
CA PHE B 27 18.46 -16.63 -1.17
C PHE B 27 17.68 -16.73 -2.46
N ASP B 28 16.96 -15.68 -2.83
CA ASP B 28 16.27 -15.68 -4.12
C ASP B 28 17.25 -15.63 -5.27
N ARG B 29 18.23 -14.73 -5.19
CA ARG B 29 19.26 -14.66 -6.23
C ARG B 29 20.09 -15.93 -6.28
N HIS B 30 20.31 -16.58 -5.13
CA HIS B 30 21.02 -17.86 -5.14
CA HIS B 30 21.02 -17.86 -5.14
C HIS B 30 20.26 -18.92 -5.93
N LEU B 31 18.92 -18.89 -5.85
CA LEU B 31 18.11 -19.86 -6.59
C LEU B 31 18.14 -19.57 -8.09
N ILE B 32 17.90 -18.31 -8.46
CA ILE B 32 17.76 -17.99 -9.88
C ILE B 32 19.08 -18.17 -10.61
N PHE B 33 20.17 -17.63 -10.06
CA PHE B 33 21.46 -17.58 -10.76
C PHE B 33 22.34 -18.80 -10.50
N SER B 34 21.73 -19.92 -10.13
CA SER B 34 22.38 -21.22 -10.27
C SER B 34 21.72 -22.05 -11.35
N ARG B 35 20.85 -21.44 -12.16
CA ARG B 35 20.03 -22.13 -13.14
C ARG B 35 20.18 -21.46 -14.49
N PHE B 36 20.73 -22.20 -15.45
CA PHE B 36 20.98 -21.71 -16.80
C PHE B 36 20.51 -22.76 -17.80
N ARG B 37 19.72 -22.33 -18.77
CA ARG B 37 19.07 -23.23 -19.72
C ARG B 37 19.37 -22.87 -21.17
N PRO B 38 20.12 -23.68 -21.90
CA PRO B 38 20.28 -23.43 -23.35
C PRO B 38 18.97 -23.63 -24.09
N ILE B 39 18.65 -22.69 -24.97
CA ILE B 39 17.40 -22.70 -25.72
C ILE B 39 17.64 -22.74 -27.23
N SER B 40 18.55 -21.90 -27.73
CA SER B 40 18.82 -21.83 -29.15
C SER B 40 20.32 -21.79 -29.41
N VAL B 41 20.68 -21.99 -30.68
CA VAL B 41 22.06 -22.06 -31.14
C VAL B 41 22.18 -21.22 -32.39
N PHE B 42 23.24 -20.41 -32.46
CA PHE B 42 23.45 -19.47 -33.56
C PHE B 42 24.66 -19.87 -34.39
N ARG B 43 24.40 -20.40 -35.58
CA ARG B 43 25.41 -20.87 -36.52
C ARG B 43 25.52 -19.86 -37.65
N GLU B 44 26.48 -20.08 -38.54
CA GLU B 44 26.62 -19.23 -39.72
C GLU B 44 26.26 -20.03 -40.97
N ALA B 45 25.82 -19.32 -42.01
CA ALA B 45 25.23 -19.97 -43.17
C ALA B 45 26.23 -20.81 -43.96
N ASN B 46 27.53 -20.62 -43.73
CA ASN B 46 28.57 -21.34 -44.48
C ASN B 46 29.65 -21.74 -43.49
N GLU B 47 29.60 -23.00 -43.04
CA GLU B 47 30.53 -23.54 -42.05
C GLU B 47 31.99 -23.14 -42.29
N PHE B 52 33.24 -18.14 -34.43
CA PHE B 52 33.07 -16.78 -33.92
C PHE B 52 34.16 -16.47 -32.89
N THR B 53 34.29 -15.19 -32.53
CA THR B 53 35.33 -14.79 -31.59
C THR B 53 34.80 -13.94 -30.43
N CYS B 54 33.76 -13.16 -30.68
CA CYS B 54 33.27 -12.19 -29.70
C CYS B 54 31.76 -12.08 -29.81
N CYS B 55 31.13 -11.62 -28.73
CA CYS B 55 29.68 -11.53 -28.66
C CYS B 55 29.26 -10.38 -27.76
N ALA B 56 28.14 -9.76 -28.13
CA ALA B 56 27.58 -8.62 -27.41
C ALA B 56 26.16 -8.37 -27.90
N PHE B 57 25.33 -7.84 -27.00
CA PHE B 57 23.97 -7.46 -27.36
C PHE B 57 23.95 -6.01 -27.82
N SER B 58 23.01 -5.68 -28.70
CA SER B 58 22.85 -4.31 -29.14
C SER B 58 22.34 -3.45 -27.98
N ALA B 59 22.18 -2.15 -28.24
CA ALA B 59 21.70 -1.24 -27.21
C ALA B 59 20.35 -1.68 -26.66
N ARG B 60 19.32 -1.69 -27.52
CA ARG B 60 18.00 -2.15 -27.13
C ARG B 60 17.87 -3.68 -27.17
N GLU B 61 18.98 -4.38 -27.39
CA GLU B 61 19.13 -5.80 -27.16
C GLU B 61 18.28 -6.68 -28.08
N ARG B 62 17.76 -6.11 -29.17
CA ARG B 62 16.93 -6.92 -30.04
C ARG B 62 17.74 -7.71 -31.06
N PHE B 63 19.01 -7.37 -31.23
CA PHE B 63 19.93 -8.12 -32.09
C PHE B 63 21.16 -8.55 -31.30
N LEU B 64 21.85 -9.55 -31.83
CA LEU B 64 23.08 -10.07 -31.24
C LEU B 64 24.23 -9.80 -32.19
N MET B 65 25.36 -9.35 -31.64
CA MET B 65 26.48 -8.82 -32.42
C MET B 65 27.68 -9.74 -32.26
N LEU B 66 28.15 -10.31 -33.37
CA LEU B 66 29.12 -11.39 -33.32
C LEU B 66 30.37 -11.06 -34.13
N GLY B 67 31.53 -11.42 -33.60
CA GLY B 67 32.81 -11.24 -34.29
C GLY B 67 33.40 -12.57 -34.70
N THR B 68 34.08 -12.58 -35.84
CA THR B 68 34.62 -13.79 -36.46
C THR B 68 36.14 -13.77 -36.47
N CYS B 69 36.71 -14.91 -36.81
CA CYS B 69 38.16 -15.07 -36.93
C CYS B 69 38.70 -14.55 -38.26
N THR B 70 37.84 -14.03 -39.14
CA THR B 70 38.26 -13.45 -40.41
C THR B 70 38.09 -11.94 -40.45
N GLY B 71 37.66 -11.33 -39.35
CA GLY B 71 37.48 -9.89 -39.27
C GLY B 71 36.07 -9.40 -39.57
N GLN B 72 35.09 -10.29 -39.64
CA GLN B 72 33.73 -9.94 -40.04
C GLN B 72 32.86 -9.69 -38.81
N LEU B 73 31.75 -9.01 -39.03
CA LEU B 73 30.78 -8.70 -37.98
C LEU B 73 29.41 -9.18 -38.44
N LYS B 74 28.81 -10.08 -37.68
CA LYS B 74 27.51 -10.65 -38.03
C LYS B 74 26.45 -10.13 -37.06
N LEU B 75 25.20 -10.06 -37.54
CA LEU B 75 24.09 -9.57 -36.73
C LEU B 75 22.92 -10.53 -36.86
N TYR B 76 22.45 -11.04 -35.74
CA TYR B 76 21.34 -11.99 -35.71
C TYR B 76 20.17 -11.41 -34.94
N ASN B 77 18.95 -11.71 -35.39
CA ASN B 77 17.76 -11.45 -34.59
C ASN B 77 17.68 -12.49 -33.47
N VAL B 78 17.52 -12.01 -32.25
CA VAL B 78 17.35 -12.94 -31.12
C VAL B 78 16.00 -13.65 -31.21
N PHE B 79 15.01 -13.01 -31.83
CA PHE B 79 13.68 -13.61 -31.96
C PHE B 79 13.66 -14.72 -33.01
N SER B 80 14.19 -14.45 -34.20
CA SER B 80 14.09 -15.39 -35.31
C SER B 80 15.33 -16.28 -35.44
N GLY B 81 16.52 -15.71 -35.25
CA GLY B 81 17.76 -16.45 -35.40
C GLY B 81 18.41 -16.36 -36.76
N GLN B 82 17.95 -15.45 -37.62
CA GLN B 82 18.51 -15.26 -38.95
C GLN B 82 19.51 -14.12 -38.96
N GLU B 83 20.36 -14.10 -39.98
CA GLU B 83 21.30 -13.00 -40.17
C GLU B 83 20.55 -11.80 -40.73
N GLU B 84 20.62 -10.67 -40.04
CA GLU B 84 20.01 -9.45 -40.56
C GLU B 84 20.97 -8.66 -41.44
N ALA B 85 22.26 -8.74 -41.17
CA ALA B 85 23.28 -8.06 -41.95
C ALA B 85 24.61 -8.78 -41.79
N SER B 86 25.64 -8.23 -42.43
CA SER B 86 26.98 -8.78 -42.39
C SER B 86 27.95 -7.70 -42.84
N TYR B 87 29.05 -7.56 -42.12
CA TYR B 87 29.96 -6.46 -42.32
C TYR B 87 31.39 -6.95 -42.22
N ASN B 88 32.28 -6.29 -42.97
CA ASN B 88 33.72 -6.52 -42.87
C ASN B 88 34.34 -5.39 -42.06
N CYS B 89 35.04 -5.74 -40.98
CA CYS B 89 35.59 -4.75 -40.07
C CYS B 89 37.11 -4.75 -40.00
N HIS B 90 37.76 -5.90 -40.11
CA HIS B 90 39.21 -5.94 -39.96
C HIS B 90 39.81 -7.06 -40.82
N ASN B 91 41.14 -7.02 -40.94
CA ASN B 91 41.91 -8.06 -41.60
C ASN B 91 42.45 -9.09 -40.61
N SER B 92 42.44 -8.78 -39.32
CA SER B 92 42.74 -9.74 -38.26
C SER B 92 41.45 -10.23 -37.61
N ALA B 93 41.58 -11.25 -36.77
CA ALA B 93 40.44 -11.77 -36.03
C ALA B 93 39.98 -10.78 -34.97
N ILE B 94 38.66 -10.66 -34.83
CA ILE B 94 38.07 -9.72 -33.88
C ILE B 94 38.30 -10.22 -32.46
N THR B 95 38.53 -9.28 -31.54
CA THR B 95 38.78 -9.64 -30.15
C THR B 95 37.76 -9.07 -29.16
N HIS B 96 37.13 -7.93 -29.45
CA HIS B 96 36.30 -7.27 -28.45
C HIS B 96 35.29 -6.34 -29.12
N LEU B 97 34.11 -6.26 -28.51
CA LEU B 97 33.02 -5.41 -28.99
C LEU B 97 32.36 -4.71 -27.81
N GLU B 98 31.95 -3.45 -28.06
CA GLU B 98 31.27 -2.62 -27.07
C GLU B 98 30.46 -1.53 -27.75
N PRO B 99 29.14 -1.68 -27.84
CA PRO B 99 28.29 -0.59 -28.36
C PRO B 99 28.05 0.47 -27.29
N SER B 100 27.72 1.66 -27.76
CA SER B 100 27.31 2.73 -26.85
C SER B 100 25.86 2.53 -26.44
N ARG B 101 25.56 2.87 -25.19
CA ARG B 101 24.19 2.79 -24.70
C ARG B 101 23.26 3.74 -25.43
N ASP B 102 23.81 4.69 -26.19
CA ASP B 102 23.00 5.51 -27.09
C ASP B 102 22.41 4.69 -28.23
N GLY B 103 23.02 3.56 -28.57
CA GLY B 103 22.70 2.87 -29.79
C GLY B 103 23.28 3.52 -31.02
N SER B 104 24.25 4.42 -30.86
CA SER B 104 24.81 5.18 -31.97
C SER B 104 26.21 4.76 -32.37
N LEU B 105 26.97 4.12 -31.49
CA LEU B 105 28.36 3.83 -31.76
C LEU B 105 28.69 2.39 -31.40
N LEU B 106 29.86 1.94 -31.88
CA LEU B 106 30.38 0.62 -31.61
C LEU B 106 31.89 0.69 -31.62
N LEU B 107 32.52 -0.13 -30.77
CA LEU B 107 33.97 -0.28 -30.72
C LEU B 107 34.38 -1.67 -31.15
N THR B 108 35.42 -1.76 -31.99
CA THR B 108 35.95 -3.03 -32.45
C THR B 108 37.44 -3.12 -32.12
N SER B 109 37.94 -4.36 -32.06
CA SER B 109 39.36 -4.58 -31.80
C SER B 109 39.77 -5.92 -32.39
N ALA B 110 40.75 -5.89 -33.29
CA ALA B 110 41.27 -7.10 -33.92
C ALA B 110 42.66 -7.42 -33.36
N THR B 111 43.26 -8.47 -33.91
CA THR B 111 44.51 -9.00 -33.37
C THR B 111 45.73 -8.19 -33.80
N TRP B 112 46.01 -8.15 -35.11
CA TRP B 112 47.25 -7.55 -35.57
C TRP B 112 47.16 -6.70 -36.83
N SER B 113 45.97 -6.47 -37.37
CA SER B 113 45.86 -5.71 -38.62
C SER B 113 45.61 -4.25 -38.27
N GLN B 114 46.66 -3.43 -38.37
CA GLN B 114 46.53 -2.01 -38.07
C GLN B 114 45.61 -1.34 -39.09
N PRO B 115 44.69 -0.46 -38.65
CA PRO B 115 44.48 -0.06 -37.25
C PRO B 115 43.81 -1.14 -36.41
N LEU B 116 44.29 -1.30 -35.18
CA LEU B 116 43.85 -2.42 -34.34
C LEU B 116 42.42 -2.22 -33.84
N SER B 117 42.09 -1.01 -33.36
CA SER B 117 40.76 -0.69 -32.89
C SER B 117 40.20 0.48 -33.68
N ALA B 118 38.86 0.56 -33.74
CA ALA B 118 38.20 1.63 -34.48
C ALA B 118 36.82 1.90 -33.89
N LEU B 119 36.34 3.13 -34.10
CA LEU B 119 35.03 3.57 -33.66
C LEU B 119 34.11 3.68 -34.86
N TRP B 120 32.88 3.20 -34.70
CA TRP B 120 31.96 3.00 -35.82
C TRP B 120 30.63 3.68 -35.53
N GLY B 121 30.08 4.37 -36.54
CA GLY B 121 28.71 4.83 -36.45
C GLY B 121 27.74 3.72 -36.84
N MET B 122 26.67 3.59 -36.08
CA MET B 122 25.83 2.41 -36.15
C MET B 122 24.97 2.52 -37.39
N LYS B 123 24.12 1.50 -37.57
CA LYS B 123 23.51 1.15 -38.87
C LYS B 123 22.81 2.22 -39.77
N SER B 124 22.38 3.27 -39.08
CA SER B 124 21.66 4.35 -39.75
C SER B 124 22.69 4.82 -40.77
N VAL B 125 23.76 5.42 -40.30
CA VAL B 125 24.74 6.05 -41.17
C VAL B 125 25.99 5.18 -41.35
N PHE B 126 25.85 3.86 -41.18
CA PHE B 126 26.94 2.97 -40.79
C PHE B 126 28.22 3.27 -41.56
N ASP B 127 29.24 3.69 -40.82
CA ASP B 127 30.46 4.22 -41.39
C ASP B 127 31.52 4.27 -40.29
N MET B 128 32.77 4.41 -40.71
CA MET B 128 33.87 4.55 -39.78
C MET B 128 33.98 5.99 -39.30
N LYS B 129 33.99 6.18 -37.98
CA LYS B 129 34.06 7.51 -37.38
C LYS B 129 35.50 7.93 -37.09
N HIS B 130 36.27 7.09 -36.41
CA HIS B 130 37.64 7.42 -36.06
C HIS B 130 38.49 6.15 -36.05
N SER B 131 39.80 6.34 -36.00
CA SER B 131 40.75 5.24 -36.00
C SER B 131 41.53 5.24 -34.69
N PHE B 132 41.87 4.04 -34.22
CA PHE B 132 42.67 3.87 -33.01
C PHE B 132 43.77 2.87 -33.37
N THR B 133 44.87 3.38 -33.93
CA THR B 133 45.81 2.48 -34.57
C THR B 133 46.69 1.74 -33.57
N GLU B 134 47.13 2.42 -32.51
CA GLU B 134 48.16 1.89 -31.63
C GLU B 134 47.61 0.96 -30.56
N ASP B 135 46.29 0.90 -30.40
CA ASP B 135 45.65 0.34 -29.20
C ASP B 135 45.01 -1.01 -29.52
N HIS B 136 45.40 -2.05 -28.77
CA HIS B 136 44.73 -3.34 -28.89
C HIS B 136 43.31 -3.26 -28.35
N TYR B 137 43.18 -2.97 -27.06
CA TYR B 137 41.91 -2.97 -26.36
C TYR B 137 41.34 -1.56 -26.27
N VAL B 138 40.02 -1.48 -26.14
CA VAL B 138 39.33 -0.20 -26.14
C VAL B 138 38.08 -0.36 -25.27
N GLU B 139 37.64 0.75 -24.68
CA GLU B 139 36.54 0.74 -23.73
C GLU B 139 36.02 2.15 -23.52
N PHE B 140 34.71 2.32 -23.53
CA PHE B 140 34.11 3.63 -23.29
C PHE B 140 34.29 4.08 -21.85
N SER B 141 34.12 5.39 -21.63
CA SER B 141 33.96 5.89 -20.28
C SER B 141 32.64 5.39 -19.71
N LYS B 142 32.57 5.35 -18.37
CA LYS B 142 31.45 4.67 -17.72
C LYS B 142 30.22 5.55 -17.63
N HIS B 143 30.34 6.71 -16.99
CA HIS B 143 29.15 7.53 -16.77
C HIS B 143 28.70 8.24 -18.04
N SER B 144 29.52 9.14 -18.55
CA SER B 144 29.20 9.90 -19.74
C SER B 144 30.06 9.36 -20.87
N GLN B 145 29.46 8.61 -21.78
CA GLN B 145 30.24 7.99 -22.85
C GLN B 145 30.68 9.05 -23.85
N ASP B 146 31.52 9.97 -23.37
CA ASP B 146 32.10 11.03 -24.17
C ASP B 146 33.58 10.85 -24.43
N ARG B 147 34.23 9.97 -23.68
CA ARG B 147 35.64 9.67 -23.81
C ARG B 147 35.83 8.17 -23.97
N VAL B 148 37.00 7.81 -24.48
CA VAL B 148 37.32 6.43 -24.82
C VAL B 148 38.74 6.14 -24.33
N ILE B 149 38.93 4.96 -23.75
CA ILE B 149 40.22 4.56 -23.20
C ILE B 149 40.73 3.33 -23.95
N GLY B 150 42.03 3.33 -24.25
CA GLY B 150 42.64 2.24 -24.97
C GLY B 150 43.97 1.84 -24.34
N THR B 151 44.34 0.58 -24.57
CA THR B 151 45.50 -0.03 -23.93
C THR B 151 46.54 -0.39 -24.96
N LYS B 152 47.74 0.17 -24.80
CA LYS B 152 48.91 -0.17 -25.61
C LYS B 152 49.97 -0.73 -24.66
N GLY B 153 50.07 -2.05 -24.59
CA GLY B 153 51.04 -2.67 -23.71
C GLY B 153 50.81 -2.32 -22.25
N ASP B 154 51.66 -1.44 -21.71
CA ASP B 154 51.50 -0.94 -20.35
C ASP B 154 51.09 0.53 -20.33
N ILE B 155 50.61 1.05 -21.46
CA ILE B 155 50.34 2.48 -21.63
C ILE B 155 48.85 2.66 -21.91
N ALA B 156 48.25 3.67 -21.27
CA ALA B 156 46.84 3.98 -21.43
C ALA B 156 46.66 5.24 -22.27
N HIS B 157 45.68 5.21 -23.15
CA HIS B 157 45.37 6.33 -24.04
C HIS B 157 43.93 6.74 -23.85
N ILE B 158 43.70 8.02 -23.53
CA ILE B 158 42.36 8.58 -23.40
C ILE B 158 42.09 9.49 -24.58
N TYR B 159 40.94 9.27 -25.24
CA TYR B 159 40.61 9.93 -26.49
C TYR B 159 39.25 10.60 -26.37
N ASP B 160 39.05 11.65 -27.17
CA ASP B 160 37.72 12.25 -27.32
C ASP B 160 37.01 11.61 -28.50
N ILE B 161 35.68 11.55 -28.41
CA ILE B 161 34.92 10.84 -29.44
C ILE B 161 34.70 11.71 -30.66
N GLN B 162 34.20 12.93 -30.47
CA GLN B 162 33.84 13.75 -31.62
C GLN B 162 35.06 14.18 -32.43
N THR B 163 36.11 14.64 -31.74
CA THR B 163 37.32 15.07 -32.45
C THR B 163 38.17 13.88 -32.88
N GLY B 164 38.16 12.79 -32.11
CA GLY B 164 39.03 11.67 -32.36
C GLY B 164 40.47 11.87 -31.91
N ASN B 165 40.84 13.09 -31.53
CA ASN B 165 42.20 13.37 -31.08
C ASN B 165 42.41 12.90 -29.65
N LYS B 166 43.69 12.80 -29.27
CA LYS B 166 44.10 12.29 -27.98
C LYS B 166 44.13 13.39 -26.93
N LEU B 167 43.70 13.05 -25.72
CA LEU B 167 43.63 14.00 -24.62
C LEU B 167 44.83 13.93 -23.68
N LEU B 168 45.21 12.73 -23.27
CA LEU B 168 46.40 12.57 -22.44
C LEU B 168 46.79 11.09 -22.41
N THR B 169 48.08 10.84 -22.20
CA THR B 169 48.62 9.50 -22.02
C THR B 169 49.00 9.29 -20.56
N LEU B 170 48.90 8.04 -20.10
CA LEU B 170 49.15 7.70 -18.71
C LEU B 170 50.10 6.52 -18.64
N PHE B 171 51.32 6.78 -18.18
CA PHE B 171 52.34 5.74 -18.01
C PHE B 171 53.39 6.26 -17.04
N ASN B 172 53.97 5.33 -16.27
CA ASN B 172 55.06 5.66 -15.37
C ASN B 172 55.88 4.39 -15.11
N PRO B 173 57.05 4.24 -15.76
CA PRO B 173 57.77 2.97 -15.66
C PRO B 173 58.28 2.65 -14.26
N ASP B 174 58.45 3.67 -13.40
CA ASP B 174 58.88 3.41 -12.05
C ASP B 174 57.85 2.61 -11.27
N LEU B 175 56.61 2.59 -11.74
CA LEU B 175 55.51 2.00 -10.99
C LEU B 175 54.86 0.82 -11.69
N ALA B 176 55.38 0.40 -12.83
CA ALA B 176 54.73 -0.62 -13.65
C ALA B 176 54.81 -2.00 -13.00
N ASN B 177 53.76 -2.79 -13.22
CA ASN B 177 53.76 -4.21 -12.89
C ASN B 177 54.01 -5.09 -14.10
N ASN B 178 53.77 -4.56 -15.30
CA ASN B 178 53.93 -5.31 -16.55
C ASN B 178 53.06 -6.56 -16.56
N TYR B 179 51.76 -6.34 -16.38
CA TYR B 179 50.80 -7.44 -16.52
C TYR B 179 50.67 -7.85 -17.98
N LYS B 180 50.29 -9.11 -18.19
CA LYS B 180 50.10 -9.63 -19.54
C LYS B 180 48.80 -9.13 -20.14
N ARG B 181 47.68 -9.41 -19.48
CA ARG B 181 46.36 -8.99 -19.97
C ARG B 181 45.93 -7.67 -19.32
N ASN B 182 46.68 -6.62 -19.62
CA ASN B 182 46.39 -5.31 -19.06
C ASN B 182 45.28 -4.64 -19.86
N CYS B 183 44.30 -4.08 -19.16
CA CYS B 183 43.19 -3.34 -19.78
C CYS B 183 42.86 -2.15 -18.89
N ALA B 184 43.15 -0.93 -19.36
CA ALA B 184 42.86 0.26 -18.57
C ALA B 184 41.39 0.65 -18.71
N THR B 185 40.79 1.09 -17.60
CA THR B 185 39.37 1.39 -17.58
C THR B 185 39.04 2.48 -16.56
N PHE B 186 37.93 3.19 -16.82
CA PHE B 186 37.44 4.26 -15.96
C PHE B 186 36.62 3.72 -14.79
N ASN B 187 36.57 4.51 -13.72
CA ASN B 187 35.62 4.27 -12.64
C ASN B 187 34.22 4.75 -13.04
N PRO B 188 33.18 4.39 -12.29
CA PRO B 188 31.83 4.90 -12.61
C PRO B 188 31.71 6.41 -12.56
N THR B 189 32.70 7.12 -12.03
CA THR B 189 32.64 8.57 -11.92
C THR B 189 33.39 9.28 -13.04
N ASP B 190 34.17 8.54 -13.83
CA ASP B 190 34.99 9.06 -14.92
C ASP B 190 36.14 9.93 -14.44
N ASP B 191 36.48 9.86 -13.16
CA ASP B 191 37.56 10.67 -12.61
C ASP B 191 38.75 9.85 -12.13
N LEU B 192 38.75 8.54 -12.35
CA LEU B 192 39.91 7.71 -12.05
C LEU B 192 40.14 6.73 -13.20
N VAL B 193 41.38 6.27 -13.32
CA VAL B 193 41.78 5.27 -14.30
C VAL B 193 42.69 4.26 -13.60
N LEU B 194 42.50 2.99 -13.91
CA LEU B 194 43.36 1.92 -13.40
C LEU B 194 44.10 1.29 -14.57
N ASN B 195 45.43 1.40 -14.56
CA ASN B 195 46.28 0.77 -15.56
C ASN B 195 47.41 0.05 -14.87
N ASP B 196 47.60 -1.22 -15.21
CA ASP B 196 48.75 -2.01 -14.78
C ASP B 196 48.81 -2.15 -13.26
N GLY B 197 47.71 -1.85 -12.57
CA GLY B 197 47.71 -1.82 -11.12
C GLY B 197 48.01 -0.48 -10.51
N VAL B 198 47.73 0.62 -11.21
CA VAL B 198 48.10 1.96 -10.78
C VAL B 198 46.89 2.87 -10.90
N LEU B 199 46.53 3.55 -9.81
CA LEU B 199 45.44 4.52 -9.86
C LEU B 199 45.93 5.87 -10.35
N TRP B 200 45.18 6.46 -11.27
CA TRP B 200 45.50 7.74 -11.88
C TRP B 200 44.36 8.73 -11.66
N ASP B 201 44.69 9.92 -11.16
CA ASP B 201 43.73 11.02 -11.12
C ASP B 201 43.64 11.63 -12.50
N VAL B 202 42.48 11.47 -13.16
CA VAL B 202 42.33 11.88 -14.55
C VAL B 202 42.64 13.36 -14.71
N ARG B 203 42.07 14.20 -13.83
CA ARG B 203 42.28 15.64 -13.94
C ARG B 203 43.74 16.01 -13.69
N SER B 204 44.26 15.64 -12.52
CA SER B 204 45.62 15.98 -12.15
C SER B 204 46.68 15.20 -12.91
N ALA B 205 46.30 14.15 -13.64
CA ALA B 205 47.18 13.39 -14.52
C ALA B 205 48.38 12.80 -13.81
N GLN B 206 48.27 12.55 -12.50
CA GLN B 206 49.37 12.01 -11.71
C GLN B 206 48.96 10.66 -11.12
N ALA B 207 49.94 9.98 -10.54
CA ALA B 207 49.73 8.67 -9.94
C ALA B 207 49.33 8.82 -8.48
N ILE B 208 48.44 7.94 -8.02
CA ILE B 208 47.90 7.99 -6.66
C ILE B 208 48.46 6.86 -5.81
N HIS B 209 48.52 5.65 -6.36
CA HIS B 209 48.97 4.49 -5.59
C HIS B 209 49.34 3.40 -6.57
N LYS B 210 50.19 2.49 -6.11
CA LYS B 210 50.69 1.38 -6.92
C LYS B 210 50.46 0.09 -6.13
N PHE B 211 49.47 -0.70 -6.55
CA PHE B 211 49.12 -1.91 -5.83
C PHE B 211 50.17 -2.99 -6.05
N ASP B 212 50.42 -3.80 -5.01
CA ASP B 212 51.34 -4.92 -5.13
C ASP B 212 50.84 -5.96 -6.14
N LYS B 213 51.79 -6.59 -6.81
CA LYS B 213 51.52 -7.51 -7.92
C LYS B 213 51.46 -8.94 -7.36
N PHE B 214 50.25 -9.50 -7.33
CA PHE B 214 50.02 -10.86 -6.83
C PHE B 214 49.71 -11.83 -7.96
N ASN B 215 49.71 -11.36 -9.20
CA ASN B 215 49.32 -12.17 -10.35
C ASN B 215 50.26 -11.85 -11.50
N MET B 216 50.24 -12.72 -12.50
CA MET B 216 51.07 -12.56 -13.68
C MET B 216 50.35 -11.84 -14.80
N ASN B 217 49.01 -12.02 -14.91
CA ASN B 217 48.31 -11.71 -16.15
C ASN B 217 46.89 -11.15 -15.96
N ILE B 218 46.62 -10.40 -14.89
CA ILE B 218 45.33 -9.72 -14.68
C ILE B 218 45.55 -8.31 -14.14
N SER B 219 44.89 -7.32 -14.75
CA SER B 219 45.06 -5.91 -14.38
C SER B 219 44.09 -5.48 -13.29
N GLY B 220 42.80 -5.59 -13.53
CA GLY B 220 41.79 -5.28 -12.53
C GLY B 220 40.60 -4.55 -13.09
N VAL B 221 39.53 -4.50 -12.28
CA VAL B 221 38.25 -3.90 -12.64
C VAL B 221 37.70 -3.15 -11.44
N PHE B 222 37.01 -2.04 -11.69
CA PHE B 222 36.31 -1.32 -10.63
C PHE B 222 34.95 -1.95 -10.29
N HIS B 223 34.52 -1.74 -9.04
CA HIS B 223 33.20 -2.09 -8.53
C HIS B 223 32.26 -0.90 -8.67
N PRO B 224 30.99 -1.13 -9.03
CA PRO B 224 30.11 0.01 -9.34
C PRO B 224 29.85 0.91 -8.17
N ASN B 225 29.98 0.40 -6.94
CA ASN B 225 29.74 1.28 -5.80
C ASN B 225 30.76 2.41 -5.72
N GLY B 226 31.82 2.37 -6.53
CA GLY B 226 32.86 3.37 -6.46
C GLY B 226 33.70 3.29 -5.21
N LEU B 227 33.65 2.17 -4.50
CA LEU B 227 34.33 2.02 -3.21
C LEU B 227 35.48 1.03 -3.23
N GLU B 228 35.61 0.22 -4.27
CA GLU B 228 36.47 -0.96 -4.24
C GLU B 228 37.15 -1.15 -5.59
N VAL B 229 38.25 -1.92 -5.58
CA VAL B 229 38.98 -2.26 -6.80
C VAL B 229 39.16 -3.77 -6.83
N ILE B 230 38.84 -4.39 -7.97
CA ILE B 230 38.96 -5.84 -8.05
C ILE B 230 40.20 -6.23 -8.86
N ILE B 231 41.31 -6.44 -8.16
CA ILE B 231 42.50 -7.06 -8.70
C ILE B 231 42.22 -8.56 -8.64
N ASN B 232 43.08 -9.39 -9.21
CA ASN B 232 42.80 -10.80 -9.46
C ASN B 232 41.95 -11.43 -8.35
N THR B 233 42.49 -11.47 -7.13
CA THR B 233 41.79 -12.11 -6.02
C THR B 233 41.74 -11.20 -4.80
N GLU B 234 42.07 -9.93 -4.94
CA GLU B 234 42.18 -9.01 -3.82
C GLU B 234 41.21 -7.87 -4.06
N ILE B 235 40.41 -7.55 -3.05
CA ILE B 235 39.54 -6.38 -3.07
C ILE B 235 40.23 -5.30 -2.26
N TRP B 236 40.59 -4.21 -2.94
CA TRP B 236 41.29 -3.10 -2.30
C TRP B 236 40.31 -1.95 -2.11
N ASP B 237 40.39 -1.30 -0.94
CA ASP B 237 39.59 -0.11 -0.72
C ASP B 237 40.16 1.04 -1.54
N LEU B 238 39.28 1.86 -2.10
CA LEU B 238 39.73 2.87 -3.04
C LEU B 238 40.35 4.09 -2.36
N ARG B 239 40.15 4.27 -1.06
CA ARG B 239 40.79 5.37 -0.33
C ARG B 239 41.66 4.90 0.83
N THR B 240 41.22 3.89 1.58
CA THR B 240 42.06 3.35 2.64
C THR B 240 43.24 2.58 2.08
N PHE B 241 43.03 1.89 0.96
CA PHE B 241 43.96 1.03 0.24
C PHE B 241 44.21 -0.28 0.97
N HIS B 242 43.56 -0.51 2.11
CA HIS B 242 43.71 -1.77 2.83
C HIS B 242 43.09 -2.91 2.04
N LEU B 243 43.62 -4.10 2.29
CA LEU B 243 43.02 -5.32 1.75
C LEU B 243 41.74 -5.61 2.50
N LEU B 244 40.59 -5.54 1.81
CA LEU B 244 39.31 -5.71 2.46
C LEU B 244 38.82 -7.15 2.45
N HIS B 245 39.04 -7.86 1.35
CA HIS B 245 38.59 -9.24 1.23
C HIS B 245 39.51 -9.98 0.26
N THR B 246 39.55 -11.29 0.42
CA THR B 246 40.26 -12.19 -0.49
C THR B 246 39.27 -13.19 -1.07
N VAL B 247 39.03 -13.10 -2.37
CA VAL B 247 38.14 -14.04 -3.03
C VAL B 247 38.97 -15.03 -3.85
N PRO B 248 39.16 -16.26 -3.36
CA PRO B 248 40.06 -17.18 -4.08
C PRO B 248 39.55 -17.59 -5.45
N ALA B 249 38.24 -17.78 -5.60
CA ALA B 249 37.69 -18.39 -6.82
C ALA B 249 37.82 -17.49 -8.05
N LEU B 250 38.09 -16.20 -7.86
CA LEU B 250 38.26 -15.29 -8.97
C LEU B 250 39.61 -15.41 -9.67
N ASP B 251 40.47 -16.34 -9.27
CA ASP B 251 41.82 -16.42 -9.82
C ASP B 251 41.75 -16.59 -11.33
N GLN B 252 42.41 -15.69 -12.05
CA GLN B 252 42.52 -15.74 -13.50
C GLN B 252 41.16 -15.59 -14.17
N CYS B 253 40.26 -14.83 -13.56
CA CYS B 253 38.89 -14.71 -14.05
C CYS B 253 38.64 -13.29 -14.55
N ARG B 254 37.98 -13.19 -15.71
CA ARG B 254 37.49 -11.92 -16.23
C ARG B 254 36.07 -11.72 -15.71
N VAL B 255 35.86 -10.62 -14.98
CA VAL B 255 34.69 -10.45 -14.12
C VAL B 255 33.76 -9.42 -14.73
N VAL B 256 32.48 -9.79 -14.87
CA VAL B 256 31.43 -8.94 -15.41
C VAL B 256 30.26 -8.92 -14.44
N PHE B 257 29.67 -7.75 -14.25
CA PHE B 257 28.53 -7.64 -13.37
C PHE B 257 27.25 -7.53 -14.18
N ASN B 258 26.13 -7.87 -13.53
CA ASN B 258 24.85 -7.62 -14.17
C ASN B 258 24.51 -6.13 -14.10
N HIS B 259 23.45 -5.73 -14.82
CA HIS B 259 23.13 -4.32 -14.96
C HIS B 259 22.70 -3.70 -13.63
N THR B 260 22.04 -4.47 -12.77
CA THR B 260 21.54 -3.98 -11.50
C THR B 260 22.61 -3.87 -10.45
N GLY B 261 23.71 -4.60 -10.59
CA GLY B 261 24.81 -4.52 -9.65
C GLY B 261 24.73 -5.48 -8.49
N THR B 262 24.11 -6.65 -8.67
CA THR B 262 23.95 -7.58 -7.56
C THR B 262 24.71 -8.88 -7.74
N VAL B 263 25.23 -9.17 -8.93
CA VAL B 263 25.77 -10.48 -9.25
C VAL B 263 26.98 -10.34 -10.16
N MET B 264 27.97 -11.23 -9.95
CA MET B 264 29.21 -11.27 -10.73
C MET B 264 29.30 -12.55 -11.55
N TYR B 265 29.80 -12.43 -12.77
CA TYR B 265 30.13 -13.58 -13.61
C TYR B 265 31.65 -13.68 -13.75
N GLY B 266 32.21 -14.80 -13.30
CA GLY B 266 33.64 -15.05 -13.38
C GLY B 266 33.93 -16.11 -14.43
N ALA B 267 35.03 -15.94 -15.16
CA ALA B 267 35.37 -16.80 -16.27
C ALA B 267 36.81 -17.27 -16.15
N MET B 268 37.00 -18.55 -15.86
CA MET B 268 38.32 -19.14 -15.68
C MET B 268 39.13 -19.06 -16.97
N LEU B 269 40.36 -18.59 -16.87
CA LEU B 269 41.26 -18.48 -18.01
C LEU B 269 42.17 -19.70 -18.09
N GLN B 270 42.75 -19.91 -19.27
CA GLN B 270 43.63 -21.05 -19.54
C GLN B 270 42.88 -22.36 -19.42
N PRO B 285 41.33 -19.68 -24.65
CA PRO B 285 41.21 -18.38 -23.97
C PRO B 285 40.49 -18.47 -22.64
N PHE B 286 39.63 -19.47 -22.48
CA PHE B 286 38.98 -19.75 -21.22
C PHE B 286 38.80 -21.25 -21.06
N GLY B 287 38.47 -21.65 -19.83
CA GLY B 287 38.33 -23.06 -19.49
C GLY B 287 37.00 -23.64 -19.92
N SER B 288 36.52 -24.60 -19.14
CA SER B 288 35.27 -25.29 -19.43
C SER B 288 34.12 -24.84 -18.55
N SER B 289 34.34 -23.90 -17.63
CA SER B 289 33.30 -23.55 -16.66
C SER B 289 33.35 -22.06 -16.36
N PHE B 290 32.18 -21.49 -16.11
CA PHE B 290 32.08 -20.16 -15.50
C PHE B 290 31.31 -20.29 -14.20
N ARG B 291 31.30 -19.21 -13.41
CA ARG B 291 30.62 -19.28 -12.13
C ARG B 291 30.05 -17.91 -11.77
N THR B 292 29.09 -17.92 -10.86
CA THR B 292 28.34 -16.72 -10.49
C THR B 292 28.49 -16.45 -9.01
N PHE B 293 28.61 -15.18 -8.65
CA PHE B 293 28.84 -14.75 -7.28
C PHE B 293 27.83 -13.68 -6.89
N ASN B 294 27.67 -13.50 -5.59
CA ASN B 294 26.78 -12.50 -5.01
C ASN B 294 27.59 -11.25 -4.71
N ALA B 295 27.37 -10.19 -5.48
CA ALA B 295 28.29 -9.06 -5.52
C ALA B 295 28.37 -8.31 -4.20
N THR B 296 27.36 -8.43 -3.33
CA THR B 296 27.39 -7.69 -2.07
C THR B 296 28.45 -8.25 -1.13
N ASP B 297 28.34 -9.53 -0.80
CA ASP B 297 29.25 -10.16 0.14
C ASP B 297 30.27 -11.05 -0.55
N TYR B 298 30.33 -11.02 -1.89
CA TYR B 298 31.28 -11.83 -2.65
C TYR B 298 31.12 -13.32 -2.37
N LYS B 299 29.94 -13.72 -2.01
CA LYS B 299 29.71 -15.12 -1.65
C LYS B 299 29.44 -15.95 -2.89
N PRO B 300 30.08 -17.11 -3.04
CA PRO B 300 29.79 -17.97 -4.20
C PRO B 300 28.32 -18.39 -4.25
N ILE B 301 27.76 -18.38 -5.47
CA ILE B 301 26.42 -18.89 -5.73
C ILE B 301 26.51 -20.28 -6.34
N ALA B 302 27.13 -20.40 -7.51
CA ALA B 302 27.25 -21.71 -8.15
C ALA B 302 28.44 -21.71 -9.10
N THR B 303 28.71 -22.89 -9.67
CA THR B 303 29.78 -23.06 -10.65
C THR B 303 29.26 -23.94 -11.78
N ILE B 304 28.88 -23.30 -12.89
CA ILE B 304 28.27 -23.99 -14.02
C ILE B 304 29.34 -24.55 -14.93
N ASP B 305 29.19 -25.80 -15.35
CA ASP B 305 30.11 -26.46 -16.27
C ASP B 305 29.37 -26.79 -17.57
N VAL B 306 29.70 -26.06 -18.63
CA VAL B 306 29.09 -26.35 -19.93
C VAL B 306 29.80 -27.49 -20.63
N LYS B 307 31.03 -27.82 -20.19
CA LYS B 307 31.81 -28.93 -20.74
C LYS B 307 32.31 -28.63 -22.15
N ARG B 308 32.59 -27.36 -22.43
CA ARG B 308 33.20 -26.96 -23.70
C ARG B 308 34.14 -25.80 -23.42
N ASN B 309 35.01 -25.53 -24.39
CA ASN B 309 35.92 -24.40 -24.28
C ASN B 309 35.16 -23.11 -24.56
N ILE B 310 35.40 -22.10 -23.71
CA ILE B 310 34.66 -20.84 -23.76
C ILE B 310 35.59 -19.75 -24.28
N PHE B 311 35.03 -18.82 -25.05
CA PHE B 311 35.82 -17.78 -25.72
C PHE B 311 35.38 -16.37 -25.35
N ASP B 312 34.08 -16.14 -25.18
CA ASP B 312 33.57 -14.85 -24.74
C ASP B 312 32.21 -15.10 -24.08
N LEU B 313 31.73 -14.10 -23.35
CA LEU B 313 30.37 -14.13 -22.83
C LEU B 313 29.92 -12.71 -22.56
N CYS B 314 28.60 -12.54 -22.48
CA CYS B 314 28.01 -11.25 -22.13
C CYS B 314 26.58 -11.47 -21.69
N THR B 315 26.05 -10.52 -20.92
CA THR B 315 24.69 -10.58 -20.41
C THR B 315 23.86 -9.43 -20.98
N ASP B 316 22.58 -9.68 -21.13
CA ASP B 316 21.66 -8.59 -21.40
C ASP B 316 21.44 -7.76 -20.14
N THR B 317 20.92 -6.56 -20.32
CA THR B 317 20.56 -5.72 -19.19
C THR B 317 19.27 -6.15 -18.52
N LYS B 318 18.54 -7.07 -19.10
CA LYS B 318 17.28 -7.52 -18.53
C LYS B 318 17.42 -8.81 -17.71
N ASP B 319 18.63 -9.36 -17.58
CA ASP B 319 18.85 -10.63 -16.87
C ASP B 319 17.96 -11.74 -17.39
N CYS B 320 17.76 -11.75 -18.71
CA CYS B 320 17.00 -12.78 -19.41
C CYS B 320 17.87 -13.77 -20.16
N TYR B 321 18.74 -13.25 -21.01
CA TYR B 321 19.56 -14.06 -21.89
C TYR B 321 21.03 -13.99 -21.49
N LEU B 322 21.73 -15.09 -21.73
CA LEU B 322 23.18 -15.17 -21.57
C LEU B 322 23.78 -15.75 -22.84
N ALA B 323 24.69 -15.00 -23.48
CA ALA B 323 25.32 -15.44 -24.72
C ALA B 323 26.72 -15.97 -24.44
N VAL B 324 27.00 -17.16 -24.96
CA VAL B 324 28.29 -17.82 -24.74
C VAL B 324 28.80 -18.35 -26.08
N ILE B 325 30.07 -18.08 -26.37
CA ILE B 325 30.75 -18.63 -27.54
C ILE B 325 31.58 -19.83 -27.12
N GLU B 326 31.47 -20.92 -27.87
CA GLU B 326 32.06 -22.19 -27.50
C GLU B 326 32.01 -23.14 -28.70
N ASN B 327 32.95 -24.08 -28.73
CA ASN B 327 33.06 -24.99 -29.86
C ASN B 327 32.89 -26.44 -29.43
N GLN B 328 32.70 -27.31 -30.42
CA GLN B 328 32.63 -28.75 -30.19
C GLN B 328 34.02 -29.37 -30.06
N ASP B 337 35.33 -25.65 -34.98
CA ASP B 337 33.97 -25.26 -35.33
C ASP B 337 33.34 -24.52 -34.16
N THR B 338 33.33 -23.18 -34.25
CA THR B 338 32.93 -22.32 -33.15
C THR B 338 31.52 -21.80 -33.35
N VAL B 339 30.73 -21.82 -32.28
CA VAL B 339 29.33 -21.44 -32.33
C VAL B 339 28.99 -20.67 -31.05
N CYS B 340 27.92 -19.89 -31.11
CA CYS B 340 27.41 -19.13 -29.97
C CYS B 340 26.07 -19.74 -29.52
N ARG B 341 26.07 -20.31 -28.32
CA ARG B 341 24.86 -20.87 -27.73
C ARG B 341 24.25 -19.91 -26.72
N LEU B 342 22.93 -19.75 -26.79
CA LEU B 342 22.20 -18.75 -26.03
C LEU B 342 21.50 -19.43 -24.86
N TYR B 343 21.66 -18.86 -23.67
CA TYR B 343 21.10 -19.41 -22.44
C TYR B 343 19.98 -18.54 -21.90
N GLU B 344 19.01 -19.18 -21.25
CA GLU B 344 17.94 -18.50 -20.55
C GLU B 344 18.15 -18.62 -19.05
N VAL B 345 18.02 -17.50 -18.35
CA VAL B 345 18.39 -17.44 -16.95
C VAL B 345 17.20 -17.90 -16.10
N GLY B 346 17.50 -18.61 -15.01
CA GLY B 346 16.51 -19.03 -14.07
C GLY B 346 15.83 -20.35 -14.37
N ARG B 347 16.11 -20.95 -15.52
CA ARG B 347 15.55 -22.25 -15.85
C ARG B 347 16.59 -23.35 -15.67
N GLN B 348 16.09 -24.56 -15.43
CA GLN B 348 16.95 -25.69 -15.13
C GLN B 348 17.32 -26.48 -16.38
N ARG B 349 18.45 -27.16 -16.30
CA ARG B 349 18.81 -28.17 -17.26
C ARG B 349 17.93 -29.41 -17.08
N LEU B 350 17.80 -30.18 -18.17
CA LEU B 350 16.93 -31.35 -18.11
C LEU B 350 17.44 -32.37 -17.09
N ALA B 351 18.76 -32.55 -17.00
CA ALA B 351 19.31 -33.59 -16.13
C ALA B 351 18.82 -33.42 -14.69
N GLU B 352 19.01 -32.22 -14.13
CA GLU B 352 18.52 -31.97 -12.76
C GLU B 352 17.01 -32.01 -12.71
N GLU B 353 16.35 -31.65 -13.80
CA GLU B 353 14.89 -31.66 -13.90
C GLU B 353 14.31 -33.07 -13.99
N LEU B 354 15.13 -34.09 -14.19
CA LEU B 354 14.66 -35.47 -14.30
C LEU B 354 14.86 -36.27 -13.03
N ALA B 355 15.54 -35.71 -12.02
CA ALA B 355 15.59 -36.28 -10.68
C ALA B 355 16.12 -37.70 -10.69
N LEU B 356 17.40 -37.81 -11.05
CA LEU B 356 18.03 -39.10 -11.13
C LEU B 356 18.90 -39.38 -9.90
#